data_5UIE
#
_entry.id   5UIE
#
_cell.length_a   1
_cell.length_b   1
_cell.length_c   1
_cell.angle_alpha   90.00
_cell.angle_beta   90.00
_cell.angle_gamma   90.00
#
_symmetry.space_group_name_H-M   'P 1'
#
loop_
_entity.id
_entity.type
_entity.pdbx_description
1 polymer 'Vacuolar protein sorting-associated protein 4'
2 polymer 'DOA4-independent degradation protein 4'
3 polymer 'Vacuolar protein sorting-associated protein VTA1'
4 non-polymer "ADENOSINE-5'-DIPHOSPHATE"
5 non-polymer 'BERYLLIUM TRIFLUORIDE ION'
6 non-polymer 'MAGNESIUM ION'
#
loop_
_entity_poly.entity_id
_entity_poly.type
_entity_poly.pdbx_seq_one_letter_code
_entity_poly.pdbx_strand_id
1 'polypeptide(L)'
;MSTGDFLTKGIELVQKAIDLDTATQYEEAYTAYYNGLDYLMLALKYEKNPKSKDLIRAKFTEYLNRAEQLKKHLESEEAN
AAKKSPSAGSGSNGGNKKISQEEGEDNGGEDNKKLRGALSSAILSEKPNVKWEDVAGLEGAKEALKEAVILPVKFPHLFK
GNRKPTSGILLYGPPGTGKSYLAKAVATEANSTFFSVSSSDLVSKWMGESEKLVKQLFAMARENKPSIIFIDEVDALTGT
RGEGESEASRRIKTELLVQMNGVGNDSQGVLVLGATNIPWQLDSAIRRRFERRIYIPLPDLAARTTMFEINVGDTPCVLT
KEDYRTLGAMTEGYSGSDIAVVVKDALMQPIRKIQSATHFKDVSTEDDETRKLTPCSPGDDGAIEMSWTDIEADELKEPD
LTIKDFLKAIKSTRPTVNEDDLLKQEQFTRDFGQEGN
;
A,B,C,D,E,F
2 'polypeptide(L)' (ACE)(UNK)(UNK)(UNK)(UNK)(UNK)(UNK)(UNK)(UNK) G
3 'polypeptide(L)'
;MASNAARVVATAKDFDKVGLGIIGYYLQLYAVELILSEEDRSQEMTALATELLDTIEAFKKEIGGESEAEDSDKSLHVMN
TLIHDQEKAKIYMLNFTMSLYNEKLKQLKDGPWDVMLKRSLWCCIDLFSCILHLWKENISETSTNSLQKRIKYCKIYLSK
LAKGEIGSSDEKTLDYADFADDSEEIKDEDVDHQTSDLENNNNDKVEGLAPKDQTTSYEPVDEVPEFIDDADSVNEEEQT
VDKNEDAITKDEQQVVKKEVDLTRPSAPSEPAAAEHKSYTKDELTKIMDRASKIEQIQKLAKYAISALNYEDLPTAKDEL
TKALDLLNSI
;
H,I,J,K,L,M,N,O,P,Q,R,S
#
loop_
_chem_comp.id
_chem_comp.type
_chem_comp.name
_chem_comp.formula
ACE non-polymer 'ACETYL GROUP' 'C2 H4 O'
ADP non-polymer ADENOSINE-5'-DIPHOSPHATE 'C10 H15 N5 O10 P2'
BEF non-polymer 'BERYLLIUM TRIFLUORIDE ION' 'Be F3 -1'
MG non-polymer 'MAGNESIUM ION' 'Mg 2'
#
# COMPACT_ATOMS: atom_id res chain seq x y z
N ALA A 118 15.08 -41.25 11.76
CA ALA A 118 16.32 -40.90 12.43
C ALA A 118 16.75 -39.48 12.06
N LEU A 119 15.82 -38.54 12.22
CA LEU A 119 16.05 -37.13 11.96
C LEU A 119 15.65 -36.30 13.16
N SER A 120 16.15 -36.69 14.33
CA SER A 120 15.72 -36.13 15.60
C SER A 120 16.19 -34.69 15.77
N SER A 121 15.76 -34.08 16.87
CA SER A 121 15.86 -32.65 17.09
C SER A 121 16.73 -32.36 18.30
N ALA A 122 16.79 -31.08 18.64
CA ALA A 122 17.42 -30.60 19.88
C ALA A 122 16.32 -30.21 20.86
N ILE A 123 16.41 -30.74 22.07
CA ILE A 123 15.33 -30.64 23.05
C ILE A 123 15.85 -29.97 24.31
N LEU A 124 15.00 -29.84 25.31
CA LEU A 124 15.43 -29.53 26.66
C LEU A 124 15.71 -30.80 27.42
N SER A 125 16.79 -30.79 28.20
CA SER A 125 17.07 -31.82 29.19
C SER A 125 17.18 -31.23 30.58
N GLU A 126 17.94 -30.16 30.75
CA GLU A 126 18.18 -29.57 32.06
C GLU A 126 17.07 -28.57 32.37
N LYS A 127 16.56 -28.63 33.61
CA LYS A 127 15.48 -27.70 33.92
C LYS A 127 16.02 -26.48 34.64
N PRO A 128 15.61 -25.27 34.26
CA PRO A 128 16.10 -24.05 34.93
C PRO A 128 15.39 -23.82 36.26
N ASN A 129 16.15 -23.91 37.35
CA ASN A 129 15.59 -23.94 38.70
C ASN A 129 15.00 -22.59 39.07
N VAL A 130 13.68 -22.48 39.04
CA VAL A 130 12.94 -21.41 39.69
C VAL A 130 11.82 -22.04 40.50
N LYS A 131 11.52 -21.47 41.65
CA LYS A 131 10.55 -22.10 42.53
C LYS A 131 9.13 -21.72 42.13
N TRP A 132 8.18 -22.54 42.57
CA TRP A 132 6.78 -22.29 42.25
C TRP A 132 6.25 -21.06 42.96
N GLU A 133 6.79 -20.75 44.14
CA GLU A 133 6.31 -19.59 44.88
C GLU A 133 6.86 -18.28 44.33
N ASP A 134 7.80 -18.33 43.39
CA ASP A 134 8.45 -17.13 42.90
C ASP A 134 7.53 -16.27 42.04
N VAL A 135 6.48 -16.83 41.50
CA VAL A 135 5.55 -16.07 40.70
C VAL A 135 4.47 -15.48 41.59
N ALA A 136 3.75 -14.49 41.05
CA ALA A 136 2.71 -13.80 41.79
C ALA A 136 1.47 -13.68 40.90
N GLY A 137 0.31 -13.61 41.56
CA GLY A 137 -0.94 -13.63 40.81
C GLY A 137 -1.20 -15.02 40.26
N LEU A 138 -1.68 -15.07 39.00
CA LEU A 138 -1.69 -16.26 38.15
C LEU A 138 -2.58 -17.38 38.67
N GLU A 139 -3.52 -17.07 39.58
CA GLU A 139 -4.24 -18.09 40.34
C GLU A 139 -5.09 -18.98 39.45
N GLY A 140 -5.63 -18.41 38.37
CA GLY A 140 -6.33 -19.22 37.39
C GLY A 140 -5.39 -20.10 36.60
N ALA A 141 -4.24 -19.56 36.21
CA ALA A 141 -3.25 -20.35 35.50
C ALA A 141 -2.61 -21.37 36.42
N LYS A 142 -2.37 -20.99 37.68
CA LYS A 142 -1.88 -21.94 38.67
C LYS A 142 -2.87 -23.07 38.90
N GLU A 143 -4.16 -22.74 38.95
CA GLU A 143 -5.19 -23.75 39.13
C GLU A 143 -5.26 -24.68 37.93
N ALA A 144 -5.24 -24.11 36.72
CA ALA A 144 -5.38 -24.91 35.52
C ALA A 144 -4.16 -25.79 35.28
N LEU A 145 -2.98 -25.34 35.67
CA LEU A 145 -1.80 -26.16 35.47
C LEU A 145 -1.57 -27.16 36.58
N LYS A 146 -2.01 -26.86 37.81
CA LYS A 146 -1.99 -27.90 38.84
C LYS A 146 -2.99 -29.01 38.50
N GLU A 147 -4.19 -28.64 38.05
CA GLU A 147 -5.14 -29.67 37.67
C GLU A 147 -4.80 -30.30 36.33
N ALA A 148 -3.92 -29.69 35.54
CA ALA A 148 -3.52 -30.24 34.27
C ALA A 148 -2.21 -31.02 34.34
N VAL A 149 -1.47 -30.90 35.44
CA VAL A 149 -0.16 -31.55 35.54
C VAL A 149 -0.10 -32.44 36.78
N ILE A 150 -0.37 -31.84 37.95
CA ILE A 150 -0.24 -32.59 39.19
C ILE A 150 -1.38 -33.59 39.33
N LEU A 151 -2.60 -33.14 39.05
CA LEU A 151 -3.77 -34.00 39.16
C LEU A 151 -3.79 -35.24 38.24
N PRO A 152 -3.30 -35.21 36.99
CA PRO A 152 -3.22 -36.49 36.27
C PRO A 152 -2.21 -37.46 36.84
N VAL A 153 -1.04 -36.98 37.27
CA VAL A 153 0.01 -37.88 37.73
C VAL A 153 -0.31 -38.41 39.11
N LYS A 154 -0.70 -37.52 40.04
CA LYS A 154 -0.98 -37.93 41.40
C LYS A 154 -2.28 -38.72 41.49
N PHE A 155 -3.28 -38.35 40.69
CA PHE A 155 -4.58 -39.01 40.71
C PHE A 155 -4.95 -39.45 39.31
N PRO A 156 -4.39 -40.57 38.82
CA PRO A 156 -4.79 -41.07 37.50
C PRO A 156 -6.16 -41.74 37.50
N HIS A 157 -6.64 -42.19 38.66
CA HIS A 157 -7.90 -42.92 38.71
C HIS A 157 -9.11 -42.02 38.53
N LEU A 158 -8.97 -40.72 38.79
CA LEU A 158 -10.10 -39.82 38.59
C LEU A 158 -10.37 -39.58 37.12
N PHE A 159 -9.33 -39.53 36.28
CA PHE A 159 -9.54 -39.21 34.87
C PHE A 159 -9.79 -40.52 34.12
N LYS A 160 -11.05 -40.83 33.89
CA LYS A 160 -11.41 -42.08 33.24
C LYS A 160 -12.77 -41.92 32.58
N GLY A 161 -12.88 -42.36 31.34
CA GLY A 161 -14.14 -42.31 30.62
C GLY A 161 -14.55 -40.91 30.22
N ASN A 162 -15.63 -40.41 30.84
CA ASN A 162 -16.13 -39.09 30.49
C ASN A 162 -15.22 -37.98 30.97
N ARG A 163 -14.56 -38.18 32.12
CA ARG A 163 -13.70 -37.17 32.70
C ARG A 163 -12.32 -37.32 32.08
N LYS A 164 -11.92 -36.31 31.32
CA LYS A 164 -10.67 -36.33 30.57
C LYS A 164 -9.86 -35.09 30.87
N PRO A 165 -8.53 -35.19 30.84
CA PRO A 165 -7.69 -34.02 31.11
C PRO A 165 -7.74 -33.03 29.95
N THR A 166 -7.28 -31.82 30.25
CA THR A 166 -7.25 -30.76 29.25
C THR A 166 -6.15 -31.02 28.23
N SER A 167 -6.46 -30.77 26.96
CA SER A 167 -5.51 -31.05 25.88
C SER A 167 -4.77 -29.82 25.39
N GLY A 168 -5.42 -28.66 25.36
CA GLY A 168 -4.78 -27.46 24.85
C GLY A 168 -4.96 -26.26 25.73
N ILE A 169 -3.85 -25.72 26.23
CA ILE A 169 -3.87 -24.59 27.15
C ILE A 169 -3.05 -23.46 26.55
N LEU A 170 -3.66 -22.29 26.43
CA LEU A 170 -3.00 -21.09 25.92
C LEU A 170 -2.72 -20.13 27.07
N LEU A 171 -1.56 -19.49 27.08
CA LEU A 171 -1.35 -18.30 27.88
C LEU A 171 -1.17 -17.13 26.94
N TYR A 172 -1.65 -15.96 27.36
CA TYR A 172 -1.50 -14.77 26.52
C TYR A 172 -1.61 -13.55 27.41
N GLY A 173 -1.32 -12.40 26.82
CA GLY A 173 -1.42 -11.14 27.51
C GLY A 173 -0.41 -10.13 27.02
N PRO A 174 -0.31 -9.01 27.72
CA PRO A 174 0.69 -8.00 27.38
C PRO A 174 2.08 -8.51 27.67
N PRO A 175 3.11 -7.91 27.07
CA PRO A 175 4.48 -8.40 27.26
C PRO A 175 4.97 -8.20 28.68
N GLY A 176 5.48 -9.27 29.27
CA GLY A 176 6.11 -9.18 30.57
C GLY A 176 5.19 -9.28 31.74
N THR A 177 4.02 -9.87 31.57
CA THR A 177 3.13 -10.17 32.67
C THR A 177 3.49 -11.47 33.37
N GLY A 178 4.54 -12.15 32.92
CA GLY A 178 5.01 -13.34 33.58
C GLY A 178 4.70 -14.64 32.88
N LYS A 179 4.57 -14.64 31.56
CA LYS A 179 4.15 -15.84 30.86
C LYS A 179 5.28 -16.85 30.76
N SER A 180 6.40 -16.44 30.17
CA SER A 180 7.52 -17.36 29.97
C SER A 180 8.20 -17.71 31.30
N TYR A 181 8.13 -16.81 32.28
CA TYR A 181 8.64 -17.13 33.60
C TYR A 181 7.76 -18.17 34.28
N LEU A 182 6.45 -18.13 34.03
CA LEU A 182 5.58 -19.19 34.51
C LEU A 182 5.88 -20.50 33.81
N ALA A 183 6.24 -20.44 32.53
CA ALA A 183 6.69 -21.63 31.83
C ALA A 183 7.99 -22.17 32.43
N LYS A 184 8.86 -21.28 32.91
CA LYS A 184 10.05 -21.72 33.64
C LYS A 184 9.65 -22.43 34.92
N ALA A 185 8.64 -21.90 35.61
CA ALA A 185 8.21 -22.51 36.87
C ALA A 185 7.61 -23.89 36.64
N VAL A 186 6.85 -24.06 35.55
CA VAL A 186 6.34 -25.37 35.19
C VAL A 186 7.49 -26.29 34.80
N ALA A 187 8.50 -25.73 34.14
CA ALA A 187 9.64 -26.54 33.71
C ALA A 187 10.46 -27.04 34.89
N THR A 188 10.58 -26.25 35.95
CA THR A 188 11.27 -26.72 37.14
C THR A 188 10.40 -27.68 37.93
N GLU A 189 9.12 -27.35 38.08
CA GLU A 189 8.20 -28.15 38.87
C GLU A 189 7.56 -29.28 38.09
N ALA A 190 8.12 -29.66 36.93
CA ALA A 190 7.49 -30.64 36.06
C ALA A 190 7.63 -32.05 36.61
N ASN A 191 8.87 -32.46 36.86
CA ASN A 191 9.27 -33.86 37.01
C ASN A 191 8.73 -34.68 35.83
N SER A 192 8.89 -34.11 34.64
CA SER A 192 8.46 -34.77 33.42
C SER A 192 9.38 -34.34 32.30
N THR A 193 9.33 -35.07 31.19
CA THR A 193 10.17 -34.77 30.04
C THR A 193 9.64 -33.50 29.39
N PHE A 194 10.23 -32.37 29.77
CA PHE A 194 9.75 -31.07 29.31
C PHE A 194 10.40 -30.73 27.98
N PHE A 195 9.66 -30.91 26.90
CA PHE A 195 10.14 -30.39 25.63
C PHE A 195 9.81 -28.91 25.52
N SER A 196 10.53 -28.25 24.62
CA SER A 196 10.26 -26.85 24.30
C SER A 196 10.81 -26.59 22.91
N VAL A 197 10.04 -25.91 22.08
CA VAL A 197 10.45 -25.66 20.71
C VAL A 197 9.97 -24.27 20.31
N SER A 198 10.83 -23.56 19.60
CA SER A 198 10.47 -22.28 19.02
C SER A 198 9.95 -22.52 17.61
N SER A 199 9.85 -21.43 16.83
CA SER A 199 9.51 -21.58 15.43
C SER A 199 10.72 -21.96 14.59
N SER A 200 11.91 -21.98 15.18
CA SER A 200 13.12 -22.26 14.43
C SER A 200 13.21 -23.73 14.03
N ASP A 201 13.02 -24.62 14.99
CA ASP A 201 13.34 -26.03 14.77
C ASP A 201 12.25 -26.71 13.94
N LEU A 202 11.12 -26.05 13.74
CA LEU A 202 10.06 -26.66 12.96
C LEU A 202 10.21 -26.37 11.48
N VAL A 203 10.61 -25.15 11.12
CA VAL A 203 10.68 -24.76 9.72
C VAL A 203 12.01 -25.20 9.11
N SER A 204 11.97 -26.17 8.19
CA SER A 204 13.20 -26.70 7.65
C SER A 204 13.49 -26.15 6.27
N LYS A 205 14.59 -26.62 5.67
CA LYS A 205 15.08 -26.09 4.41
C LYS A 205 14.19 -26.58 3.28
N TRP A 206 14.14 -27.88 2.98
CA TRP A 206 13.87 -28.28 1.60
C TRP A 206 12.39 -28.28 1.29
N MET A 207 11.69 -29.35 1.66
CA MET A 207 10.23 -29.34 1.59
C MET A 207 9.62 -30.23 2.68
N GLY A 208 10.34 -31.27 3.06
CA GLY A 208 9.70 -32.37 3.76
C GLY A 208 10.02 -32.41 5.23
N GLU A 209 11.22 -31.95 5.60
CA GLU A 209 11.63 -32.01 7.00
C GLU A 209 10.95 -30.92 7.82
N SER A 210 10.27 -29.99 7.15
CA SER A 210 9.51 -28.96 7.85
C SER A 210 8.28 -29.56 8.53
N GLU A 211 7.87 -30.74 8.11
CA GLU A 211 6.63 -31.32 8.62
C GLU A 211 6.87 -32.64 9.33
N LYS A 212 7.82 -33.45 8.83
CA LYS A 212 8.12 -34.72 9.48
C LYS A 212 8.78 -34.51 10.83
N LEU A 213 9.43 -33.36 11.03
CA LEU A 213 9.98 -33.04 12.34
C LEU A 213 8.89 -32.72 13.34
N VAL A 214 7.76 -32.19 12.88
CA VAL A 214 6.62 -31.99 13.76
C VAL A 214 6.07 -33.35 14.17
N LYS A 215 5.94 -34.25 13.18
CA LYS A 215 5.47 -35.61 13.43
C LYS A 215 6.38 -36.36 14.39
N GLN A 216 7.69 -36.22 14.23
CA GLN A 216 8.63 -36.83 15.17
C GLN A 216 8.63 -36.12 16.51
N LEU A 217 8.23 -34.84 16.54
CA LEU A 217 8.19 -34.12 17.81
C LEU A 217 7.08 -34.65 18.69
N PHE A 218 5.87 -34.74 18.14
CA PHE A 218 4.79 -35.31 18.95
C PHE A 218 4.95 -36.81 19.11
N ALA A 219 5.65 -37.46 18.17
CA ALA A 219 5.89 -38.89 18.28
C ALA A 219 6.80 -39.21 19.46
N MET A 220 8.00 -38.61 19.47
CA MET A 220 8.92 -38.82 20.57
C MET A 220 8.43 -38.18 21.86
N ALA A 221 7.56 -37.18 21.75
CA ALA A 221 6.89 -36.65 22.93
C ALA A 221 5.97 -37.70 23.55
N ARG A 222 5.25 -38.45 22.71
CA ARG A 222 4.47 -39.56 23.24
C ARG A 222 5.35 -40.72 23.67
N GLU A 223 6.56 -40.83 23.12
CA GLU A 223 7.48 -41.89 23.55
C GLU A 223 7.98 -41.63 24.96
N ASN A 224 8.18 -40.37 25.33
CA ASN A 224 8.65 -40.01 26.66
C ASN A 224 7.52 -39.55 27.56
N LYS A 225 6.33 -40.14 27.41
CA LYS A 225 5.21 -39.75 28.24
C LYS A 225 5.41 -40.27 29.67
N PRO A 226 4.91 -39.54 30.69
CA PRO A 226 4.21 -38.26 30.71
C PRO A 226 5.14 -37.10 30.42
N SER A 227 4.64 -36.09 29.69
CA SER A 227 5.50 -35.05 29.15
C SER A 227 4.67 -33.82 28.84
N ILE A 228 5.37 -32.69 28.72
CA ILE A 228 4.75 -31.37 28.52
C ILE A 228 5.46 -30.72 27.33
N ILE A 229 4.68 -30.09 26.45
CA ILE A 229 5.21 -29.43 25.27
C ILE A 229 4.86 -27.95 25.37
N PHE A 230 5.86 -27.10 25.17
CA PHE A 230 5.68 -25.65 25.18
C PHE A 230 6.06 -25.07 23.83
N ILE A 231 5.21 -24.19 23.33
CA ILE A 231 5.48 -23.46 22.09
C ILE A 231 5.33 -21.98 22.42
N ASP A 232 6.41 -21.23 22.26
CA ASP A 232 6.36 -19.80 22.46
C ASP A 232 6.12 -19.11 21.13
N GLU A 233 5.34 -18.03 21.18
CA GLU A 233 5.04 -17.14 20.05
C GLU A 233 4.40 -17.91 18.89
N VAL A 234 3.19 -18.39 19.17
CA VAL A 234 2.44 -19.18 18.19
C VAL A 234 2.00 -18.35 16.98
N ASP A 235 2.01 -17.03 17.08
CA ASP A 235 1.71 -16.20 15.91
C ASP A 235 2.79 -16.29 14.85
N ALA A 236 4.02 -16.67 15.22
CA ALA A 236 5.03 -16.94 14.21
C ALA A 236 4.78 -18.26 13.52
N LEU A 237 4.13 -19.19 14.21
CA LEU A 237 3.73 -20.44 13.58
C LEU A 237 2.63 -20.20 12.55
N THR A 238 1.59 -19.49 12.95
CA THR A 238 0.46 -19.21 12.09
C THR A 238 0.68 -17.90 11.33
N GLY A 239 -0.39 -17.39 10.72
CA GLY A 239 -0.36 -16.08 10.11
C GLY A 239 -0.35 -16.19 8.61
N THR A 240 -1.51 -16.00 7.99
CA THR A 240 -1.62 -16.01 6.53
C THR A 240 -2.18 -14.68 6.05
N ARG A 241 -1.59 -14.15 4.99
CA ARG A 241 -2.11 -12.97 4.31
C ARG A 241 -2.38 -13.24 2.83
N GLY A 242 -1.42 -13.81 2.12
CA GLY A 242 -1.58 -14.08 0.70
C GLY A 242 -0.99 -15.41 0.30
N GLU A 243 -0.41 -15.48 -0.91
CA GLU A 243 0.10 -16.75 -1.43
C GLU A 243 1.42 -17.13 -0.78
N GLY A 244 2.30 -16.15 -0.53
CA GLY A 244 3.57 -16.45 0.09
C GLY A 244 3.44 -16.87 1.54
N GLU A 245 2.47 -16.31 2.26
CA GLU A 245 2.24 -16.70 3.64
C GLU A 245 1.57 -18.06 3.76
N SER A 246 0.83 -18.47 2.74
CA SER A 246 0.15 -19.77 2.74
C SER A 246 0.98 -20.86 2.07
N GLU A 247 2.28 -20.65 1.93
CA GLU A 247 3.18 -21.65 1.37
C GLU A 247 4.23 -22.01 2.41
N ALA A 248 4.42 -23.31 2.63
CA ALA A 248 5.37 -23.90 3.58
C ALA A 248 5.11 -23.47 5.03
N SER A 249 3.93 -22.94 5.32
CA SER A 249 3.51 -22.65 6.69
C SER A 249 2.10 -23.18 6.85
N ARG A 250 1.41 -23.23 5.72
CA ARG A 250 0.11 -23.89 5.69
C ARG A 250 0.26 -25.39 5.85
N ARG A 251 1.35 -25.93 5.39
CA ARG A 251 1.62 -27.36 5.56
C ARG A 251 1.87 -27.70 7.01
N ILE A 252 2.77 -26.94 7.65
CA ILE A 252 3.13 -27.21 9.05
C ILE A 252 1.96 -26.90 9.96
N LYS A 253 1.23 -25.81 9.66
CA LYS A 253 0.00 -25.50 10.36
C LYS A 253 -1.02 -26.62 10.20
N THR A 254 -1.10 -27.22 9.01
CA THR A 254 -2.04 -28.31 8.75
C THR A 254 -1.67 -29.56 9.54
N GLU A 255 -0.37 -29.84 9.63
CA GLU A 255 0.08 -30.98 10.45
C GLU A 255 -0.19 -30.75 11.93
N LEU A 256 -0.05 -29.51 12.40
CA LEU A 256 -0.48 -29.19 13.75
C LEU A 256 -2.00 -29.36 13.90
N LEU A 257 -2.74 -29.04 12.84
CA LEU A 257 -4.19 -29.17 12.87
C LEU A 257 -4.62 -30.62 13.03
N VAL A 258 -3.93 -31.54 12.36
CA VAL A 258 -4.28 -32.96 12.49
C VAL A 258 -3.79 -33.50 13.83
N GLN A 259 -2.53 -33.23 14.17
CA GLN A 259 -1.92 -33.77 15.37
C GLN A 259 -2.49 -33.19 16.65
N MET A 260 -3.27 -32.13 16.56
CA MET A 260 -4.10 -31.71 17.68
C MET A 260 -5.59 -31.86 17.40
N ASN A 261 -5.97 -32.41 16.23
CA ASN A 261 -7.26 -33.09 16.15
C ASN A 261 -7.22 -34.44 16.84
N GLY A 262 -6.03 -34.97 17.11
CA GLY A 262 -5.89 -36.28 17.73
C GLY A 262 -6.22 -36.42 19.20
N VAL A 263 -7.10 -35.55 19.72
CA VAL A 263 -7.63 -35.73 21.07
C VAL A 263 -8.45 -37.01 21.16
N GLY A 264 -9.26 -37.27 20.13
CA GLY A 264 -9.95 -38.54 20.03
C GLY A 264 -9.03 -39.71 19.74
N ASN A 265 -7.82 -39.45 19.26
CA ASN A 265 -6.82 -40.48 19.04
C ASN A 265 -6.01 -40.76 20.31
N ASP A 266 -5.34 -39.73 20.84
CA ASP A 266 -4.52 -39.86 22.04
C ASP A 266 -4.94 -38.75 23.01
N SER A 267 -5.96 -39.05 23.83
CA SER A 267 -6.42 -38.08 24.81
C SER A 267 -5.41 -37.93 25.94
N GLN A 268 -5.02 -39.04 26.55
CA GLN A 268 -4.06 -38.99 27.64
C GLN A 268 -2.65 -38.75 27.11
N GLY A 269 -1.74 -38.46 28.03
CA GLY A 269 -0.35 -38.28 27.66
C GLY A 269 0.09 -36.83 27.58
N VAL A 270 0.14 -36.31 26.35
CA VAL A 270 0.77 -35.02 26.08
C VAL A 270 -0.13 -33.86 26.46
N LEU A 271 0.44 -32.67 26.46
CA LEU A 271 -0.20 -31.40 26.75
C LEU A 271 0.55 -30.30 26.02
N VAL A 272 -0.18 -29.46 25.30
CA VAL A 272 0.44 -28.43 24.47
C VAL A 272 0.19 -27.09 25.13
N LEU A 273 1.26 -26.47 25.63
CA LEU A 273 1.19 -25.15 26.24
C LEU A 273 1.58 -24.10 25.22
N GLY A 274 0.66 -23.19 24.94
CA GLY A 274 0.91 -22.12 23.99
C GLY A 274 1.07 -20.80 24.71
N ALA A 275 2.01 -20.00 24.24
CA ALA A 275 2.19 -18.63 24.70
C ALA A 275 2.19 -17.71 23.50
N THR A 276 1.79 -16.46 23.72
CA THR A 276 1.90 -15.41 22.71
C THR A 276 1.78 -14.05 23.38
N ASN A 277 2.08 -13.02 22.60
CA ASN A 277 1.74 -11.66 22.95
C ASN A 277 0.68 -11.09 22.03
N ILE A 278 0.45 -11.71 20.89
CA ILE A 278 -0.55 -11.26 19.93
C ILE A 278 -1.53 -12.40 19.74
N PRO A 279 -2.67 -12.40 20.43
CA PRO A 279 -3.64 -13.48 20.25
C PRO A 279 -4.70 -13.21 19.20
N TRP A 280 -4.84 -11.98 18.73
CA TRP A 280 -5.85 -11.73 17.70
C TRP A 280 -5.35 -12.13 16.32
N GLN A 281 -4.05 -12.07 16.08
CA GLN A 281 -3.52 -12.59 14.82
C GLN A 281 -3.43 -14.10 14.81
N LEU A 282 -3.61 -14.74 15.96
CA LEU A 282 -3.73 -16.19 16.01
C LEU A 282 -5.01 -16.62 15.29
N ASP A 283 -4.89 -17.62 14.42
CA ASP A 283 -6.03 -18.08 13.65
C ASP A 283 -7.04 -18.81 14.53
N SER A 284 -8.31 -18.72 14.13
CA SER A 284 -9.41 -19.26 14.91
C SER A 284 -9.34 -20.79 15.04
N ALA A 285 -8.73 -21.47 14.06
CA ALA A 285 -8.63 -22.92 14.14
C ALA A 285 -7.65 -23.34 15.24
N ILE A 286 -6.49 -22.69 15.29
CA ILE A 286 -5.54 -22.97 16.36
C ILE A 286 -6.08 -22.44 17.68
N ARG A 287 -6.90 -21.39 17.61
CA ARG A 287 -7.61 -20.90 18.79
C ARG A 287 -8.53 -21.97 19.35
N ARG A 288 -9.15 -22.76 18.47
CA ARG A 288 -9.95 -23.87 18.96
C ARG A 288 -9.09 -25.03 19.42
N ARG A 289 -7.90 -25.20 18.80
CA ARG A 289 -6.97 -26.23 19.23
C ARG A 289 -6.54 -26.02 20.68
N PHE A 290 -6.25 -24.77 21.04
CA PHE A 290 -5.90 -24.43 22.41
C PHE A 290 -7.23 -24.23 23.12
N GLU A 291 -7.78 -25.33 23.63
CA GLU A 291 -9.19 -25.35 23.99
C GLU A 291 -9.49 -24.64 25.30
N ARG A 292 -8.48 -24.37 26.12
CA ARG A 292 -8.69 -23.68 27.39
C ARG A 292 -7.67 -22.55 27.47
N ARG A 293 -8.09 -21.36 27.11
CA ARG A 293 -7.20 -20.21 27.04
C ARG A 293 -7.40 -19.29 28.24
N ILE A 294 -6.31 -18.68 28.69
CA ILE A 294 -6.29 -17.90 29.92
C ILE A 294 -5.58 -16.59 29.65
N TYR A 295 -6.25 -15.48 29.93
CA TYR A 295 -5.60 -14.18 29.88
C TYR A 295 -4.82 -13.91 31.16
N ILE A 296 -3.65 -13.30 31.00
CA ILE A 296 -2.77 -12.98 32.12
C ILE A 296 -2.64 -11.47 32.20
N PRO A 297 -3.35 -10.83 33.11
CA PRO A 297 -3.34 -9.37 33.19
C PRO A 297 -2.08 -8.84 33.86
N LEU A 298 -2.00 -7.52 33.93
CA LEU A 298 -1.03 -6.88 34.77
C LEU A 298 -1.35 -7.18 36.24
N PRO A 299 -0.32 -7.29 37.09
CA PRO A 299 -0.56 -7.58 38.50
C PRO A 299 -1.01 -6.35 39.29
N ASP A 300 -1.63 -6.63 40.44
CA ASP A 300 -2.21 -5.63 41.31
C ASP A 300 -1.22 -5.20 42.40
N LEU A 301 -1.73 -4.55 43.45
CA LEU A 301 -0.92 -4.11 44.58
C LEU A 301 -0.22 -5.26 45.28
N ALA A 302 -0.99 -6.27 45.70
CA ALA A 302 -0.45 -7.30 46.58
C ALA A 302 0.53 -8.22 45.86
N ALA A 303 0.29 -8.49 44.57
CA ALA A 303 1.20 -9.35 43.82
C ALA A 303 2.53 -8.65 43.59
N ARG A 304 2.51 -7.34 43.38
CA ARG A 304 3.76 -6.60 43.21
C ARG A 304 4.48 -6.41 44.53
N THR A 305 3.74 -6.35 45.63
CA THR A 305 4.35 -6.43 46.95
C THR A 305 5.07 -7.77 47.11
N THR A 306 4.43 -8.85 46.65
CA THR A 306 5.03 -10.17 46.74
C THR A 306 6.27 -10.27 45.87
N MET A 307 6.22 -9.72 44.65
CA MET A 307 7.38 -9.76 43.77
C MET A 307 8.51 -8.88 44.28
N PHE A 308 8.19 -7.80 44.98
CA PHE A 308 9.22 -7.04 45.66
C PHE A 308 9.88 -7.88 46.73
N GLU A 309 9.08 -8.53 47.57
CA GLU A 309 9.63 -9.33 48.66
C GLU A 309 10.31 -10.60 48.18
N ILE A 310 10.03 -11.04 46.95
CA ILE A 310 10.77 -12.16 46.37
C ILE A 310 12.06 -11.68 45.75
N ASN A 311 11.99 -10.63 44.93
CA ASN A 311 13.16 -10.18 44.20
C ASN A 311 14.18 -9.46 45.07
N VAL A 312 13.84 -9.07 46.30
CA VAL A 312 14.90 -8.62 47.19
C VAL A 312 15.79 -9.80 47.61
N GLY A 313 15.20 -10.98 47.77
CA GLY A 313 15.97 -12.20 47.96
C GLY A 313 16.73 -12.24 49.27
N ASP A 314 17.98 -12.67 49.19
CA ASP A 314 18.87 -12.78 50.34
C ASP A 314 19.60 -11.49 50.66
N THR A 315 19.36 -10.43 49.90
CA THR A 315 20.00 -9.16 50.16
C THR A 315 19.40 -8.53 51.41
N PRO A 316 20.21 -8.07 52.36
CA PRO A 316 19.66 -7.43 53.57
C PRO A 316 18.99 -6.11 53.26
N CYS A 317 17.67 -6.09 53.33
CA CYS A 317 16.90 -4.89 53.03
C CYS A 317 16.81 -4.00 54.26
N VAL A 318 15.96 -2.99 54.17
CA VAL A 318 15.79 -2.01 55.24
C VAL A 318 14.33 -1.77 55.58
N LEU A 319 13.40 -2.23 54.74
CA LEU A 319 12.01 -1.84 54.87
C LEU A 319 11.15 -2.93 55.49
N THR A 320 9.89 -2.58 55.74
CA THR A 320 8.88 -3.47 56.27
C THR A 320 7.86 -3.79 55.18
N LYS A 321 6.88 -4.61 55.53
CA LYS A 321 5.91 -5.10 54.56
C LYS A 321 5.01 -3.98 54.04
N GLU A 322 4.54 -3.11 54.93
CA GLU A 322 3.73 -1.97 54.52
C GLU A 322 4.54 -0.93 53.76
N ASP A 323 5.87 -0.96 53.90
CA ASP A 323 6.70 -0.12 53.04
C ASP A 323 6.74 -0.66 51.63
N TYR A 324 6.75 -1.99 51.48
CA TYR A 324 6.57 -2.57 50.16
C TYR A 324 5.19 -2.29 49.62
N ARG A 325 4.19 -2.18 50.51
CA ARG A 325 2.87 -1.74 50.07
C ARG A 325 2.89 -0.30 49.59
N THR A 326 3.71 0.54 50.23
CA THR A 326 3.92 1.91 49.76
C THR A 326 4.61 1.91 48.40
N LEU A 327 5.52 0.96 48.18
CA LEU A 327 6.19 0.81 46.89
C LEU A 327 5.21 0.43 45.80
N GLY A 328 4.42 -0.62 46.05
CA GLY A 328 3.44 -1.05 45.07
C GLY A 328 2.36 -0.01 44.82
N ALA A 329 2.05 0.80 45.83
CA ALA A 329 1.15 1.93 45.62
C ALA A 329 1.81 3.00 44.77
N MET A 330 3.13 3.15 44.89
CA MET A 330 3.84 4.13 44.07
C MET A 330 3.98 3.67 42.63
N THR A 331 3.99 2.36 42.41
CA THR A 331 4.32 1.76 41.12
C THR A 331 3.09 1.25 40.39
N GLU A 332 2.00 2.01 40.39
CA GLU A 332 0.74 1.56 39.80
C GLU A 332 0.84 1.34 38.29
N GLY A 333 0.77 0.08 37.88
CA GLY A 333 0.74 -0.26 36.48
C GLY A 333 2.08 -0.57 35.84
N TYR A 334 2.85 -1.47 36.43
CA TYR A 334 4.09 -1.94 35.81
C TYR A 334 3.89 -3.33 35.23
N SER A 335 4.98 -3.90 34.72
CA SER A 335 5.06 -5.30 34.34
C SER A 335 6.02 -6.01 35.29
N GLY A 336 6.20 -7.30 35.06
CA GLY A 336 7.16 -8.04 35.86
C GLY A 336 8.59 -7.69 35.53
N SER A 337 8.87 -7.37 34.26
CA SER A 337 10.21 -6.94 33.89
C SER A 337 10.54 -5.58 34.46
N ASP A 338 9.53 -4.70 34.57
CA ASP A 338 9.73 -3.40 35.19
C ASP A 338 10.12 -3.55 36.65
N ILE A 339 9.49 -4.49 37.33
CA ILE A 339 9.85 -4.80 38.70
C ILE A 339 11.26 -5.38 38.77
N ALA A 340 11.59 -6.24 37.80
CA ALA A 340 12.92 -6.86 37.78
C ALA A 340 14.02 -5.83 37.56
N VAL A 341 13.75 -4.76 36.80
CA VAL A 341 14.78 -3.78 36.57
C VAL A 341 14.80 -2.68 37.62
N VAL A 342 13.69 -2.40 38.31
CA VAL A 342 13.82 -1.46 39.41
C VAL A 342 14.48 -2.14 40.61
N VAL A 343 14.27 -3.45 40.76
CA VAL A 343 15.00 -4.18 41.79
C VAL A 343 16.46 -4.33 41.38
N LYS A 344 16.72 -4.48 40.08
CA LYS A 344 18.09 -4.57 39.59
C LYS A 344 18.85 -3.27 39.84
N ASP A 345 18.23 -2.13 39.49
CA ASP A 345 18.83 -0.82 39.74
C ASP A 345 19.01 -0.57 41.23
N ALA A 346 18.05 -1.05 42.04
CA ALA A 346 18.19 -0.99 43.48
C ALA A 346 19.35 -1.81 43.99
N LEU A 347 19.69 -2.91 43.29
CA LEU A 347 20.88 -3.66 43.61
C LEU A 347 22.13 -3.08 42.98
N MET A 348 21.99 -2.05 42.16
CA MET A 348 23.15 -1.35 41.64
C MET A 348 23.47 -0.08 42.40
N GLN A 349 22.51 0.49 43.13
CA GLN A 349 22.75 1.74 43.84
C GLN A 349 23.84 1.72 44.92
N PRO A 350 23.99 0.70 45.78
CA PRO A 350 25.11 0.76 46.73
C PRO A 350 26.48 0.62 46.10
N ILE A 351 26.60 -0.07 44.96
CA ILE A 351 27.88 -0.13 44.27
C ILE A 351 28.16 1.24 43.63
N ARG A 352 27.11 1.94 43.18
CA ARG A 352 27.26 3.32 42.77
C ARG A 352 27.72 4.20 43.92
N LYS A 353 27.28 3.89 45.15
CA LYS A 353 27.81 4.59 46.32
C LYS A 353 29.28 4.26 46.54
N ILE A 354 29.69 3.03 46.24
CA ILE A 354 31.09 2.64 46.40
C ILE A 354 31.97 3.37 45.38
N GLN A 355 31.49 3.47 44.15
CA GLN A 355 32.23 4.21 43.13
C GLN A 355 32.25 5.70 43.42
N SER A 356 31.13 6.22 43.91
CA SER A 356 30.98 7.67 44.18
C SER A 356 31.74 8.33 45.34
N ALA A 357 32.19 9.55 45.06
CA ALA A 357 32.86 10.46 46.01
C ALA A 357 34.24 10.05 46.55
N THR A 358 34.61 10.66 47.67
CA THR A 358 35.86 10.40 48.36
C THR A 358 35.53 10.20 49.83
N HIS A 359 36.03 9.12 50.41
CA HIS A 359 35.73 8.84 51.83
C HIS A 359 34.93 7.56 52.15
N PHE A 360 35.56 6.68 52.91
CA PHE A 360 34.91 5.51 53.50
C PHE A 360 35.12 5.52 55.03
N LYS A 361 34.69 4.45 55.70
CA LYS A 361 34.67 4.43 57.15
C LYS A 361 34.49 3.00 57.69
N ASP A 362 35.23 2.66 58.74
CA ASP A 362 35.13 1.33 59.34
C ASP A 362 33.90 1.20 60.24
N VAL A 363 33.27 0.02 60.23
CA VAL A 363 32.12 -0.30 61.06
C VAL A 363 32.24 -1.73 61.62
N SER A 364 31.30 -2.11 62.49
CA SER A 364 31.25 -3.43 63.17
C SER A 364 31.88 -3.42 64.57
N GLU A 369 34.33 -9.48 61.97
CA GLU A 369 35.32 -10.40 61.41
C GLU A 369 36.41 -9.69 60.59
N THR A 370 37.15 -8.82 61.28
CA THR A 370 38.36 -8.10 60.75
C THR A 370 38.10 -7.06 59.64
N ARG A 371 38.08 -5.79 60.03
CA ARG A 371 38.02 -4.65 59.12
C ARG A 371 36.87 -4.71 58.16
N LYS A 372 36.05 -3.66 58.13
CA LYS A 372 34.95 -3.55 57.15
C LYS A 372 34.46 -2.12 56.89
N LEU A 373 34.74 -1.59 55.69
CA LEU A 373 34.49 -0.19 55.39
C LEU A 373 33.46 0.10 54.31
N THR A 374 32.69 1.18 54.52
CA THR A 374 31.55 1.57 53.69
C THR A 374 31.64 3.06 53.33
N PRO A 375 31.00 3.48 52.22
CA PRO A 375 31.03 4.90 51.85
C PRO A 375 30.30 5.78 52.85
N CYS A 376 30.91 6.91 53.18
CA CYS A 376 30.31 7.91 54.06
C CYS A 376 30.67 9.31 53.57
N SER A 377 29.88 10.31 53.99
CA SER A 377 30.07 11.71 53.58
C SER A 377 31.45 12.28 53.97
N PRO A 378 31.91 13.35 53.29
CA PRO A 378 33.17 14.00 53.73
C PRO A 378 33.09 14.51 55.17
N GLY A 379 33.97 14.00 56.03
CA GLY A 379 34.03 14.41 57.42
C GLY A 379 32.97 13.75 58.26
N ASP A 380 33.31 12.60 58.83
CA ASP A 380 32.41 11.77 59.65
C ASP A 380 33.22 10.92 60.65
N ASP A 381 32.52 10.22 61.55
CA ASP A 381 33.15 9.37 62.58
C ASP A 381 34.01 8.25 62.00
N GLY A 382 35.30 8.53 61.81
CA GLY A 382 36.24 7.57 61.24
C GLY A 382 36.35 7.65 59.73
N ALA A 383 35.98 8.80 59.18
CA ALA A 383 36.00 9.03 57.74
C ALA A 383 37.40 9.23 57.17
N ILE A 384 38.00 8.15 56.71
CA ILE A 384 39.25 8.20 55.92
C ILE A 384 38.90 8.65 54.49
N GLU A 385 39.86 9.23 53.77
CA GLU A 385 39.64 9.64 52.37
C GLU A 385 40.29 8.67 51.41
N MET A 386 39.49 8.01 50.58
CA MET A 386 39.98 7.02 49.63
C MET A 386 38.99 6.71 48.52
N SER A 387 39.38 5.76 47.66
CA SER A 387 38.53 5.24 46.60
C SER A 387 38.36 3.74 46.78
N TRP A 388 37.31 3.16 46.16
CA TRP A 388 37.03 1.73 46.26
C TRP A 388 38.23 0.88 45.85
N THR A 389 38.99 1.41 44.91
CA THR A 389 40.22 0.80 44.41
C THR A 389 41.24 0.61 45.52
N ASP A 390 41.25 1.54 46.47
CA ASP A 390 42.18 1.53 47.59
C ASP A 390 41.85 0.42 48.59
N ILE A 391 40.64 -0.11 48.50
CA ILE A 391 40.14 -0.97 49.58
C ILE A 391 40.24 -2.45 49.25
N GLU A 392 40.56 -3.23 50.28
CA GLU A 392 40.92 -4.64 50.13
C GLU A 392 39.75 -5.54 49.76
N ALA A 393 40.07 -6.59 48.99
CA ALA A 393 39.13 -7.64 48.63
C ALA A 393 38.22 -7.99 49.80
N ASP A 394 36.95 -8.20 49.49
CA ASP A 394 35.88 -8.45 50.48
C ASP A 394 35.61 -7.30 51.48
N GLU A 395 36.65 -6.88 52.20
CA GLU A 395 36.49 -5.99 53.34
C GLU A 395 35.79 -4.67 53.04
N LEU A 396 34.96 -4.67 52.01
CA LEU A 396 34.04 -3.62 51.63
C LEU A 396 32.68 -3.91 52.25
N LYS A 397 32.00 -2.82 52.63
CA LYS A 397 30.63 -2.89 53.12
C LYS A 397 29.79 -1.95 52.24
N GLU A 398 28.82 -2.51 51.52
CA GLU A 398 27.93 -1.72 50.63
C GLU A 398 26.79 -1.08 51.41
N PRO A 399 26.15 -0.03 50.88
CA PRO A 399 25.06 0.54 51.67
C PRO A 399 23.83 -0.35 51.57
N ASP A 400 23.14 -0.53 52.69
CA ASP A 400 21.94 -1.34 52.73
C ASP A 400 20.89 -0.63 51.89
N LEU A 401 20.09 -1.38 51.15
CA LEU A 401 19.09 -0.77 50.28
C LEU A 401 18.13 0.05 51.14
N THR A 402 18.00 1.31 50.73
CA THR A 402 17.17 2.26 51.41
C THR A 402 16.04 2.63 50.49
N ILE A 403 14.99 3.16 51.07
CA ILE A 403 13.83 3.54 50.30
C ILE A 403 14.25 4.60 49.29
N LYS A 404 15.32 5.33 49.55
CA LYS A 404 15.65 6.41 48.63
C LYS A 404 16.17 5.85 47.31
N ASP A 405 16.92 4.75 47.38
CA ASP A 405 17.37 4.06 46.18
C ASP A 405 16.20 3.45 45.42
N PHE A 406 15.22 2.93 46.18
CA PHE A 406 14.02 2.37 45.58
C PHE A 406 13.22 3.44 44.84
N LEU A 407 12.94 4.55 45.52
CA LEU A 407 12.15 5.63 44.92
C LEU A 407 12.89 6.29 43.77
N LYS A 408 14.22 6.36 43.86
CA LYS A 408 15.01 6.84 42.74
C LYS A 408 14.91 5.90 41.55
N ALA A 409 14.85 4.59 41.82
CA ALA A 409 14.67 3.63 40.75
C ALA A 409 13.25 3.70 40.18
N ILE A 410 12.27 4.09 41.00
CA ILE A 410 10.92 4.29 40.51
C ILE A 410 10.86 5.49 39.59
N LYS A 411 11.56 6.57 39.96
CA LYS A 411 11.65 7.73 39.08
C LYS A 411 12.53 7.47 37.87
N SER A 412 13.29 6.38 37.85
CA SER A 412 14.19 6.12 36.72
C SER A 412 13.44 5.60 35.50
N THR A 413 12.42 4.76 35.70
CA THR A 413 11.78 4.05 34.59
C THR A 413 10.26 4.13 34.69
N ARG A 414 9.65 4.88 33.78
CA ARG A 414 8.20 4.88 33.61
C ARG A 414 7.78 3.53 33.01
N PRO A 415 6.53 3.08 33.24
CA PRO A 415 6.04 1.81 32.65
C PRO A 415 6.30 1.62 31.16
N THR A 416 6.45 0.35 30.79
CA THR A 416 6.83 -0.03 29.44
C THR A 416 5.61 -0.23 28.54
N VAL A 417 4.64 -1.02 29.01
CA VAL A 417 3.50 -1.36 28.18
C VAL A 417 2.56 -0.17 28.04
N ASN A 418 1.83 -0.13 26.94
CA ASN A 418 0.89 0.94 26.69
C ASN A 418 -0.53 0.46 26.95
N GLU A 419 -1.39 1.41 27.26
CA GLU A 419 -2.76 1.15 27.67
C GLU A 419 -3.71 0.86 26.51
N ASP A 420 -3.38 1.28 25.29
CA ASP A 420 -4.19 0.89 24.15
C ASP A 420 -3.98 -0.58 23.80
N ASP A 421 -2.76 -1.08 24.01
CA ASP A 421 -2.52 -2.52 23.92
C ASP A 421 -3.31 -3.26 24.98
N LEU A 422 -3.48 -2.66 26.17
CA LEU A 422 -4.38 -3.21 27.17
C LEU A 422 -5.82 -3.18 26.71
N LEU A 423 -6.20 -2.20 25.88
CA LEU A 423 -7.54 -2.19 25.33
C LEU A 423 -7.73 -3.33 24.33
N LYS A 424 -6.69 -3.67 23.58
CA LYS A 424 -6.81 -4.83 22.70
C LYS A 424 -6.80 -6.14 23.47
N GLN A 425 -6.07 -6.19 24.59
CA GLN A 425 -6.15 -7.36 25.47
C GLN A 425 -7.52 -7.47 26.12
N GLU A 426 -8.17 -6.34 26.39
CA GLU A 426 -9.54 -6.39 26.86
C GLU A 426 -10.51 -6.70 25.74
N GLN A 427 -10.12 -6.49 24.49
CA GLN A 427 -10.97 -6.89 23.37
C GLN A 427 -10.95 -8.40 23.20
N PHE A 428 -9.75 -8.97 23.02
CA PHE A 428 -9.64 -10.41 22.84
C PHE A 428 -9.98 -11.16 24.12
N THR A 429 -9.67 -10.56 25.27
CA THR A 429 -10.03 -11.19 26.53
C THR A 429 -11.53 -11.11 26.76
N ARG A 430 -12.12 -9.95 26.46
CA ARG A 430 -13.55 -9.75 26.64
C ARG A 430 -14.35 -10.66 25.72
N ASP A 431 -13.82 -10.98 24.55
CA ASP A 431 -14.49 -11.96 23.70
C ASP A 431 -14.12 -13.38 24.12
N PHE A 432 -12.87 -13.78 23.92
CA PHE A 432 -12.47 -15.18 23.93
C PHE A 432 -11.90 -15.66 25.24
N GLY A 433 -11.73 -14.79 26.23
CA GLY A 433 -11.08 -15.16 27.47
C GLY A 433 -11.84 -16.10 28.38
N LEU B 119 26.70 -26.34 9.44
CA LEU B 119 27.69 -25.38 9.93
C LEU B 119 27.72 -24.13 9.07
N SER B 120 27.26 -23.01 9.65
CA SER B 120 27.21 -21.75 8.92
C SER B 120 28.44 -20.90 9.17
N SER B 121 28.66 -20.49 10.43
CA SER B 121 29.82 -19.73 10.89
C SER B 121 30.00 -18.42 10.10
N ALA B 122 29.03 -17.52 10.28
CA ALA B 122 29.07 -16.18 9.71
C ALA B 122 29.59 -15.17 10.71
N ILE B 123 30.58 -15.56 11.49
CA ILE B 123 31.10 -14.74 12.57
C ILE B 123 31.91 -13.58 12.01
N LEU B 124 31.84 -12.43 12.68
CA LEU B 124 32.76 -11.33 12.45
C LEU B 124 32.90 -10.49 13.71
N SER B 125 34.13 -10.07 13.99
CA SER B 125 34.46 -9.13 15.05
C SER B 125 35.80 -8.52 14.68
N GLU B 126 36.25 -7.57 15.49
CA GLU B 126 37.29 -6.65 15.02
C GLU B 126 37.93 -5.92 16.19
N LYS B 127 38.75 -4.91 15.87
CA LYS B 127 39.49 -4.14 16.86
C LYS B 127 39.58 -2.68 16.46
N PRO B 128 38.66 -1.83 16.97
CA PRO B 128 38.80 -0.38 16.78
C PRO B 128 39.59 0.27 17.91
N ASN B 129 39.67 1.61 17.90
CA ASN B 129 40.49 2.35 18.87
C ASN B 129 39.81 3.69 19.15
N VAL B 130 39.01 3.75 20.22
CA VAL B 130 38.37 4.97 20.69
C VAL B 130 38.39 4.98 22.22
N LYS B 131 39.02 5.98 22.81
CA LYS B 131 39.15 6.16 24.25
C LYS B 131 37.79 6.54 24.86
N TRP B 132 37.67 6.37 26.18
CA TRP B 132 36.54 6.88 26.94
C TRP B 132 36.38 8.38 26.75
N GLU B 133 37.39 9.12 27.19
CA GLU B 133 37.32 10.56 27.40
C GLU B 133 37.26 11.37 26.13
N ASP B 134 37.35 10.73 24.97
CA ASP B 134 37.03 11.40 23.72
C ASP B 134 35.53 11.53 23.49
N VAL B 135 34.71 10.92 24.33
CA VAL B 135 33.27 11.11 24.31
C VAL B 135 32.92 12.26 25.23
N ALA B 136 32.14 13.21 24.73
CA ALA B 136 31.72 14.34 25.53
C ALA B 136 30.31 14.13 26.06
N GLY B 137 30.03 14.73 27.22
CA GLY B 137 28.77 14.62 27.91
C GLY B 137 28.47 13.20 28.32
N LEU B 138 27.17 12.92 28.47
CA LEU B 138 26.62 11.55 28.48
C LEU B 138 27.09 10.76 29.69
N GLU B 139 27.16 11.41 30.85
CA GLU B 139 27.67 10.77 32.05
C GLU B 139 26.74 9.69 32.58
N GLY B 140 25.45 9.75 32.24
CA GLY B 140 24.57 8.65 32.56
C GLY B 140 24.88 7.42 31.73
N ALA B 141 25.17 7.61 30.45
CA ALA B 141 25.54 6.49 29.59
C ALA B 141 26.91 5.96 29.96
N LYS B 142 27.83 6.86 30.31
CA LYS B 142 29.15 6.45 30.79
C LYS B 142 29.03 5.66 32.07
N GLU B 143 28.15 6.09 32.98
CA GLU B 143 27.94 5.38 34.23
C GLU B 143 27.33 4.01 33.98
N ALA B 144 26.32 3.94 33.13
CA ALA B 144 25.63 2.68 32.88
C ALA B 144 26.51 1.68 32.14
N LEU B 145 27.39 2.16 31.28
CA LEU B 145 28.25 1.25 30.55
C LEU B 145 29.50 0.86 31.33
N LYS B 146 30.00 1.74 32.21
CA LYS B 146 31.06 1.31 33.11
C LYS B 146 30.54 0.28 34.10
N GLU B 147 29.34 0.48 34.65
CA GLU B 147 28.79 -0.51 35.55
C GLU B 147 28.25 -1.73 34.81
N ALA B 148 28.07 -1.63 33.50
CA ALA B 148 27.60 -2.76 32.71
C ALA B 148 28.72 -3.52 32.03
N VAL B 149 29.92 -2.97 31.99
CA VAL B 149 31.02 -3.60 31.28
C VAL B 149 32.21 -3.81 32.21
N ILE B 150 32.69 -2.73 32.82
CA ILE B 150 33.88 -2.81 33.64
C ILE B 150 33.58 -3.51 34.95
N LEU B 151 32.45 -3.15 35.58
CA LEU B 151 32.07 -3.75 36.86
C LEU B 151 31.80 -5.26 36.82
N PRO B 152 31.21 -5.87 35.78
CA PRO B 152 31.14 -7.34 35.79
C PRO B 152 32.50 -8.01 35.67
N VAL B 153 33.38 -7.48 34.82
CA VAL B 153 34.66 -8.16 34.58
C VAL B 153 35.61 -7.95 35.76
N LYS B 154 35.73 -6.70 36.21
CA LYS B 154 36.65 -6.40 37.31
C LYS B 154 36.13 -6.93 38.63
N PHE B 155 34.83 -6.88 38.85
CA PHE B 155 34.22 -7.35 40.10
C PHE B 155 33.13 -8.37 39.80
N PRO B 156 33.49 -9.62 39.52
CA PRO B 156 32.45 -10.64 39.31
C PRO B 156 31.79 -11.11 40.59
N HIS B 157 32.46 -10.92 41.73
CA HIS B 157 31.92 -11.42 42.99
C HIS B 157 30.75 -10.61 43.51
N LEU B 158 30.61 -9.36 43.06
CA LEU B 158 29.48 -8.56 43.51
C LEU B 158 28.18 -9.02 42.85
N PHE B 159 28.27 -9.58 41.66
CA PHE B 159 27.11 -10.02 40.89
C PHE B 159 26.94 -11.52 41.13
N LYS B 160 26.06 -11.87 42.06
CA LYS B 160 25.85 -13.26 42.42
C LYS B 160 24.45 -13.42 42.99
N GLY B 161 23.74 -14.44 42.54
CA GLY B 161 22.42 -14.74 43.05
C GLY B 161 21.37 -13.73 42.60
N ASN B 162 20.87 -12.95 43.56
CA ASN B 162 19.80 -11.99 43.25
C ASN B 162 20.34 -10.81 42.44
N ARG B 163 21.58 -10.42 42.69
CA ARG B 163 22.17 -9.28 42.00
C ARG B 163 22.76 -9.76 40.68
N LYS B 164 22.17 -9.31 39.58
CA LYS B 164 22.54 -9.76 38.24
C LYS B 164 22.83 -8.56 37.36
N PRO B 165 23.74 -8.70 36.40
CA PRO B 165 24.03 -7.59 35.50
C PRO B 165 22.90 -7.34 34.52
N THR B 166 22.96 -6.17 33.89
CA THR B 166 21.95 -5.77 32.93
C THR B 166 22.13 -6.56 31.64
N SER B 167 21.03 -7.01 31.04
CA SER B 167 21.07 -7.83 29.85
C SER B 167 20.80 -7.05 28.56
N GLY B 168 19.91 -6.06 28.61
CA GLY B 168 19.58 -5.33 27.40
C GLY B 168 19.59 -3.83 27.58
N ILE B 169 20.45 -3.14 26.84
CA ILE B 169 20.63 -1.69 26.96
C ILE B 169 20.38 -1.06 25.60
N LEU B 170 19.46 -0.11 25.56
CA LEU B 170 19.14 0.64 24.34
C LEU B 170 19.71 2.04 24.43
N LEU B 171 20.22 2.54 23.30
CA LEU B 171 20.58 3.93 23.10
C LEU B 171 19.73 4.46 21.96
N TYR B 172 19.35 5.73 22.05
CA TYR B 172 18.56 6.33 20.99
C TYR B 172 18.75 7.85 21.05
N GLY B 173 18.22 8.51 20.03
CA GLY B 173 18.27 9.94 19.97
C GLY B 173 18.32 10.45 18.55
N PRO B 174 18.56 11.75 18.40
CA PRO B 174 18.72 12.34 17.06
C PRO B 174 20.01 11.86 16.42
N PRO B 175 20.13 11.97 15.09
CA PRO B 175 21.33 11.45 14.43
C PRO B 175 22.56 12.26 14.76
N GLY B 176 23.62 11.55 15.17
CA GLY B 176 24.90 12.19 15.39
C GLY B 176 25.10 12.78 16.76
N THR B 177 24.34 12.32 17.74
CA THR B 177 24.58 12.73 19.11
C THR B 177 25.66 11.89 19.78
N GLY B 178 26.26 10.95 19.07
CA GLY B 178 27.37 10.18 19.57
C GLY B 178 27.05 8.76 19.96
N LYS B 179 26.06 8.14 19.32
CA LYS B 179 25.64 6.81 19.75
C LYS B 179 26.62 5.75 19.29
N SER B 180 26.87 5.67 17.98
CA SER B 180 27.75 4.64 17.45
C SER B 180 29.20 4.89 17.83
N TYR B 181 29.56 6.15 18.05
CA TYR B 181 30.90 6.45 18.54
C TYR B 181 31.07 6.00 19.98
N LEU B 182 30.00 6.08 20.77
CA LEU B 182 30.02 5.51 22.11
C LEU B 182 30.12 3.99 22.05
N ALA B 183 29.48 3.38 21.05
CA ALA B 183 29.65 1.95 20.85
C ALA B 183 31.09 1.61 20.45
N LYS B 184 31.75 2.50 19.72
CA LYS B 184 33.17 2.32 19.45
C LYS B 184 33.98 2.38 20.73
N ALA B 185 33.62 3.30 21.64
CA ALA B 185 34.34 3.44 22.89
C ALA B 185 34.16 2.21 23.77
N VAL B 186 32.96 1.64 23.78
CA VAL B 186 32.75 0.39 24.51
C VAL B 186 33.51 -0.74 23.85
N ALA B 187 33.60 -0.71 22.51
CA ALA B 187 34.31 -1.76 21.78
C ALA B 187 35.80 -1.73 22.06
N THR B 188 36.38 -0.54 22.23
CA THR B 188 37.79 -0.46 22.57
C THR B 188 38.00 -0.79 24.04
N GLU B 189 37.14 -0.28 24.91
CA GLU B 189 37.29 -0.47 26.34
C GLU B 189 36.62 -1.75 26.85
N ALA B 190 36.34 -2.70 25.96
CA ALA B 190 35.59 -3.88 26.35
C ALA B 190 36.45 -4.85 27.13
N ASN B 191 37.58 -5.25 26.54
CA ASN B 191 38.34 -6.44 26.91
C ASN B 191 37.41 -7.66 27.00
N SER B 192 36.59 -7.78 25.98
CA SER B 192 35.66 -8.89 25.88
C SER B 192 35.43 -9.17 24.40
N THR B 193 34.85 -10.33 24.11
CA THR B 193 34.58 -10.72 22.74
C THR B 193 33.43 -9.87 22.23
N PHE B 194 33.76 -8.77 21.55
CA PHE B 194 32.78 -7.81 21.09
C PHE B 194 32.24 -8.24 19.74
N PHE B 195 31.05 -8.83 19.72
CA PHE B 195 30.38 -9.05 18.46
C PHE B 195 29.68 -7.79 18.02
N SER B 196 29.39 -7.72 16.72
CA SER B 196 28.60 -6.64 16.15
C SER B 196 27.99 -7.15 14.86
N VAL B 197 26.71 -6.86 14.68
CA VAL B 197 26.00 -7.36 13.50
C VAL B 197 25.02 -6.29 13.04
N SER B 198 24.94 -6.12 11.74
CA SER B 198 23.95 -5.25 11.14
C SER B 198 22.71 -6.07 10.80
N SER B 199 21.83 -5.49 9.99
CA SER B 199 20.70 -6.25 9.49
C SER B 199 21.07 -7.13 8.31
N SER B 200 22.30 -7.01 7.82
CA SER B 200 22.70 -7.76 6.63
C SER B 200 22.91 -9.23 6.94
N ASP B 201 23.66 -9.52 8.00
CA ASP B 201 24.12 -10.88 8.22
C ASP B 201 23.02 -11.75 8.81
N LEU B 202 21.91 -11.14 9.23
CA LEU B 202 20.82 -11.92 9.81
C LEU B 202 19.86 -12.40 8.74
N VAL B 203 19.56 -11.56 7.75
CA VAL B 203 18.57 -11.91 6.74
C VAL B 203 19.19 -12.75 5.64
N SER B 204 18.82 -14.02 5.54
CA SER B 204 19.47 -14.90 4.57
C SER B 204 18.58 -15.11 3.36
N LYS B 205 19.07 -15.94 2.43
CA LYS B 205 18.43 -16.15 1.14
C LYS B 205 17.18 -17.01 1.34
N TRP B 206 17.31 -18.27 1.75
CA TRP B 206 16.32 -19.25 1.33
C TRP B 206 15.08 -19.24 2.21
N MET B 207 15.14 -19.91 3.37
CA MET B 207 14.10 -19.75 4.37
C MET B 207 14.63 -19.93 5.78
N GLY B 208 15.69 -20.73 5.91
CA GLY B 208 16.01 -21.28 7.22
C GLY B 208 17.23 -20.63 7.83
N GLU B 209 18.18 -20.21 7.00
CA GLU B 209 19.41 -19.63 7.52
C GLU B 209 19.19 -18.21 8.03
N SER B 210 18.01 -17.64 7.74
CA SER B 210 17.67 -16.32 8.26
C SER B 210 17.45 -16.36 9.77
N GLU B 211 17.21 -17.55 10.32
CA GLU B 211 16.85 -17.66 11.72
C GLU B 211 17.87 -18.48 12.50
N LYS B 212 18.40 -19.53 11.88
CA LYS B 212 19.39 -20.36 12.54
C LYS B 212 20.70 -19.60 12.76
N LEU B 213 20.96 -18.59 11.93
CA LEU B 213 22.13 -17.75 12.14
C LEU B 213 21.96 -16.86 13.36
N VAL B 214 20.72 -16.49 13.68
CA VAL B 214 20.47 -15.75 14.92
C VAL B 214 20.74 -16.67 16.10
N LYS B 215 20.24 -17.91 16.00
CA LYS B 215 20.46 -18.91 17.03
C LYS B 215 21.95 -19.20 17.24
N GLN B 216 22.70 -19.32 16.15
CA GLN B 216 24.13 -19.52 16.28
C GLN B 216 24.83 -18.24 16.74
N LEU B 217 24.23 -17.07 16.51
CA LEU B 217 24.85 -15.84 16.96
C LEU B 217 24.82 -15.74 18.47
N PHE B 218 23.65 -15.93 19.07
CA PHE B 218 23.60 -15.91 20.53
C PHE B 218 24.22 -17.15 21.12
N ALA B 219 24.26 -18.25 20.37
CA ALA B 219 24.90 -19.48 20.84
C ALA B 219 26.40 -19.28 20.99
N MET B 220 27.07 -18.90 19.89
CA MET B 220 28.51 -18.67 19.95
C MET B 220 28.85 -17.43 20.76
N ALA B 221 27.90 -16.50 20.90
CA ALA B 221 28.07 -15.40 21.83
C ALA B 221 28.15 -15.90 23.27
N ARG B 222 27.30 -16.88 23.62
CA ARG B 222 27.42 -17.49 24.94
C ARG B 222 28.64 -18.39 25.03
N GLU B 223 29.14 -18.89 23.90
CA GLU B 223 30.35 -19.71 23.93
C GLU B 223 31.57 -18.87 24.26
N ASN B 224 31.60 -17.62 23.81
CA ASN B 224 32.72 -16.73 24.07
C ASN B 224 32.42 -15.75 25.20
N LYS B 225 31.66 -16.20 26.21
CA LYS B 225 31.33 -15.33 27.32
C LYS B 225 32.56 -15.11 28.19
N PRO B 226 32.70 -13.92 28.83
CA PRO B 226 31.87 -12.71 28.81
C PRO B 226 32.00 -11.96 27.50
N SER B 227 30.85 -11.47 27.08
CA SER B 227 30.78 -10.90 25.75
C SER B 227 29.78 -9.76 25.69
N ILE B 228 29.88 -8.96 24.63
CA ILE B 228 29.01 -7.83 24.37
C ILE B 228 28.57 -7.90 22.92
N ILE B 229 27.28 -7.73 22.67
CA ILE B 229 26.72 -7.73 21.33
C ILE B 229 26.14 -6.36 21.07
N PHE B 230 26.51 -5.77 19.95
CA PHE B 230 25.91 -4.51 19.49
C PHE B 230 25.12 -4.77 18.23
N ILE B 231 23.95 -4.16 18.13
CA ILE B 231 23.15 -4.19 16.92
C ILE B 231 22.85 -2.74 16.57
N ASP B 232 23.13 -2.36 15.32
CA ASP B 232 22.86 -1.00 14.88
C ASP B 232 21.57 -0.97 14.08
N GLU B 233 20.73 0.00 14.42
CA GLU B 233 19.44 0.30 13.76
C GLU B 233 18.53 -0.94 13.78
N VAL B 234 18.08 -1.25 14.99
CA VAL B 234 17.19 -2.37 15.26
C VAL B 234 15.79 -2.13 14.72
N ASP B 235 15.53 -0.92 14.20
CA ASP B 235 14.25 -0.62 13.57
C ASP B 235 13.98 -1.44 12.32
N ALA B 236 15.01 -2.03 11.72
CA ALA B 236 14.84 -2.90 10.57
C ALA B 236 14.40 -4.30 10.94
N LEU B 237 14.18 -4.60 12.21
CA LEU B 237 13.80 -5.93 12.65
C LEU B 237 12.52 -5.95 13.46
N THR B 238 11.93 -4.80 13.73
CA THR B 238 10.77 -4.67 14.59
C THR B 238 9.50 -4.41 13.77
N GLY B 239 8.41 -4.07 14.46
CA GLY B 239 7.20 -3.63 13.81
C GLY B 239 6.23 -4.74 13.48
N THR B 240 5.79 -5.49 14.49
CA THR B 240 4.85 -6.57 14.26
C THR B 240 3.43 -6.09 14.04
N ARG B 241 3.15 -4.81 14.27
CA ARG B 241 1.80 -4.29 14.12
C ARG B 241 1.45 -4.16 12.64
N GLY B 242 0.30 -4.72 12.28
CA GLY B 242 -0.01 -4.94 10.89
C GLY B 242 0.59 -6.25 10.40
N GLU B 243 0.50 -6.46 9.09
CA GLU B 243 1.04 -7.66 8.49
C GLU B 243 2.10 -7.35 7.42
N GLY B 244 2.56 -6.11 7.33
CA GLY B 244 3.66 -5.81 6.45
C GLY B 244 4.96 -6.40 6.96
N GLU B 245 5.83 -6.78 6.00
CA GLU B 245 7.15 -7.36 6.24
C GLU B 245 7.00 -8.65 7.07
N SER B 246 6.14 -9.52 6.54
CA SER B 246 5.45 -10.52 7.36
C SER B 246 6.38 -11.62 7.84
N GLU B 247 6.92 -12.41 6.90
CA GLU B 247 7.65 -13.61 7.29
C GLU B 247 8.99 -13.25 7.93
N ALA B 248 9.68 -12.25 7.38
CA ALA B 248 10.95 -11.84 7.96
C ALA B 248 10.77 -11.25 9.35
N SER B 249 9.72 -10.44 9.53
CA SER B 249 9.49 -9.81 10.83
C SER B 249 9.08 -10.84 11.87
N ARG B 250 8.15 -11.74 11.52
CA ARG B 250 7.67 -12.72 12.49
C ARG B 250 8.74 -13.75 12.83
N ARG B 251 9.40 -14.31 11.81
CA ARG B 251 10.40 -15.34 12.07
C ARG B 251 11.64 -14.78 12.73
N ILE B 252 12.22 -13.74 12.12
CA ILE B 252 13.49 -13.21 12.62
C ILE B 252 13.29 -12.49 13.95
N LYS B 253 12.21 -11.73 14.05
CA LYS B 253 11.93 -11.01 15.28
C LYS B 253 11.52 -11.95 16.40
N THR B 254 10.76 -13.00 16.05
CA THR B 254 10.41 -14.03 17.02
C THR B 254 11.65 -14.73 17.56
N GLU B 255 12.61 -15.03 16.68
CA GLU B 255 13.84 -15.64 17.17
C GLU B 255 14.68 -14.66 17.97
N LEU B 256 14.57 -13.36 17.68
CA LEU B 256 15.25 -12.38 18.52
C LEU B 256 14.65 -12.34 19.92
N LEU B 257 13.32 -12.47 20.02
CA LEU B 257 12.66 -12.46 21.32
C LEU B 257 12.99 -13.71 22.12
N VAL B 258 12.63 -14.87 21.58
CA VAL B 258 12.77 -16.14 22.30
C VAL B 258 14.24 -16.49 22.51
N GLN B 259 15.05 -16.23 21.49
CA GLN B 259 16.47 -16.50 21.61
C GLN B 259 17.17 -15.47 22.48
N MET B 260 16.58 -14.28 22.63
CA MET B 260 17.17 -13.29 23.52
C MET B 260 16.94 -13.67 24.98
N ASN B 261 15.70 -13.97 25.34
CA ASN B 261 15.46 -14.76 26.55
C ASN B 261 14.20 -15.60 26.32
N GLY B 262 14.19 -16.77 26.95
CA GLY B 262 13.22 -17.77 26.59
C GLY B 262 13.23 -18.94 27.54
N VAL B 263 13.23 -20.15 26.99
CA VAL B 263 13.08 -21.35 27.78
C VAL B 263 14.37 -21.63 28.54
N GLY B 264 15.44 -21.88 27.81
CA GLY B 264 16.69 -22.27 28.42
C GLY B 264 17.87 -21.47 27.94
N ASN B 265 17.63 -20.21 27.60
CA ASN B 265 18.71 -19.33 27.23
C ASN B 265 19.41 -18.83 28.48
N ASP B 266 20.74 -18.91 28.47
CA ASP B 266 21.51 -18.30 29.55
C ASP B 266 21.57 -16.80 29.32
N SER B 267 20.61 -16.08 29.92
CA SER B 267 20.54 -14.63 29.76
C SER B 267 21.68 -13.91 30.47
N GLN B 268 22.31 -14.56 31.45
CA GLN B 268 23.52 -14.01 32.04
C GLN B 268 24.67 -14.08 31.05
N GLY B 269 25.73 -13.32 31.34
CA GLY B 269 26.84 -13.30 30.42
C GLY B 269 26.75 -12.17 29.43
N VAL B 270 26.17 -12.46 28.26
CA VAL B 270 26.20 -11.54 27.13
C VAL B 270 25.35 -10.30 27.40
N LEU B 271 25.43 -9.41 26.43
CA LEU B 271 24.83 -8.09 26.56
C LEU B 271 24.44 -7.60 25.18
N VAL B 272 23.21 -7.14 25.04
CA VAL B 272 22.69 -6.73 23.74
C VAL B 272 22.59 -5.21 23.73
N LEU B 273 23.42 -4.57 22.92
CA LEU B 273 23.40 -3.12 22.76
C LEU B 273 22.60 -2.76 21.52
N GLY B 274 21.53 -2.01 21.72
CA GLY B 274 20.67 -1.57 20.63
C GLY B 274 20.88 -0.10 20.34
N ALA B 275 20.90 0.24 19.06
CA ALA B 275 20.91 1.63 18.61
C ALA B 275 19.77 1.83 17.65
N THR B 276 19.29 3.07 17.57
CA THR B 276 18.31 3.47 16.56
C THR B 276 18.29 4.98 16.45
N ASN B 277 17.60 5.45 15.42
CA ASN B 277 17.21 6.84 15.31
C ASN B 277 15.71 7.02 15.44
N ILE B 278 14.95 5.94 15.27
CA ILE B 278 13.49 5.99 15.37
C ILE B 278 13.08 5.03 16.48
N PRO B 279 12.86 5.51 17.71
CA PRO B 279 12.46 4.62 18.79
C PRO B 279 10.96 4.47 18.96
N TRP B 280 10.15 5.32 18.34
CA TRP B 280 8.71 5.16 18.48
C TRP B 280 8.16 4.07 17.57
N GLN B 281 8.80 3.84 16.42
CA GLN B 281 8.40 2.72 15.59
C GLN B 281 8.93 1.39 16.13
N LEU B 282 9.83 1.42 17.11
CA LEU B 282 10.23 0.21 17.80
C LEU B 282 9.05 -0.35 18.57
N ASP B 283 8.83 -1.65 18.44
CA ASP B 283 7.70 -2.29 19.10
C ASP B 283 7.92 -2.36 20.61
N SER B 284 6.80 -2.31 21.35
CA SER B 284 6.84 -2.27 22.80
C SER B 284 7.44 -3.53 23.41
N ALA B 285 7.34 -4.67 22.73
CA ALA B 285 7.92 -5.90 23.27
C ALA B 285 9.44 -5.85 23.24
N ILE B 286 10.02 -5.40 22.12
CA ILE B 286 11.46 -5.24 22.04
C ILE B 286 11.89 -4.07 22.91
N ARG B 287 10.99 -3.09 23.10
CA ARG B 287 11.23 -2.01 24.03
C ARG B 287 11.38 -2.54 25.45
N ARG B 288 10.61 -3.57 25.79
CA ARG B 288 10.79 -4.20 27.10
C ARG B 288 12.03 -5.08 27.12
N ARG B 289 12.39 -5.67 25.98
CA ARG B 289 13.62 -6.46 25.89
C ARG B 289 14.85 -5.63 26.20
N PHE B 290 14.89 -4.42 25.67
CA PHE B 290 15.98 -3.50 25.97
C PHE B 290 15.59 -2.80 27.26
N GLU B 291 15.95 -3.44 28.37
CA GLU B 291 15.32 -3.11 29.64
C GLU B 291 15.84 -1.81 30.25
N ARG B 292 16.97 -1.30 29.79
CA ARG B 292 17.53 -0.06 30.32
C ARG B 292 17.88 0.83 29.13
N ARG B 293 16.97 1.74 28.80
CA ARG B 293 17.13 2.57 27.62
C ARG B 293 17.57 3.98 28.01
N ILE B 294 18.39 4.59 27.16
CA ILE B 294 19.03 5.87 27.47
C ILE B 294 18.88 6.78 26.25
N TYR B 295 18.32 7.96 26.47
CA TYR B 295 18.28 8.98 25.44
C TYR B 295 19.60 9.73 25.38
N ILE B 296 20.04 10.04 24.16
CA ILE B 296 21.28 10.74 23.92
C ILE B 296 20.96 12.07 23.26
N PRO B 297 20.94 13.16 24.02
CA PRO B 297 20.56 14.47 23.47
C PRO B 297 21.67 15.09 22.63
N LEU B 298 21.35 16.25 22.08
CA LEU B 298 22.37 17.10 21.51
C LEU B 298 23.30 17.59 22.62
N PRO B 299 24.58 17.74 22.33
CA PRO B 299 25.49 18.22 23.37
C PRO B 299 25.27 19.69 23.71
N ASP B 300 25.55 20.02 24.97
CA ASP B 300 25.37 21.36 25.50
C ASP B 300 26.61 22.22 25.21
N LEU B 301 26.74 23.35 25.92
CA LEU B 301 27.88 24.24 25.75
C LEU B 301 29.20 23.55 26.06
N ALA B 302 29.31 22.97 27.27
CA ALA B 302 30.59 22.48 27.75
C ALA B 302 31.06 21.24 26.98
N ALA B 303 30.14 20.37 26.58
CA ALA B 303 30.53 19.18 25.83
C ALA B 303 31.03 19.55 24.45
N ARG B 304 30.44 20.58 23.84
CA ARG B 304 30.92 21.01 22.52
C ARG B 304 32.21 21.79 22.63
N THR B 305 32.43 22.47 23.76
CA THR B 305 33.74 23.02 24.05
C THR B 305 34.77 21.90 24.13
N THR B 306 34.40 20.80 24.78
CA THR B 306 35.30 19.65 24.90
C THR B 306 35.57 19.02 23.56
N MET B 307 34.55 18.88 22.71
CA MET B 307 34.75 18.30 21.39
C MET B 307 35.54 19.22 20.48
N PHE B 308 35.44 20.53 20.67
CA PHE B 308 36.33 21.44 19.97
C PHE B 308 37.77 21.21 20.40
N GLU B 309 38.01 21.15 21.71
CA GLU B 309 39.37 20.98 22.21
C GLU B 309 39.92 19.58 21.93
N ILE B 310 39.06 18.60 21.64
CA ILE B 310 39.54 17.29 21.23
C ILE B 310 39.82 17.29 19.74
N ASN B 311 38.88 17.77 18.94
CA ASN B 311 39.02 17.68 17.50
C ASN B 311 40.03 18.66 16.93
N VAL B 312 40.50 19.65 17.70
CA VAL B 312 41.66 20.40 17.22
C VAL B 312 42.92 19.53 17.25
N GLY B 313 43.03 18.64 18.24
CA GLY B 313 44.08 17.63 18.25
C GLY B 313 45.47 18.20 18.42
N ASP B 314 46.40 17.70 17.61
CA ASP B 314 47.78 18.12 17.63
C ASP B 314 48.05 19.33 16.74
N THR B 315 47.03 19.86 16.09
CA THR B 315 47.22 21.03 15.25
C THR B 315 47.45 22.26 16.13
N PRO B 316 48.46 23.07 15.86
CA PRO B 316 48.69 24.27 16.67
C PRO B 316 47.58 25.30 16.48
N CYS B 317 46.75 25.47 17.51
CA CYS B 317 45.64 26.40 17.43
C CYS B 317 46.11 27.80 17.81
N VAL B 318 45.14 28.70 17.99
CA VAL B 318 45.43 30.08 18.32
C VAL B 318 44.60 30.58 19.50
N LEU B 319 43.57 29.85 19.91
CA LEU B 319 42.60 30.37 20.86
C LEU B 319 42.80 29.80 22.26
N THR B 320 42.02 30.34 23.19
CA THR B 320 41.99 29.93 24.59
C THR B 320 40.69 29.19 24.86
N LYS B 321 40.55 28.74 26.11
CA LYS B 321 39.41 27.90 26.50
C LYS B 321 38.09 28.68 26.44
N GLU B 322 38.09 29.91 26.93
CA GLU B 322 36.90 30.74 26.86
C GLU B 322 36.59 31.18 25.44
N ASP B 323 37.57 31.12 24.54
CA ASP B 323 37.27 31.33 23.13
C ASP B 323 36.54 30.15 22.54
N TYR B 324 36.89 28.93 22.98
CA TYR B 324 36.07 27.77 22.62
C TYR B 324 34.69 27.86 23.24
N ARG B 325 34.59 28.49 24.42
CA ARG B 325 33.27 28.75 24.99
C ARG B 325 32.48 29.74 24.14
N THR B 326 33.19 30.71 23.55
CA THR B 326 32.55 31.62 22.61
C THR B 326 32.11 30.89 21.35
N LEU B 327 32.89 29.88 20.94
CA LEU B 327 32.52 29.05 19.79
C LEU B 327 31.26 28.24 20.08
N GLY B 328 31.25 27.53 21.22
CA GLY B 328 30.08 26.75 21.59
C GLY B 328 28.86 27.59 21.84
N ALA B 329 29.06 28.83 22.31
CA ALA B 329 27.94 29.76 22.41
C ALA B 329 27.46 30.20 21.03
N MET B 330 28.36 30.27 20.06
CA MET B 330 27.96 30.64 18.70
C MET B 330 27.25 29.50 18.00
N THR B 331 27.55 28.27 18.39
CA THR B 331 27.10 27.07 17.69
C THR B 331 25.97 26.36 18.39
N GLU B 332 24.99 27.10 18.91
CA GLU B 332 23.91 26.51 19.69
C GLU B 332 23.05 25.56 18.89
N GLY B 333 23.14 24.27 19.21
CA GLY B 333 22.29 23.26 18.61
C GLY B 333 22.86 22.57 17.39
N TYR B 334 24.08 22.03 17.50
CA TYR B 334 24.64 21.22 16.42
C TYR B 334 24.58 19.74 16.81
N SER B 335 25.15 18.91 15.94
CA SER B 335 25.42 17.51 16.24
C SER B 335 26.93 17.31 16.32
N GLY B 336 27.33 16.06 16.56
CA GLY B 336 28.75 15.75 16.58
C GLY B 336 29.36 15.77 15.20
N SER B 337 28.59 15.37 14.18
CA SER B 337 29.09 15.44 12.81
C SER B 337 29.24 16.88 12.34
N ASP B 338 28.36 17.76 12.81
CA ASP B 338 28.46 19.19 12.48
C ASP B 338 29.75 19.78 13.04
N ILE B 339 30.09 19.37 14.26
CA ILE B 339 31.36 19.76 14.86
C ILE B 339 32.52 19.18 14.07
N ALA B 340 32.40 17.93 13.63
CA ALA B 340 33.47 17.28 12.88
C ALA B 340 33.71 17.96 11.54
N VAL B 341 32.67 18.51 10.91
CA VAL B 341 32.88 19.14 9.64
C VAL B 341 33.23 20.62 9.75
N VAL B 342 32.85 21.30 10.85
CA VAL B 342 33.36 22.66 10.97
C VAL B 342 34.83 22.63 11.40
N VAL B 343 35.22 21.61 12.16
CA VAL B 343 36.64 21.44 12.46
C VAL B 343 37.39 20.98 11.22
N LYS B 344 36.75 20.17 10.38
CA LYS B 344 37.36 19.74 9.13
C LYS B 344 37.59 20.92 8.19
N ASP B 345 36.57 21.76 8.01
CA ASP B 345 36.70 22.96 7.19
C ASP B 345 37.73 23.92 7.77
N ALA B 346 37.79 24.00 9.10
CA ALA B 346 38.82 24.78 9.77
C ALA B 346 40.22 24.22 9.49
N LEU B 347 40.33 22.92 9.31
CA LEU B 347 41.60 22.34 8.89
C LEU B 347 41.81 22.40 7.38
N MET B 348 40.82 22.84 6.61
CA MET B 348 40.99 22.92 5.17
C MET B 348 41.11 24.35 4.67
N GLN B 349 40.91 25.35 5.52
CA GLN B 349 41.28 26.71 5.14
C GLN B 349 42.78 26.94 4.87
N PRO B 350 43.74 26.42 5.67
CA PRO B 350 45.15 26.74 5.35
C PRO B 350 45.68 26.06 4.09
N ILE B 351 45.04 25.00 3.60
CA ILE B 351 45.44 24.47 2.29
C ILE B 351 45.00 25.44 1.19
N ARG B 352 43.78 25.98 1.33
CA ARG B 352 43.28 27.00 0.41
C ARG B 352 44.16 28.23 0.40
N LYS B 353 44.64 28.64 1.57
CA LYS B 353 45.51 29.80 1.60
C LYS B 353 46.93 29.48 1.17
N ILE B 354 47.40 28.24 1.39
CA ILE B 354 48.77 27.92 1.02
C ILE B 354 48.89 27.70 -0.49
N GLN B 355 47.80 27.32 -1.17
CA GLN B 355 47.85 27.16 -2.61
C GLN B 355 47.11 28.24 -3.35
N SER B 356 46.49 29.18 -2.62
CA SER B 356 45.76 30.29 -3.21
C SER B 356 46.67 31.38 -3.80
N ALA B 357 46.21 32.00 -4.89
CA ALA B 357 46.91 33.10 -5.56
C ALA B 357 48.35 32.77 -5.97
N THR B 358 49.27 33.70 -5.65
CA THR B 358 50.66 33.50 -5.97
C THR B 358 51.53 34.05 -4.85
N HIS B 359 52.41 33.22 -4.33
CA HIS B 359 53.34 33.69 -3.27
C HIS B 359 53.39 32.86 -1.97
N PHE B 360 54.59 32.34 -1.69
CA PHE B 360 54.91 31.69 -0.41
C PHE B 360 56.16 32.37 0.20
N LYS B 361 56.65 31.84 1.31
CA LYS B 361 57.71 32.49 2.06
C LYS B 361 58.36 31.53 3.06
N ASP B 362 59.67 31.60 3.19
CA ASP B 362 60.41 30.72 4.12
C ASP B 362 60.31 31.25 5.56
N VAL B 363 60.22 30.32 6.51
CA VAL B 363 60.19 30.62 7.94
C VAL B 363 61.04 29.62 8.72
N SER B 364 61.17 29.85 10.04
CA SER B 364 61.99 29.02 10.97
C SER B 364 63.42 29.57 11.20
N GLU B 369 64.65 22.68 10.57
CA GLU B 369 65.11 21.45 9.92
C GLU B 369 65.02 21.51 8.38
N THR B 370 65.76 22.45 7.80
CA THR B 370 65.96 22.62 6.34
C THR B 370 64.71 23.06 5.52
N ARG B 371 64.65 24.34 5.21
CA ARG B 371 63.65 24.93 4.33
C ARG B 371 62.23 24.63 4.74
N LYS B 372 61.43 25.67 4.89
CA LYS B 372 59.97 25.50 5.18
C LYS B 372 59.10 26.72 4.82
N LEU B 373 58.27 26.56 3.79
CA LEU B 373 57.51 27.69 3.24
C LEU B 373 55.99 27.62 3.34
N THR B 374 55.39 28.78 3.58
CA THR B 374 53.96 28.94 3.86
C THR B 374 53.35 30.05 2.99
N PRO B 375 52.03 30.02 2.74
CA PRO B 375 51.41 31.07 1.95
C PRO B 375 51.45 32.42 2.64
N CYS B 376 51.78 33.45 1.86
CA CYS B 376 51.77 34.84 2.34
C CYS B 376 51.28 35.77 1.24
N SER B 377 50.83 36.97 1.63
CA SER B 377 50.28 37.96 0.70
C SER B 377 51.29 38.41 -0.38
N PRO B 378 50.81 38.94 -1.53
CA PRO B 378 51.75 39.48 -2.53
C PRO B 378 52.62 40.61 -1.96
N GLY B 379 53.93 40.40 -1.98
CA GLY B 379 54.88 41.40 -1.49
C GLY B 379 54.98 41.40 0.02
N ASP B 380 55.93 40.60 0.53
CA ASP B 380 56.17 40.42 1.97
C ASP B 380 57.64 40.01 2.22
N ASP B 381 58.04 39.93 3.49
CA ASP B 381 59.41 39.57 3.90
C ASP B 381 59.82 38.16 3.41
N GLY B 382 60.43 38.10 2.23
CA GLY B 382 60.87 36.84 1.63
C GLY B 382 59.81 36.18 0.75
N ALA B 383 58.86 37.00 0.27
CA ALA B 383 57.76 36.54 -0.56
C ALA B 383 58.18 36.22 -1.99
N ILE B 384 58.52 34.95 -2.24
CA ILE B 384 58.71 34.41 -3.59
C ILE B 384 57.33 34.20 -4.24
N GLU B 385 57.26 34.21 -5.57
CA GLU B 385 55.99 33.96 -6.27
C GLU B 385 55.96 32.54 -6.86
N MET B 386 55.01 31.74 -6.39
CA MET B 386 54.91 30.34 -6.82
C MET B 386 53.55 29.73 -6.51
N SER B 387 53.41 28.44 -6.84
CA SER B 387 52.24 27.66 -6.52
C SER B 387 52.65 26.45 -5.67
N TRP B 388 51.70 25.85 -4.96
CA TRP B 388 51.97 24.69 -4.10
C TRP B 388 52.66 23.56 -4.85
N THR B 389 52.32 23.46 -6.12
CA THR B 389 52.87 22.48 -7.04
C THR B 389 54.39 22.65 -7.18
N ASP B 390 54.84 23.90 -7.08
CA ASP B 390 56.25 24.26 -7.22
C ASP B 390 57.06 23.81 -6.01
N ILE B 391 56.37 23.51 -4.92
CA ILE B 391 57.07 23.34 -3.64
C ILE B 391 57.28 21.89 -3.26
N GLU B 392 58.42 21.63 -2.65
CA GLU B 392 58.92 20.28 -2.42
C GLU B 392 58.14 19.53 -1.35
N ALA B 393 58.07 18.21 -1.53
CA ALA B 393 57.48 17.29 -0.57
C ALA B 393 57.86 17.68 0.86
N ASP B 394 56.87 17.58 1.75
CA ASP B 394 56.98 17.99 3.16
C ASP B 394 57.24 19.49 3.38
N GLU B 395 58.32 20.01 2.80
CA GLU B 395 58.82 21.35 3.12
C GLU B 395 57.81 22.48 2.94
N LEU B 396 56.53 22.13 3.03
CA LEU B 396 55.45 23.11 2.93
C LEU B 396 54.59 23.02 4.19
N LYS B 397 54.39 24.14 4.87
CA LYS B 397 53.59 24.18 6.08
C LYS B 397 52.52 25.26 6.00
N GLU B 398 51.29 24.93 6.38
CA GLU B 398 50.22 25.92 6.34
C GLU B 398 50.04 26.71 7.65
N PRO B 399 49.56 27.94 7.52
CA PRO B 399 49.34 28.82 8.69
C PRO B 399 48.44 28.14 9.70
N ASP B 400 48.75 28.34 10.97
CA ASP B 400 47.98 27.71 12.05
C ASP B 400 46.53 28.17 12.08
N LEU B 401 45.64 27.22 12.33
CA LEU B 401 44.21 27.47 12.42
C LEU B 401 44.01 28.76 13.19
N THR B 402 43.06 29.56 12.71
CA THR B 402 42.75 30.86 13.29
C THR B 402 41.25 30.92 13.60
N ILE B 403 40.87 31.87 14.44
CA ILE B 403 39.48 32.06 14.85
C ILE B 403 38.54 32.33 13.67
N LYS B 404 39.02 33.08 12.69
CA LYS B 404 38.21 33.40 11.52
C LYS B 404 37.79 32.13 10.79
N ASP B 405 38.70 31.17 10.67
CA ASP B 405 38.36 29.92 10.00
C ASP B 405 37.23 29.21 10.73
N PHE B 406 37.22 29.30 12.06
CA PHE B 406 36.15 28.71 12.86
C PHE B 406 34.82 29.39 12.55
N LEU B 407 34.79 30.73 12.62
CA LEU B 407 33.55 31.47 12.38
C LEU B 407 33.09 31.34 10.95
N LYS B 408 34.03 31.22 10.00
CA LYS B 408 33.68 30.95 8.62
C LYS B 408 33.04 29.58 8.48
N ALA B 409 33.55 28.61 9.25
CA ALA B 409 32.94 27.28 9.24
C ALA B 409 31.57 27.29 9.93
N ILE B 410 31.37 28.19 10.89
CA ILE B 410 30.06 28.33 11.52
C ILE B 410 29.06 28.91 10.52
N LYS B 411 29.50 29.90 9.74
CA LYS B 411 28.65 30.43 8.69
C LYS B 411 28.48 29.47 7.52
N SER B 412 29.28 28.40 7.46
CA SER B 412 29.19 27.48 6.33
C SER B 412 28.00 26.54 6.44
N THR B 413 27.67 26.05 7.64
CA THR B 413 26.79 24.89 7.74
C THR B 413 25.71 25.06 8.82
N ARG B 414 24.46 24.80 8.46
CA ARG B 414 23.37 24.75 9.43
C ARG B 414 23.54 23.52 10.33
N PRO B 415 22.96 23.57 11.55
CA PRO B 415 22.46 22.37 12.21
C PRO B 415 21.71 21.40 11.30
N THR B 416 21.93 20.11 11.53
CA THR B 416 21.38 19.06 10.68
C THR B 416 19.96 18.70 11.05
N VAL B 417 19.65 18.64 12.34
CA VAL B 417 18.40 18.04 12.79
C VAL B 417 17.28 19.07 12.74
N ASN B 418 16.05 18.57 12.73
CA ASN B 418 14.84 19.38 12.70
C ASN B 418 14.16 19.32 14.05
N GLU B 419 13.36 20.35 14.36
CA GLU B 419 12.93 20.53 15.74
C GLU B 419 11.64 19.80 16.06
N ASP B 420 10.81 19.46 15.08
CA ASP B 420 9.64 18.63 15.36
C ASP B 420 10.04 17.20 15.64
N ASP B 421 11.10 16.72 14.97
CA ASP B 421 11.70 15.45 15.33
C ASP B 421 12.25 15.48 16.75
N LEU B 422 12.78 16.63 17.17
CA LEU B 422 13.16 16.82 18.56
C LEU B 422 11.94 16.79 19.48
N LEU B 423 10.78 17.23 18.99
CA LEU B 423 9.57 17.12 19.81
C LEU B 423 9.15 15.67 19.97
N LYS B 424 9.37 14.83 18.95
CA LYS B 424 9.07 13.42 19.11
C LYS B 424 10.09 12.73 19.99
N GLN B 425 11.35 13.18 19.95
CA GLN B 425 12.35 12.67 20.88
C GLN B 425 12.04 13.10 22.31
N GLU B 426 11.43 14.27 22.48
CA GLU B 426 10.97 14.65 23.80
C GLU B 426 9.70 13.93 24.19
N GLN B 427 8.96 13.40 23.22
CA GLN B 427 7.80 12.59 23.53
C GLN B 427 8.22 11.23 24.06
N PHE B 428 9.00 10.50 23.27
CA PHE B 428 9.46 9.18 23.69
C PHE B 428 10.45 9.27 24.85
N THR B 429 11.25 10.33 24.90
CA THR B 429 12.15 10.51 26.02
C THR B 429 11.39 10.90 27.27
N ARG B 430 10.41 11.79 27.13
CA ARG B 430 9.60 12.25 28.25
C ARG B 430 8.79 11.10 28.83
N ASP B 431 8.39 10.14 28.00
CA ASP B 431 7.73 8.96 28.55
C ASP B 431 8.75 7.95 29.04
N PHE B 432 9.51 7.35 28.13
CA PHE B 432 10.25 6.12 28.39
C PHE B 432 11.71 6.33 28.73
N GLY B 433 12.20 7.57 28.69
CA GLY B 433 13.62 7.83 28.89
C GLY B 433 14.15 7.60 30.30
N LEU C 119 28.33 -15.81 -3.60
CA LEU C 119 29.16 -14.61 -3.62
C LEU C 119 29.40 -14.17 -5.05
N SER C 120 28.39 -14.37 -5.89
CA SER C 120 28.46 -13.89 -7.26
C SER C 120 28.35 -12.37 -7.28
N SER C 121 29.41 -11.71 -7.75
CA SER C 121 29.47 -10.26 -7.78
C SER C 121 29.26 -9.77 -9.21
N ALA C 122 28.34 -8.82 -9.38
CA ALA C 122 28.07 -8.20 -10.66
C ALA C 122 28.30 -6.70 -10.52
N ILE C 123 29.34 -6.19 -11.17
CA ILE C 123 29.79 -4.82 -10.97
C ILE C 123 29.89 -4.10 -12.30
N LEU C 124 30.38 -2.86 -12.27
CA LEU C 124 30.64 -2.09 -13.49
C LEU C 124 31.66 -1.00 -13.18
N SER C 125 32.19 -0.40 -14.24
CA SER C 125 33.16 0.69 -14.18
C SER C 125 33.06 1.46 -15.50
N GLU C 126 33.79 2.57 -15.61
CA GLU C 126 33.53 3.53 -16.67
C GLU C 126 34.81 3.96 -17.35
N LYS C 127 34.64 4.56 -18.54
CA LYS C 127 35.70 5.27 -19.26
C LYS C 127 35.14 6.53 -19.91
N PRO C 128 34.88 7.60 -19.14
CA PRO C 128 34.26 8.79 -19.72
C PRO C 128 35.27 9.79 -20.24
N ASN C 129 34.81 10.95 -20.73
CA ASN C 129 35.73 11.97 -21.24
C ASN C 129 35.08 13.34 -21.05
N VAL C 130 35.39 13.97 -19.91
CA VAL C 130 34.95 15.33 -19.57
C VAL C 130 36.07 16.01 -18.81
N LYS C 131 36.46 17.21 -19.24
CA LYS C 131 37.51 17.96 -18.56
C LYS C 131 36.95 19.18 -17.85
N TRP C 132 37.83 19.87 -17.11
CA TRP C 132 37.41 20.83 -16.09
C TRP C 132 36.78 22.07 -16.70
N GLU C 133 37.39 22.61 -17.76
CA GLU C 133 36.96 23.90 -18.27
C GLU C 133 35.61 23.85 -18.98
N ASP C 134 35.08 22.65 -19.23
CA ASP C 134 33.78 22.52 -19.88
C ASP C 134 32.64 22.94 -18.97
N VAL C 135 32.83 22.91 -17.67
CA VAL C 135 31.82 23.36 -16.72
C VAL C 135 32.04 24.84 -16.46
N ALA C 136 30.98 25.63 -16.56
CA ALA C 136 31.06 27.06 -16.34
C ALA C 136 30.40 27.43 -15.02
N GLY C 137 30.97 28.43 -14.35
CA GLY C 137 30.52 28.76 -13.02
C GLY C 137 30.89 27.64 -12.05
N LEU C 138 30.11 27.57 -10.97
CA LEU C 138 30.10 26.44 -10.03
C LEU C 138 31.46 26.24 -9.36
N GLU C 139 32.13 27.34 -9.07
CA GLU C 139 33.51 27.29 -8.60
C GLU C 139 33.63 26.73 -7.19
N GLY C 140 32.55 26.82 -6.41
CA GLY C 140 32.56 26.20 -5.10
C GLY C 140 32.54 24.69 -5.18
N ALA C 141 31.74 24.14 -6.10
CA ALA C 141 31.71 22.70 -6.29
C ALA C 141 33.01 22.21 -6.92
N LYS C 142 33.56 22.99 -7.86
CA LYS C 142 34.86 22.66 -8.43
C LYS C 142 35.95 22.67 -7.37
N GLU C 143 35.89 23.65 -6.46
CA GLU C 143 36.88 23.73 -5.39
C GLU C 143 36.74 22.56 -4.44
N ALA C 144 35.51 22.23 -4.05
CA ALA C 144 35.27 21.16 -3.08
C ALA C 144 35.61 19.79 -3.66
N LEU C 145 35.40 19.61 -4.95
CA LEU C 145 35.71 18.31 -5.53
C LEU C 145 37.17 18.18 -5.94
N LYS C 146 37.84 19.28 -6.28
CA LYS C 146 39.29 19.20 -6.46
C LYS C 146 39.98 18.93 -5.14
N GLU C 147 39.56 19.59 -4.06
CA GLU C 147 40.15 19.31 -2.77
C GLU C 147 39.66 17.99 -2.17
N ALA C 148 38.57 17.43 -2.70
CA ALA C 148 38.06 16.16 -2.22
C ALA C 148 38.52 14.98 -3.06
N VAL C 149 39.08 15.22 -4.24
CA VAL C 149 39.46 14.13 -5.13
C VAL C 149 40.94 14.23 -5.49
N ILE C 150 41.35 15.37 -6.03
CA ILE C 150 42.71 15.53 -6.50
C ILE C 150 43.66 15.66 -5.33
N LEU C 151 43.29 16.47 -4.35
CA LEU C 151 44.14 16.69 -3.19
C LEU C 151 44.41 15.46 -2.32
N PRO C 152 43.48 14.51 -2.10
CA PRO C 152 43.90 13.29 -1.39
C PRO C 152 44.87 12.43 -2.18
N VAL C 153 44.67 12.28 -3.48
CA VAL C 153 45.50 11.37 -4.26
C VAL C 153 46.88 11.99 -4.51
N LYS C 154 46.90 13.25 -4.94
CA LYS C 154 48.17 13.90 -5.25
C LYS C 154 48.95 14.23 -3.98
N PHE C 155 48.26 14.60 -2.91
CA PHE C 155 48.91 14.95 -1.65
C PHE C 155 48.31 14.13 -0.51
N PRO C 156 48.73 12.87 -0.36
CA PRO C 156 48.24 12.08 0.78
C PRO C 156 48.88 12.46 2.09
N HIS C 157 50.05 13.10 2.07
CA HIS C 157 50.76 13.40 3.30
C HIS C 157 50.14 14.55 4.07
N LEU C 158 49.36 15.41 3.40
CA LEU C 158 48.70 16.50 4.11
C LEU C 158 47.57 16.00 4.98
N PHE C 159 46.96 14.88 4.60
CA PHE C 159 45.83 14.32 5.32
C PHE C 159 46.35 13.25 6.27
N LYS C 160 46.53 13.63 7.53
CA LYS C 160 47.09 12.71 8.52
C LYS C 160 46.65 13.16 9.90
N GLY C 161 46.19 12.20 10.71
CA GLY C 161 45.79 12.50 12.07
C GLY C 161 44.50 13.28 12.16
N ASN C 162 44.61 14.53 12.61
CA ASN C 162 43.42 15.36 12.80
C ASN C 162 42.82 15.79 11.46
N ARG C 163 43.66 16.00 10.46
CA ARG C 163 43.20 16.46 9.16
C ARG C 163 42.80 15.25 8.34
N LYS C 164 41.51 15.14 8.05
CA LYS C 164 40.94 13.99 7.37
C LYS C 164 40.14 14.45 6.16
N PRO C 165 40.09 13.65 5.10
CA PRO C 165 39.30 14.02 3.93
C PRO C 165 37.81 13.91 4.19
N THR C 166 37.05 14.54 3.30
CA THR C 166 35.60 14.53 3.42
C THR C 166 35.06 13.16 3.05
N SER C 167 34.07 12.70 3.81
CA SER C 167 33.51 11.36 3.62
C SER C 167 32.19 11.37 2.85
N GLY C 168 31.35 12.37 3.05
CA GLY C 168 30.06 12.39 2.38
C GLY C 168 29.72 13.72 1.74
N ILE C 169 29.55 13.73 0.43
CA ILE C 169 29.29 14.95 -0.33
C ILE C 169 27.98 14.78 -1.08
N LEU C 170 27.06 15.73 -0.87
CA LEU C 170 25.78 15.74 -1.56
C LEU C 170 25.77 16.83 -2.61
N LEU C 171 25.26 16.52 -3.78
CA LEU C 171 24.94 17.55 -4.74
C LEU C 171 23.44 17.55 -4.95
N TYR C 172 22.87 18.72 -5.17
CA TYR C 172 21.43 18.80 -5.41
C TYR C 172 21.14 20.09 -6.15
N GLY C 173 19.89 20.22 -6.59
CA GLY C 173 19.45 21.40 -7.27
C GLY C 173 18.36 21.12 -8.29
N PRO C 174 18.03 22.12 -9.09
CA PRO C 174 17.06 21.92 -10.17
C PRO C 174 17.63 21.03 -11.25
N PRO C 175 16.78 20.43 -12.10
CA PRO C 175 17.28 19.50 -13.10
C PRO C 175 18.10 20.20 -14.18
N GLY C 176 19.30 19.67 -14.42
CA GLY C 176 20.11 20.17 -15.52
C GLY C 176 20.99 21.34 -15.18
N THR C 177 21.29 21.54 -13.91
CA THR C 177 22.26 22.55 -13.53
C THR C 177 23.68 22.04 -13.60
N GLY C 178 23.88 20.80 -14.03
CA GLY C 178 25.20 20.25 -14.23
C GLY C 178 25.68 19.27 -13.20
N LYS C 179 24.77 18.55 -12.55
CA LYS C 179 25.18 17.68 -11.45
C LYS C 179 25.85 16.41 -11.97
N SER C 180 25.15 15.65 -12.82
CA SER C 180 25.69 14.39 -13.30
C SER C 180 26.85 14.62 -14.27
N TYR C 181 26.87 15.76 -14.96
CA TYR C 181 27.99 16.10 -15.80
C TYR C 181 29.23 16.41 -14.96
N LEU C 182 29.03 17.02 -13.78
CA LEU C 182 30.12 17.21 -12.84
C LEU C 182 30.60 15.87 -12.30
N ALA C 183 29.68 14.93 -12.12
CA ALA C 183 30.08 13.58 -11.74
C ALA C 183 30.88 12.91 -12.85
N LYS C 184 30.55 13.22 -14.12
CA LYS C 184 31.38 12.75 -15.23
C LYS C 184 32.78 13.35 -15.15
N ALA C 185 32.86 14.63 -14.79
CA ALA C 185 34.16 15.29 -14.71
C ALA C 185 35.01 14.71 -13.59
N VAL C 186 34.39 14.38 -12.46
CA VAL C 186 35.11 13.70 -11.39
C VAL C 186 35.51 12.31 -11.83
N ALA C 187 34.66 11.64 -12.61
CA ALA C 187 34.96 10.30 -13.08
C ALA C 187 36.13 10.27 -14.03
N THR C 188 36.27 11.30 -14.86
CA THR C 188 37.43 11.36 -15.75
C THR C 188 38.67 11.80 -14.98
N GLU C 189 38.53 12.78 -14.10
CA GLU C 189 39.65 13.32 -13.36
C GLU C 189 39.94 12.57 -12.08
N ALA C 190 39.43 11.34 -11.94
CA ALA C 190 39.55 10.62 -10.67
C ALA C 190 40.96 10.08 -10.47
N ASN C 191 41.43 9.30 -11.45
CA ASN C 191 42.56 8.37 -11.31
C ASN C 191 42.36 7.49 -10.07
N SER C 192 41.13 6.96 -9.97
CA SER C 192 40.76 6.08 -8.87
C SER C 192 39.67 5.15 -9.36
N THR C 193 39.43 4.10 -8.59
CA THR C 193 38.41 3.11 -8.95
C THR C 193 37.05 3.76 -8.73
N PHE C 194 36.49 4.31 -9.80
CA PHE C 194 35.23 5.06 -9.71
C PHE C 194 34.06 4.10 -9.85
N PHE C 195 33.45 3.75 -8.73
CA PHE C 195 32.20 3.03 -8.82
C PHE C 195 31.05 4.00 -9.06
N SER C 196 29.95 3.46 -9.56
CA SER C 196 28.72 4.21 -9.74
C SER C 196 27.56 3.23 -9.74
N VAL C 197 26.51 3.56 -9.02
CA VAL C 197 25.38 2.66 -8.91
C VAL C 197 24.10 3.48 -8.88
N SER C 198 23.09 3.01 -9.59
CA SER C 198 21.77 3.60 -9.54
C SER C 198 20.95 2.91 -8.46
N SER C 199 19.65 3.13 -8.48
CA SER C 199 18.77 2.39 -7.59
C SER C 199 18.46 0.99 -8.10
N SER C 200 18.89 0.68 -9.32
CA SER C 200 18.55 -0.61 -9.92
C SER C 200 19.33 -1.74 -9.29
N ASP C 201 20.65 -1.57 -9.17
CA ASP C 201 21.49 -2.70 -8.80
C ASP C 201 21.42 -3.00 -7.32
N LEU C 202 20.80 -2.11 -6.54
CA LEU C 202 20.72 -2.35 -5.11
C LEU C 202 19.47 -3.15 -4.76
N VAL C 203 18.35 -2.86 -5.41
CA VAL C 203 17.10 -3.53 -5.06
C VAL C 203 16.98 -4.88 -5.75
N SER C 204 17.04 -5.96 -4.99
CA SER C 204 17.05 -7.29 -5.60
C SER C 204 15.68 -7.94 -5.50
N LYS C 205 15.61 -9.18 -5.98
CA LYS C 205 14.36 -9.91 -6.10
C LYS C 205 13.91 -10.37 -4.71
N TRP C 206 14.65 -11.27 -4.06
CA TRP C 206 13.98 -12.18 -3.13
C TRP C 206 13.77 -11.56 -1.76
N MET C 207 14.81 -11.56 -0.92
CA MET C 207 14.76 -10.79 0.31
C MET C 207 16.14 -10.33 0.73
N GLY C 208 17.16 -11.09 0.37
CA GLY C 208 18.44 -10.97 1.04
C GLY C 208 19.49 -10.29 0.20
N GLU C 209 19.42 -10.46 -1.11
CA GLU C 209 20.42 -9.88 -2.00
C GLU C 209 20.22 -8.39 -2.17
N SER C 210 19.08 -7.87 -1.70
CA SER C 210 18.83 -6.43 -1.73
C SER C 210 19.73 -5.70 -0.76
N GLU C 211 20.30 -6.41 0.21
CA GLU C 211 21.06 -5.75 1.26
C GLU C 211 22.52 -6.22 1.27
N LYS C 212 22.75 -7.50 1.00
CA LYS C 212 24.10 -8.04 0.97
C LYS C 212 24.89 -7.46 -0.20
N LEU C 213 24.20 -7.04 -1.26
CA LEU C 213 24.88 -6.38 -2.36
C LEU C 213 25.35 -4.99 -1.98
N VAL C 214 24.65 -4.33 -1.06
CA VAL C 214 25.12 -3.07 -0.54
C VAL C 214 26.39 -3.30 0.28
N LYS C 215 26.34 -4.34 1.12
CA LYS C 215 27.49 -4.72 1.93
C LYS C 215 28.70 -5.09 1.07
N GLN C 216 28.49 -5.83 -0.01
CA GLN C 216 29.58 -6.14 -0.92
C GLN C 216 30.00 -4.92 -1.74
N LEU C 217 29.10 -3.94 -1.90
CA LEU C 217 29.46 -2.74 -2.65
C LEU C 217 30.45 -1.91 -1.87
N PHE C 218 30.14 -1.62 -0.61
CA PHE C 218 31.12 -0.88 0.18
C PHE C 218 32.31 -1.73 0.56
N ALA C 219 32.13 -3.05 0.61
CA ALA C 219 33.23 -3.96 0.91
C ALA C 219 34.27 -3.93 -0.21
N MET C 220 33.85 -4.25 -1.44
CA MET C 220 34.76 -4.22 -2.57
C MET C 220 35.19 -2.80 -2.91
N ALA C 221 34.40 -1.80 -2.54
CA ALA C 221 34.84 -0.42 -2.64
C ALA C 221 36.02 -0.16 -1.73
N ARG C 222 35.99 -0.69 -0.51
CA ARG C 222 37.15 -0.59 0.36
C ARG C 222 38.29 -1.49 -0.10
N GLU C 223 37.98 -2.55 -0.85
CA GLU C 223 39.04 -3.40 -1.38
C GLU C 223 39.84 -2.70 -2.47
N ASN C 224 39.17 -1.86 -3.26
CA ASN C 224 39.85 -1.11 -4.33
C ASN C 224 40.14 0.32 -3.92
N LYS C 225 40.47 0.55 -2.65
CA LYS C 225 40.76 1.89 -2.18
C LYS C 225 42.13 2.33 -2.72
N PRO C 226 42.32 3.64 -2.99
CA PRO C 226 41.40 4.78 -2.91
C PRO C 226 40.37 4.77 -4.01
N SER C 227 39.21 5.40 -3.86
CA SER C 227 38.08 5.21 -4.75
C SER C 227 37.02 6.28 -4.54
N ILE C 228 36.12 6.38 -5.52
CA ILE C 228 35.01 7.33 -5.51
C ILE C 228 33.76 6.57 -5.92
N ILE C 229 32.68 6.76 -5.16
CA ILE C 229 31.39 6.13 -5.45
C ILE C 229 30.40 7.23 -5.76
N PHE C 230 29.70 7.10 -6.88
CA PHE C 230 28.62 8.01 -7.23
C PHE C 230 27.31 7.23 -7.18
N ILE C 231 26.27 7.86 -6.65
CA ILE C 231 24.93 7.31 -6.68
C ILE C 231 24.04 8.39 -7.28
N ASP C 232 23.27 8.03 -8.30
CA ASP C 232 22.36 8.98 -8.93
C ASP C 232 20.95 8.77 -8.41
N GLU C 233 20.31 9.88 -8.04
CA GLU C 233 18.92 9.95 -7.57
C GLU C 233 18.71 9.05 -6.36
N VAL C 234 19.32 9.47 -5.25
CA VAL C 234 19.27 8.79 -3.98
C VAL C 234 17.89 8.89 -3.33
N ASP C 235 16.99 9.68 -3.94
CA ASP C 235 15.61 9.79 -3.46
C ASP C 235 14.84 8.48 -3.56
N ALA C 236 15.30 7.53 -4.37
CA ALA C 236 14.68 6.22 -4.46
C ALA C 236 15.08 5.28 -3.33
N LEU C 237 15.89 5.72 -2.38
CA LEU C 237 16.34 4.87 -1.29
C LEU C 237 16.05 5.45 0.08
N THR C 238 15.47 6.64 0.16
CA THR C 238 15.24 7.36 1.40
C THR C 238 13.77 7.32 1.80
N GLY C 239 13.40 8.12 2.80
CA GLY C 239 12.02 8.31 3.16
C GLY C 239 11.49 7.32 4.17
N THR C 240 12.12 7.28 5.35
CA THR C 240 11.67 6.37 6.39
C THR C 240 10.42 6.86 7.11
N ARG C 241 9.99 8.09 6.88
CA ARG C 241 8.83 8.64 7.56
C ARG C 241 7.56 8.02 7.00
N GLY C 242 6.73 7.52 7.89
CA GLY C 242 5.64 6.65 7.49
C GLY C 242 6.12 5.22 7.37
N GLU C 243 5.23 4.37 6.84
CA GLU C 243 5.57 2.97 6.65
C GLU C 243 5.44 2.53 5.20
N GLY C 244 5.31 3.47 4.26
CA GLY C 244 5.35 3.12 2.87
C GLY C 244 6.74 2.71 2.44
N GLU C 245 6.79 1.79 1.47
CA GLU C 245 8.01 1.22 0.88
C GLU C 245 8.87 0.60 1.97
N SER C 246 8.22 -0.31 2.72
CA SER C 246 8.63 -0.62 4.08
C SER C 246 9.91 -1.43 4.13
N GLU C 247 9.87 -2.65 3.60
CA GLU C 247 11.01 -3.56 3.78
C GLU C 247 12.22 -3.10 2.98
N ALA C 248 12.00 -2.64 1.75
CA ALA C 248 13.11 -2.15 0.94
C ALA C 248 13.74 -0.91 1.54
N SER C 249 12.91 0.00 2.05
CA SER C 249 13.45 1.23 2.62
C SER C 249 14.20 0.96 3.92
N ARG C 250 13.63 0.13 4.80
CA ARG C 250 14.26 -0.12 6.09
C ARG C 250 15.52 -0.96 5.93
N ARG C 251 15.45 -2.05 5.17
CA ARG C 251 16.60 -2.92 5.02
C ARG C 251 17.71 -2.27 4.19
N ILE C 252 17.36 -1.78 3.00
CA ILE C 252 18.38 -1.25 2.10
C ILE C 252 18.92 0.08 2.63
N LYS C 253 18.03 0.93 3.14
CA LYS C 253 18.46 2.22 3.66
C LYS C 253 19.24 2.05 4.97
N THR C 254 18.82 1.09 5.79
CA THR C 254 19.57 0.76 7.02
C THR C 254 20.97 0.29 6.69
N GLU C 255 21.12 -0.54 5.66
CA GLU C 255 22.45 -0.98 5.28
C GLU C 255 23.26 0.16 4.66
N LEU C 256 22.58 1.12 4.02
CA LEU C 256 23.29 2.28 3.52
C LEU C 256 23.83 3.13 4.67
N LEU C 257 23.06 3.25 5.76
CA LEU C 257 23.49 4.01 6.92
C LEU C 257 24.64 3.34 7.63
N VAL C 258 24.40 2.12 8.13
CA VAL C 258 25.38 1.41 8.95
C VAL C 258 26.59 1.03 8.13
N GLN C 259 26.37 0.60 6.89
CA GLN C 259 27.49 0.24 6.04
C GLN C 259 28.22 1.48 5.53
N MET C 260 27.55 2.64 5.51
CA MET C 260 28.24 3.86 5.12
C MET C 260 29.20 4.33 6.21
N ASN C 261 28.71 4.43 7.44
CA ASN C 261 29.61 4.41 8.59
C ASN C 261 28.90 3.76 9.76
N GLY C 262 29.66 3.10 10.61
CA GLY C 262 29.08 2.20 11.58
C GLY C 262 30.10 1.70 12.56
N VAL C 263 30.10 0.39 12.81
CA VAL C 263 30.92 -0.18 13.87
C VAL C 263 32.37 -0.21 13.44
N GLY C 264 32.67 -0.94 12.37
CA GLY C 264 34.04 -1.12 11.94
C GLY C 264 34.25 -0.84 10.48
N ASN C 265 33.47 0.07 9.93
CA ASN C 265 33.66 0.49 8.56
C ASN C 265 34.83 1.45 8.48
N ASP C 266 35.73 1.21 7.53
CA ASP C 266 36.78 2.18 7.25
C ASP C 266 36.21 3.33 6.45
N SER C 267 35.74 4.36 7.14
CA SER C 267 35.14 5.52 6.48
C SER C 267 36.15 6.34 5.70
N GLN C 268 37.43 6.22 6.02
CA GLN C 268 38.47 6.82 5.20
C GLN C 268 38.59 6.09 3.88
N GLY C 269 39.26 6.74 2.93
CA GLY C 269 39.37 6.14 1.62
C GLY C 269 38.28 6.59 0.68
N VAL C 270 37.20 5.81 0.62
CA VAL C 270 36.17 6.00 -0.39
C VAL C 270 35.40 7.30 -0.16
N LEU C 271 35.19 8.04 -1.28
CA LEU C 271 34.41 9.28 -1.27
C LEU C 271 33.07 9.01 -1.92
N VAL C 272 32.00 9.40 -1.26
CA VAL C 272 30.65 9.11 -1.71
C VAL C 272 30.04 10.40 -2.24
N LEU C 273 29.82 10.47 -3.55
CA LEU C 273 29.20 11.62 -4.17
C LEU C 273 27.72 11.34 -4.37
N GLY C 274 26.87 12.15 -3.76
CA GLY C 274 25.43 12.00 -3.88
C GLY C 274 24.85 13.10 -4.76
N ALA C 275 23.89 12.72 -5.60
CA ALA C 275 23.12 13.66 -6.38
C ALA C 275 21.64 13.41 -6.13
N THR C 276 20.84 14.45 -6.29
CA THR C 276 19.38 14.33 -6.26
C THR C 276 18.76 15.56 -6.88
N ASN C 277 17.45 15.47 -7.11
CA ASN C 277 16.64 16.62 -7.41
C ASN C 277 15.67 16.94 -6.29
N ILE C 278 15.44 15.99 -5.40
CA ILE C 278 14.52 16.17 -4.28
C ILE C 278 15.33 15.96 -3.00
N PRO C 279 15.82 17.02 -2.36
CA PRO C 279 16.59 16.85 -1.13
C PRO C 279 15.77 16.91 0.14
N TRP C 280 14.51 17.37 0.08
CA TRP C 280 13.72 17.40 1.30
C TRP C 280 13.14 16.04 1.64
N GLN C 281 12.89 15.20 0.63
CA GLN C 281 12.47 13.83 0.92
C GLN C 281 13.64 12.95 1.32
N LEU C 282 14.87 13.43 1.17
CA LEU C 282 16.02 12.73 1.71
C LEU C 282 15.96 12.74 3.23
N ASP C 283 16.18 11.57 3.83
CA ASP C 283 16.10 11.44 5.28
C ASP C 283 17.27 12.16 5.95
N SER C 284 17.01 12.65 7.17
CA SER C 284 17.98 13.45 7.91
C SER C 284 19.23 12.65 8.28
N ALA C 285 19.11 11.34 8.42
CA ALA C 285 20.28 10.53 8.76
C ALA C 285 21.25 10.46 7.58
N ILE C 286 20.73 10.21 6.38
CA ILE C 286 21.58 10.23 5.19
C ILE C 286 22.03 11.65 4.88
N ARG C 287 21.20 12.63 5.27
CA ARG C 287 21.61 14.03 5.18
C ARG C 287 22.82 14.30 6.04
N ARG C 288 22.92 13.65 7.20
CA ARG C 288 24.12 13.79 8.01
C ARG C 288 25.27 12.97 7.44
N ARG C 289 24.96 11.84 6.78
CA ARG C 289 25.99 11.04 6.13
C ARG C 289 26.71 11.84 5.05
N PHE C 290 25.96 12.58 4.26
CA PHE C 290 26.54 13.45 3.24
C PHE C 290 26.89 14.74 3.97
N GLU C 291 28.09 14.77 4.54
CA GLU C 291 28.40 15.74 5.58
C GLU C 291 28.69 17.13 5.02
N ARG C 292 28.95 17.25 3.72
CA ARG C 292 29.23 18.54 3.11
C ARG C 292 28.36 18.66 1.86
N ARG C 293 27.22 19.31 2.00
CA ARG C 293 26.25 19.41 0.93
C ARG C 293 26.30 20.79 0.27
N ILE C 294 26.05 20.81 -1.04
CA ILE C 294 26.23 22.01 -1.85
C ILE C 294 25.01 22.17 -2.74
N TYR C 295 24.37 23.32 -2.66
CA TYR C 295 23.29 23.65 -3.59
C TYR C 295 23.85 24.18 -4.89
N ILE C 296 23.23 23.78 -6.00
CA ILE C 296 23.65 24.17 -7.33
C ILE C 296 22.52 24.98 -7.96
N PRO C 297 22.63 26.30 -7.96
CA PRO C 297 21.55 27.14 -8.48
C PRO C 297 21.51 27.17 -10.00
N LEU C 298 20.52 27.89 -10.50
CA LEU C 298 20.51 28.25 -11.91
C LEU C 298 21.69 29.18 -12.20
N PRO C 299 22.27 29.10 -13.40
CA PRO C 299 23.47 29.89 -13.71
C PRO C 299 23.19 31.37 -13.97
N ASP C 300 24.23 32.13 -14.29
CA ASP C 300 24.18 33.57 -14.48
C ASP C 300 24.60 33.96 -15.89
N LEU C 301 24.84 35.26 -16.09
CA LEU C 301 25.19 35.79 -17.41
C LEU C 301 26.51 35.21 -17.92
N ALA C 302 27.57 35.33 -17.13
CA ALA C 302 28.90 35.02 -17.62
C ALA C 302 29.11 33.52 -17.84
N ALA C 303 28.50 32.69 -17.00
CA ALA C 303 28.63 31.25 -17.17
C ALA C 303 27.92 30.77 -18.42
N ARG C 304 26.77 31.39 -18.73
CA ARG C 304 26.07 31.01 -19.95
C ARG C 304 26.75 31.58 -21.19
N THR C 305 27.42 32.70 -21.05
CA THR C 305 28.32 33.17 -22.10
C THR C 305 29.43 32.15 -22.35
N THR C 306 29.97 31.59 -21.26
CA THR C 306 31.02 30.59 -21.37
C THR C 306 30.50 29.31 -22.01
N MET C 307 29.30 28.87 -21.63
CA MET C 307 28.72 27.67 -22.23
C MET C 307 28.33 27.88 -23.67
N PHE C 308 27.97 29.10 -24.05
CA PHE C 308 27.79 29.39 -25.47
C PHE C 308 29.11 29.26 -26.22
N GLU C 309 30.18 29.86 -25.68
CA GLU C 309 31.47 29.80 -26.35
C GLU C 309 32.10 28.42 -26.31
N ILE C 310 31.66 27.55 -25.41
CA ILE C 310 32.12 26.17 -25.41
C ILE C 310 31.31 25.35 -26.40
N ASN C 311 29.98 25.45 -26.32
CA ASN C 311 29.12 24.61 -27.14
C ASN C 311 29.10 25.02 -28.61
N VAL C 312 29.61 26.20 -28.98
CA VAL C 312 29.81 26.44 -30.41
C VAL C 312 30.94 25.58 -30.95
N GLY C 313 31.98 25.33 -30.13
CA GLY C 313 33.00 24.35 -30.47
C GLY C 313 33.85 24.76 -31.66
N ASP C 314 34.08 23.79 -32.54
CA ASP C 314 34.88 24.00 -33.74
C ASP C 314 34.07 24.52 -34.91
N THR C 315 32.78 24.75 -34.73
CA THR C 315 31.96 25.28 -35.80
C THR C 315 32.31 26.75 -36.03
N PRO C 316 32.54 27.18 -37.28
CA PRO C 316 32.84 28.59 -37.53
C PRO C 316 31.65 29.49 -37.26
N CYS C 317 31.73 30.26 -36.18
CA CYS C 317 30.65 31.15 -35.79
C CYS C 317 30.76 32.47 -36.53
N VAL C 318 29.96 33.43 -36.11
CA VAL C 318 29.91 34.74 -36.75
C VAL C 318 29.99 35.87 -35.73
N LEU C 319 29.84 35.60 -34.45
CA LEU C 319 29.66 36.64 -33.45
C LEU C 319 30.93 36.88 -32.64
N THR C 320 30.85 37.92 -31.80
CA THR C 320 31.91 38.29 -30.88
C THR C 320 31.47 37.97 -29.46
N LYS C 321 32.37 38.26 -28.51
CA LYS C 321 32.14 37.90 -27.11
C LYS C 321 30.99 38.67 -26.50
N GLU C 322 30.92 39.98 -26.77
CA GLU C 322 29.81 40.77 -26.27
C GLU C 322 28.50 40.45 -26.97
N ASP C 323 28.56 39.81 -28.14
CA ASP C 323 27.35 39.29 -28.75
C ASP C 323 26.84 38.06 -28.01
N TYR C 324 27.77 37.22 -27.51
CA TYR C 324 27.37 36.16 -26.60
C TYR C 324 26.84 36.72 -25.30
N ARG C 325 27.36 37.88 -24.87
CA ARG C 325 26.80 38.56 -23.71
C ARG C 325 25.38 39.05 -24.00
N THR C 326 25.13 39.48 -25.24
CA THR C 326 23.77 39.83 -25.66
C THR C 326 22.87 38.59 -25.65
N LEU C 327 23.43 37.44 -26.02
CA LEU C 327 22.69 36.19 -26.00
C LEU C 327 22.31 35.80 -24.57
N GLY C 328 23.30 35.80 -23.67
CA GLY C 328 23.02 35.47 -22.28
C GLY C 328 22.11 36.46 -21.59
N ALA C 329 22.15 37.72 -22.03
CA ALA C 329 21.18 38.70 -21.55
C ALA C 329 19.79 38.39 -22.09
N MET C 330 19.71 37.85 -23.30
CA MET C 330 18.41 37.50 -23.87
C MET C 330 17.83 36.25 -23.22
N THR C 331 18.69 35.38 -22.72
CA THR C 331 18.31 34.05 -22.25
C THR C 331 18.27 33.97 -20.73
N GLU C 332 17.73 34.98 -20.06
CA GLU C 332 17.74 35.03 -18.60
C GLU C 332 16.92 33.89 -17.97
N GLY C 333 17.62 32.96 -17.33
CA GLY C 333 16.98 31.91 -16.58
C GLY C 333 16.76 30.61 -17.34
N TYR C 334 17.80 30.06 -17.95
CA TYR C 334 17.72 28.76 -18.58
C TYR C 334 18.42 27.71 -17.71
N SER C 335 18.49 26.49 -18.23
CA SER C 335 19.32 25.43 -17.67
C SER C 335 20.44 25.13 -18.66
N GLY C 336 21.27 24.15 -18.30
CA GLY C 336 22.31 23.73 -19.20
C GLY C 336 21.79 22.95 -20.38
N SER C 337 20.72 22.17 -20.18
CA SER C 337 20.11 21.45 -21.29
C SER C 337 19.42 22.40 -22.26
N ASP C 338 18.87 23.50 -21.74
CA ASP C 338 18.25 24.52 -22.59
C ASP C 338 19.29 25.15 -23.50
N ILE C 339 20.47 25.40 -22.96
CA ILE C 339 21.59 25.89 -23.75
C ILE C 339 22.02 24.86 -24.76
N ALA C 340 22.05 23.58 -24.36
CA ALA C 340 22.45 22.52 -25.27
C ALA C 340 21.49 22.36 -26.44
N VAL C 341 20.21 22.63 -26.23
CA VAL C 341 19.28 22.47 -27.33
C VAL C 341 19.10 23.74 -28.15
N VAL C 342 19.37 24.93 -27.60
CA VAL C 342 19.35 26.08 -28.49
C VAL C 342 20.62 26.11 -29.33
N VAL C 343 21.74 25.59 -28.79
CA VAL C 343 22.93 25.44 -29.61
C VAL C 343 22.74 24.31 -30.61
N LYS C 344 22.00 23.26 -30.23
CA LYS C 344 21.71 22.17 -31.16
C LYS C 344 20.85 22.65 -32.31
N ASP C 345 19.77 23.39 -32.02
CA ASP C 345 18.91 23.96 -33.05
C ASP C 345 19.69 24.94 -33.92
N ALA C 346 20.59 25.70 -33.30
CA ALA C 346 21.47 26.59 -34.06
C ALA C 346 22.39 25.81 -34.99
N LEU C 347 22.77 24.59 -34.62
CA LEU C 347 23.51 23.73 -35.52
C LEU C 347 22.62 22.97 -36.48
N MET C 348 21.30 23.15 -36.43
CA MET C 348 20.42 22.50 -37.40
C MET C 348 19.95 23.43 -38.51
N GLN C 349 19.93 24.74 -38.25
CA GLN C 349 19.62 25.70 -39.29
C GLN C 349 20.49 25.66 -40.54
N PRO C 350 21.79 25.28 -40.50
CA PRO C 350 22.49 25.00 -41.78
C PRO C 350 21.82 23.95 -42.66
N ILE C 351 21.48 22.77 -42.13
CA ILE C 351 20.86 21.73 -42.96
C ILE C 351 19.43 22.13 -43.32
N ARG C 352 18.78 22.92 -42.46
CA ARG C 352 17.50 23.51 -42.83
C ARG C 352 17.65 24.43 -44.03
N LYS C 353 18.77 25.14 -44.14
CA LYS C 353 18.99 25.98 -45.31
C LYS C 353 19.46 25.17 -46.52
N ILE C 354 20.15 24.06 -46.30
CA ILE C 354 20.60 23.24 -47.42
C ILE C 354 19.43 22.55 -48.08
N GLN C 355 18.59 21.90 -47.28
CA GLN C 355 17.38 21.29 -47.84
C GLN C 355 16.36 22.34 -48.25
N SER C 356 16.45 23.57 -47.74
CA SER C 356 15.44 24.54 -48.13
C SER C 356 15.43 24.73 -49.64
N ALA C 357 14.24 24.65 -50.23
CA ALA C 357 13.94 25.12 -51.59
C ALA C 357 14.70 24.34 -52.68
N THR C 358 14.85 24.97 -53.84
CA THR C 358 15.58 24.39 -54.95
C THR C 358 16.72 25.33 -55.28
N HIS C 359 17.94 24.83 -55.27
CA HIS C 359 19.10 25.68 -55.62
C HIS C 359 20.28 25.68 -54.64
N PHE C 360 21.43 25.26 -55.16
CA PHE C 360 22.73 25.37 -54.46
C PHE C 360 23.72 26.14 -55.37
N LYS C 361 24.97 26.23 -54.93
CA LYS C 361 25.96 27.07 -55.61
C LYS C 361 27.37 26.74 -55.16
N ASP C 362 28.30 26.71 -56.11
CA ASP C 362 29.71 26.40 -55.81
C ASP C 362 30.44 27.62 -55.22
N VAL C 363 31.33 27.36 -54.26
CA VAL C 363 32.16 28.39 -53.62
C VAL C 363 33.59 27.87 -53.43
N SER C 364 34.48 28.76 -52.95
CA SER C 364 35.92 28.46 -52.73
C SER C 364 36.82 28.90 -53.90
N GLU C 369 39.58 22.66 -52.24
CA GLU C 369 39.87 21.23 -52.39
C GLU C 369 38.77 20.47 -53.14
N THR C 370 38.54 20.87 -54.39
CA THR C 370 37.63 20.22 -55.37
C THR C 370 36.12 20.27 -55.04
N ARG C 371 35.43 21.19 -55.70
CA ARG C 371 33.97 21.32 -55.66
C ARG C 371 33.42 21.43 -54.26
N LYS C 372 32.63 22.47 -54.02
CA LYS C 372 31.93 22.64 -52.73
C LYS C 372 30.70 23.55 -52.78
N LEU C 373 29.51 22.97 -52.62
CA LEU C 373 28.26 23.70 -52.83
C LEU C 373 27.35 23.85 -51.61
N THR C 374 26.71 25.03 -51.53
CA THR C 374 25.90 25.46 -50.38
C THR C 374 24.54 25.98 -50.86
N PRO C 375 23.51 25.96 -49.99
CA PRO C 375 22.21 26.49 -50.38
C PRO C 375 22.22 27.98 -50.63
N CYS C 376 21.58 28.41 -51.71
CA CYS C 376 21.42 29.82 -52.04
C CYS C 376 20.04 30.06 -52.64
N SER C 377 19.58 31.32 -52.60
CA SER C 377 18.26 31.71 -53.09
C SER C 377 18.05 31.40 -54.59
N PRO C 378 16.78 31.28 -55.05
CA PRO C 378 16.55 31.11 -56.50
C PRO C 378 17.11 32.27 -57.33
N GLY C 379 18.04 31.95 -58.23
CA GLY C 379 18.65 32.94 -59.11
C GLY C 379 19.73 33.74 -58.40
N ASP C 380 20.96 33.24 -58.50
CA ASP C 380 22.15 33.84 -57.87
C ASP C 380 23.42 33.46 -58.65
N ASP C 381 24.56 34.04 -58.27
CA ASP C 381 25.86 33.81 -58.92
C ASP C 381 26.29 32.33 -58.88
N GLY C 382 25.93 31.58 -59.93
CA GLY C 382 26.25 30.15 -60.02
C GLY C 382 25.19 29.24 -59.41
N ALA C 383 23.97 29.77 -59.30
CA ALA C 383 22.84 29.05 -58.71
C ALA C 383 22.27 27.97 -59.63
N ILE C 384 22.76 26.75 -59.47
CA ILE C 384 22.17 25.56 -60.08
C ILE C 384 20.90 25.18 -59.30
N GLU C 385 19.95 24.49 -59.94
CA GLU C 385 18.73 24.03 -59.26
C GLU C 385 18.81 22.54 -58.95
N MET C 386 18.77 22.21 -57.65
CA MET C 386 18.90 20.81 -57.20
C MET C 386 18.42 20.62 -55.77
N SER C 387 18.55 19.38 -55.31
CA SER C 387 18.26 19.00 -53.93
C SER C 387 19.52 18.41 -53.29
N TRP C 388 19.57 18.38 -51.95
CA TRP C 388 20.72 17.85 -51.22
C TRP C 388 21.07 16.43 -51.64
N THR C 389 20.02 15.70 -52.00
CA THR C 389 20.11 14.32 -52.48
C THR C 389 20.96 14.24 -53.75
N ASP C 390 20.89 15.28 -54.57
CA ASP C 390 21.61 15.35 -55.84
C ASP C 390 23.10 15.54 -55.63
N ILE C 391 23.48 15.96 -54.41
CA ILE C 391 24.85 16.42 -54.20
C ILE C 391 25.74 15.38 -53.56
N GLU C 392 27.00 15.37 -53.99
CA GLU C 392 27.94 14.30 -53.66
C GLU C 392 28.41 14.34 -52.21
N ALA C 393 28.69 13.14 -51.69
CA ALA C 393 29.26 12.95 -50.36
C ALA C 393 30.33 13.99 -50.07
N ASP C 394 30.32 14.49 -48.84
CA ASP C 394 31.18 15.57 -48.36
C ASP C 394 30.99 16.93 -49.07
N GLU C 395 31.13 16.94 -50.40
CA GLU C 395 31.21 18.17 -51.18
C GLU C 395 30.04 19.14 -50.99
N LEU C 396 29.39 19.04 -49.85
CA LEU C 396 28.38 19.96 -49.34
C LEU C 396 29.03 21.00 -48.46
N LYS C 397 28.54 22.23 -48.57
CA LYS C 397 29.04 23.36 -47.79
C LYS C 397 27.99 23.82 -46.78
N GLU C 398 28.41 24.05 -45.54
CA GLU C 398 27.50 24.45 -44.46
C GLU C 398 27.52 25.96 -44.17
N PRO C 399 26.33 26.52 -43.97
CA PRO C 399 26.17 27.95 -43.68
C PRO C 399 26.80 28.35 -42.35
N ASP C 400 27.35 29.56 -42.28
CA ASP C 400 28.01 30.04 -41.08
C ASP C 400 27.00 30.45 -40.02
N LEU C 401 27.31 30.14 -38.77
CA LEU C 401 26.43 30.47 -37.65
C LEU C 401 26.22 31.98 -37.58
N THR C 402 24.96 32.36 -37.40
CA THR C 402 24.59 33.74 -37.35
C THR C 402 23.68 33.93 -36.15
N ILE C 403 23.59 35.15 -35.69
CA ILE C 403 22.77 35.48 -34.56
C ILE C 403 21.32 35.17 -34.87
N LYS C 404 20.93 35.25 -36.15
CA LYS C 404 19.52 35.05 -36.43
C LYS C 404 19.07 33.64 -36.08
N ASP C 405 19.96 32.66 -36.29
CA ASP C 405 19.69 31.29 -35.87
C ASP C 405 19.65 31.18 -34.35
N PHE C 406 20.51 31.94 -33.67
CA PHE C 406 20.53 31.97 -32.21
C PHE C 406 19.23 32.54 -31.67
N LEU C 407 18.83 33.71 -32.16
CA LEU C 407 17.61 34.37 -31.69
C LEU C 407 16.36 33.57 -32.06
N LYS C 408 16.40 32.89 -33.21
CA LYS C 408 15.31 31.99 -33.57
C LYS C 408 15.23 30.81 -32.60
N ALA C 409 16.40 30.32 -32.15
CA ALA C 409 16.41 29.27 -31.17
C ALA C 409 15.96 29.77 -29.80
N ILE C 410 16.20 31.06 -29.51
CA ILE C 410 15.70 31.64 -28.27
C ILE C 410 14.18 31.74 -28.29
N LYS C 411 13.64 32.13 -29.44
CA LYS C 411 12.19 32.14 -29.59
C LYS C 411 11.59 30.74 -29.68
N SER C 412 12.41 29.71 -29.88
CA SER C 412 11.89 28.36 -30.02
C SER C 412 11.47 27.75 -28.68
N THR C 413 12.24 27.99 -27.62
CA THR C 413 12.12 27.19 -26.40
C THR C 413 12.08 28.05 -25.15
N ARG C 414 11.04 27.86 -24.34
CA ARG C 414 10.94 28.49 -23.04
C ARG C 414 11.99 27.89 -22.08
N PRO C 415 12.44 28.67 -21.05
CA PRO C 415 12.99 28.05 -19.83
C PRO C 415 12.22 26.84 -19.33
N THR C 416 12.93 25.78 -18.98
CA THR C 416 12.29 24.49 -18.72
C THR C 416 11.70 24.42 -17.32
N VAL C 417 12.48 24.79 -16.32
CA VAL C 417 12.06 24.57 -14.93
C VAL C 417 11.11 25.67 -14.48
N ASN C 418 10.45 25.40 -13.37
CA ASN C 418 9.44 26.30 -12.81
C ASN C 418 10.14 27.26 -11.85
N GLU C 419 9.38 28.00 -11.05
CA GLU C 419 9.92 28.92 -10.07
C GLU C 419 9.44 28.65 -8.65
N ASP C 420 8.30 27.97 -8.46
CA ASP C 420 7.91 27.58 -7.12
C ASP C 420 8.78 26.45 -6.60
N ASP C 421 9.22 25.57 -7.49
CA ASP C 421 10.23 24.58 -7.14
C ASP C 421 11.53 25.26 -6.75
N LEU C 422 11.86 26.38 -7.41
CA LEU C 422 12.99 27.20 -6.98
C LEU C 422 12.74 27.81 -5.61
N LEU C 423 11.49 28.09 -5.26
CA LEU C 423 11.20 28.58 -3.92
C LEU C 423 11.42 27.49 -2.88
N LYS C 424 11.14 26.24 -3.23
CA LYS C 424 11.44 25.16 -2.29
C LYS C 424 12.93 24.89 -2.20
N GLN C 425 13.66 25.07 -3.32
CA GLN C 425 15.12 24.99 -3.27
C GLN C 425 15.71 26.13 -2.46
N GLU C 426 15.06 27.29 -2.46
CA GLU C 426 15.50 28.35 -1.58
C GLU C 426 15.07 28.12 -0.14
N GLN C 427 14.06 27.27 0.07
CA GLN C 427 13.68 26.91 1.43
C GLN C 427 14.71 25.97 2.03
N PHE C 428 14.95 24.83 1.38
CA PHE C 428 15.93 23.87 1.88
C PHE C 428 17.34 24.40 1.79
N THR C 429 17.63 25.22 0.79
CA THR C 429 18.94 25.82 0.69
C THR C 429 19.12 26.90 1.74
N ARG C 430 18.09 27.72 1.94
CA ARG C 430 18.13 28.79 2.93
C ARG C 430 18.28 28.23 4.33
N ASP C 431 17.72 27.05 4.58
CA ASP C 431 17.96 26.42 5.89
C ASP C 431 19.28 25.66 5.90
N PHE C 432 19.37 24.58 5.13
CA PHE C 432 20.41 23.58 5.31
C PHE C 432 21.60 23.73 4.37
N GLY C 433 21.58 24.69 3.46
CA GLY C 433 22.63 24.82 2.46
C GLY C 433 23.98 25.28 2.97
N LEU D 119 14.86 -14.25 -17.57
CA LEU D 119 15.40 -13.12 -18.32
C LEU D 119 14.37 -12.67 -19.34
N SER D 120 14.25 -13.45 -20.43
CA SER D 120 13.23 -13.41 -21.48
C SER D 120 13.33 -12.21 -22.41
N SER D 121 14.17 -11.23 -22.07
CA SER D 121 14.69 -10.18 -22.93
C SER D 121 13.66 -9.18 -23.47
N ALA D 122 12.36 -9.45 -23.27
CA ALA D 122 11.25 -8.51 -23.49
C ALA D 122 11.23 -7.88 -24.89
N ILE D 123 11.58 -8.65 -25.91
CA ILE D 123 11.75 -8.09 -27.26
C ILE D 123 10.42 -8.02 -27.97
N LEU D 124 10.13 -6.85 -28.54
CA LEU D 124 8.91 -6.58 -29.29
C LEU D 124 9.23 -5.53 -30.33
N SER D 125 9.05 -5.85 -31.61
CA SER D 125 9.37 -4.94 -32.70
C SER D 125 8.67 -5.40 -33.97
N GLU D 126 7.83 -4.54 -34.55
CA GLU D 126 7.08 -4.89 -35.74
C GLU D 126 6.66 -3.61 -36.47
N LYS D 127 6.63 -3.68 -37.81
CA LYS D 127 6.37 -2.51 -38.64
C LYS D 127 5.04 -2.62 -39.37
N PRO D 128 4.08 -1.72 -39.11
CA PRO D 128 2.89 -1.63 -39.95
C PRO D 128 3.16 -0.77 -41.18
N ASN D 129 2.13 -0.44 -41.93
CA ASN D 129 2.28 0.36 -43.14
C ASN D 129 1.46 1.64 -43.01
N VAL D 130 2.14 2.74 -42.67
CA VAL D 130 1.57 4.08 -42.73
C VAL D 130 2.63 5.00 -43.31
N LYS D 131 2.33 5.61 -44.46
CA LYS D 131 3.34 6.43 -45.11
C LYS D 131 3.30 7.86 -44.57
N TRP D 132 4.10 8.74 -45.18
CA TRP D 132 4.27 10.10 -44.69
C TRP D 132 3.00 10.91 -44.86
N GLU D 133 2.55 11.06 -46.10
CA GLU D 133 1.45 11.94 -46.45
C GLU D 133 0.11 11.41 -46.03
N ASP D 134 0.05 10.20 -45.45
CA ASP D 134 -1.15 9.75 -44.76
C ASP D 134 -1.51 10.72 -43.64
N VAL D 135 -0.53 11.11 -42.84
CA VAL D 135 -0.72 12.18 -41.89
C VAL D 135 -0.79 13.50 -42.64
N ALA D 136 -1.82 14.28 -42.36
CA ALA D 136 -2.02 15.56 -43.03
C ALA D 136 -1.72 16.70 -42.07
N GLY D 137 -1.03 17.72 -42.59
CA GLY D 137 -0.81 18.93 -41.85
C GLY D 137 0.22 18.78 -40.74
N LEU D 138 0.43 19.91 -40.04
CA LEU D 138 1.37 20.05 -38.93
C LEU D 138 2.80 19.71 -39.37
N GLU D 139 3.28 20.56 -40.27
CA GLU D 139 4.56 20.35 -40.93
C GLU D 139 5.75 20.69 -40.06
N GLY D 140 5.54 21.33 -38.89
CA GLY D 140 6.65 21.47 -37.97
C GLY D 140 7.06 20.13 -37.37
N ALA D 141 6.07 19.30 -37.02
CA ALA D 141 6.38 17.99 -36.49
C ALA D 141 6.93 17.08 -37.58
N LYS D 142 6.39 17.20 -38.79
CA LYS D 142 6.94 16.47 -39.92
C LYS D 142 8.38 16.87 -40.21
N GLU D 143 8.66 18.17 -40.12
CA GLU D 143 10.02 18.66 -40.33
C GLU D 143 10.96 18.15 -39.26
N ALA D 144 10.54 18.23 -37.99
CA ALA D 144 11.40 17.85 -36.88
C ALA D 144 11.64 16.34 -36.85
N LEU D 145 10.68 15.55 -37.29
CA LEU D 145 10.87 14.11 -37.28
C LEU D 145 11.58 13.60 -38.52
N LYS D 146 11.43 14.28 -39.66
CA LYS D 146 12.26 13.94 -40.81
C LYS D 146 13.72 14.29 -40.54
N GLU D 147 13.98 15.45 -39.94
CA GLU D 147 15.35 15.79 -39.60
C GLU D 147 15.86 15.03 -38.39
N ALA D 148 14.96 14.43 -37.61
CA ALA D 148 15.36 13.66 -36.45
C ALA D 148 15.46 12.16 -36.72
N VAL D 149 14.93 11.70 -37.85
CA VAL D 149 14.90 10.27 -38.14
C VAL D 149 15.58 9.98 -39.47
N ILE D 150 15.09 10.62 -40.53
CA ILE D 150 15.60 10.34 -41.87
C ILE D 150 16.99 10.93 -42.04
N LEU D 151 17.17 12.17 -41.59
CA LEU D 151 18.46 12.84 -41.73
C LEU D 151 19.63 12.19 -40.97
N PRO D 152 19.48 11.61 -39.76
CA PRO D 152 20.63 10.87 -39.21
C PRO D 152 20.99 9.61 -39.97
N VAL D 153 19.99 8.85 -40.44
CA VAL D 153 20.28 7.58 -41.08
C VAL D 153 20.80 7.80 -42.50
N LYS D 154 20.13 8.66 -43.27
CA LYS D 154 20.52 8.90 -44.65
C LYS D 154 21.81 9.71 -44.72
N PHE D 155 21.99 10.66 -43.81
CA PHE D 155 23.17 11.52 -43.80
C PHE D 155 23.83 11.47 -42.43
N PRO D 156 24.60 10.41 -42.14
CA PRO D 156 25.32 10.38 -40.86
C PRO D 156 26.53 11.29 -40.82
N HIS D 157 27.07 11.67 -41.99
CA HIS D 157 28.29 12.47 -42.02
C HIS D 157 28.06 13.91 -41.63
N LEU D 158 26.82 14.41 -41.74
CA LEU D 158 26.54 15.77 -41.35
C LEU D 158 26.57 15.94 -39.84
N PHE D 159 25.98 14.96 -39.16
CA PHE D 159 25.91 14.85 -37.70
C PHE D 159 27.22 14.27 -37.20
N LYS D 160 28.13 15.15 -36.77
CA LYS D 160 29.44 14.71 -36.33
C LYS D 160 30.00 15.75 -35.37
N GLY D 161 30.56 15.27 -34.25
CA GLY D 161 31.17 16.15 -33.29
C GLY D 161 30.18 17.00 -32.52
N ASN D 162 30.20 18.31 -32.76
CA ASN D 162 29.33 19.22 -32.04
C ASN D 162 27.88 19.08 -32.48
N ARG D 163 27.66 18.77 -33.75
CA ARG D 163 26.30 18.65 -34.28
C ARG D 163 25.81 17.24 -34.04
N LYS D 164 24.81 17.12 -33.18
CA LYS D 164 24.29 15.82 -32.75
C LYS D 164 22.79 15.77 -32.96
N PRO D 165 22.24 14.59 -33.24
CA PRO D 165 20.79 14.48 -33.44
C PRO D 165 20.04 14.62 -32.12
N THR D 166 18.74 14.85 -32.25
CA THR D 166 17.88 15.00 -31.08
C THR D 166 17.67 13.65 -30.41
N SER D 167 17.70 13.64 -29.08
CA SER D 167 17.57 12.40 -28.32
C SER D 167 16.18 12.17 -27.76
N GLY D 168 15.48 13.22 -27.34
CA GLY D 168 14.18 13.05 -26.75
C GLY D 168 13.13 13.99 -27.30
N ILE D 169 12.09 13.45 -27.90
CA ILE D 169 11.03 14.22 -28.53
C ILE D 169 9.69 13.85 -27.91
N LEU D 170 8.98 14.85 -27.41
CA LEU D 170 7.66 14.67 -26.83
C LEU D 170 6.60 15.20 -27.77
N LEU D 171 5.62 14.33 -28.02
CA LEU D 171 4.40 14.74 -28.68
C LEU D 171 3.30 14.79 -27.64
N TYR D 172 2.38 15.72 -27.80
CA TYR D 172 1.26 15.82 -26.87
C TYR D 172 0.13 16.55 -27.55
N GLY D 173 -1.02 16.56 -26.87
CA GLY D 173 -2.18 17.25 -27.35
C GLY D 173 -3.46 16.60 -26.93
N PRO D 174 -4.59 17.05 -27.48
CA PRO D 174 -5.88 16.44 -27.21
C PRO D 174 -5.94 15.05 -27.81
N PRO D 175 -6.86 14.20 -27.34
CA PRO D 175 -6.90 12.82 -27.85
C PRO D 175 -7.37 12.76 -29.29
N GLY D 176 -6.60 12.05 -30.11
CA GLY D 176 -6.99 11.81 -31.48
C GLY D 176 -6.61 12.87 -32.47
N THR D 177 -5.62 13.68 -32.15
CA THR D 177 -5.08 14.62 -33.09
C THR D 177 -4.03 14.00 -34.01
N GLY D 178 -3.78 12.70 -33.86
CA GLY D 178 -2.89 11.99 -34.75
C GLY D 178 -1.53 11.67 -34.19
N LYS D 179 -1.42 11.48 -32.88
CA LYS D 179 -0.10 11.28 -32.29
C LYS D 179 0.41 9.88 -32.53
N SER D 180 -0.36 8.87 -32.11
CA SER D 180 0.09 7.49 -32.25
C SER D 180 0.09 7.04 -33.71
N TYR D 181 -0.77 7.64 -34.53
CA TYR D 181 -0.74 7.36 -35.96
C TYR D 181 0.51 7.94 -36.60
N LEU D 182 0.98 9.09 -36.11
CA LEU D 182 2.26 9.62 -36.55
C LEU D 182 3.40 8.73 -36.10
N ALA D 183 3.27 8.12 -34.91
CA ALA D 183 4.25 7.14 -34.47
C ALA D 183 4.22 5.90 -35.36
N LYS D 184 3.05 5.53 -35.88
CA LYS D 184 2.97 4.47 -36.86
C LYS D 184 3.70 4.85 -38.14
N ALA D 185 3.57 6.12 -38.56
CA ALA D 185 4.22 6.57 -39.78
C ALA D 185 5.73 6.58 -39.63
N VAL D 186 6.22 6.96 -38.44
CA VAL D 186 7.66 6.88 -38.18
C VAL D 186 8.10 5.43 -38.13
N ALA D 187 7.24 4.56 -37.61
CA ALA D 187 7.58 3.14 -37.50
C ALA D 187 7.68 2.48 -38.88
N THR D 188 6.83 2.89 -39.82
CA THR D 188 6.96 2.36 -41.17
C THR D 188 8.12 2.99 -41.90
N GLU D 189 8.30 4.30 -41.77
CA GLU D 189 9.33 5.03 -42.47
C GLU D 189 10.66 5.04 -41.73
N ALA D 190 10.86 4.14 -40.78
CA ALA D 190 12.05 4.17 -39.94
C ALA D 190 13.27 3.66 -40.68
N ASN D 191 13.18 2.44 -41.22
CA ASN D 191 14.32 1.61 -41.62
C ASN D 191 15.34 1.54 -40.49
N SER D 192 14.86 1.16 -39.29
CA SER D 192 15.65 1.03 -38.08
C SER D 192 14.93 0.06 -37.15
N THR D 193 15.65 -0.41 -36.14
CA THR D 193 15.09 -1.35 -35.17
C THR D 193 14.09 -0.60 -34.31
N PHE D 194 12.82 -0.66 -34.69
CA PHE D 194 11.78 0.10 -34.02
C PHE D 194 11.25 -0.70 -32.83
N PHE D 195 11.69 -0.35 -31.64
CA PHE D 195 11.06 -0.93 -30.47
C PHE D 195 9.79 -0.16 -30.14
N SER D 196 8.93 -0.80 -29.36
CA SER D 196 7.72 -0.17 -28.86
C SER D 196 7.30 -0.92 -27.61
N VAL D 197 6.95 -0.19 -26.56
CA VAL D 197 6.59 -0.81 -25.30
C VAL D 197 5.46 0.00 -24.67
N SER D 198 4.50 -0.72 -24.11
CA SER D 198 3.44 -0.10 -23.34
C SER D 198 3.85 -0.05 -21.88
N SER D 199 2.88 0.22 -21.00
CA SER D 199 3.16 0.13 -19.58
C SER D 199 3.09 -1.30 -19.06
N SER D 200 2.71 -2.25 -19.91
CA SER D 200 2.55 -3.63 -19.47
C SER D 200 3.89 -4.30 -19.25
N ASP D 201 4.79 -4.19 -20.23
CA ASP D 201 6.00 -5.00 -20.21
C ASP D 201 7.03 -4.44 -19.24
N LEU D 202 6.81 -3.24 -18.72
CA LEU D 202 7.77 -2.67 -17.80
C LEU D 202 7.46 -3.07 -16.36
N VAL D 203 6.17 -3.10 -15.99
CA VAL D 203 5.81 -3.39 -14.61
C VAL D 203 5.77 -4.88 -14.35
N SER D 204 6.70 -5.40 -13.55
CA SER D 204 6.78 -6.83 -13.34
C SER D 204 6.17 -7.24 -12.01
N LYS D 205 6.24 -8.53 -11.73
CA LYS D 205 5.59 -9.12 -10.56
C LYS D 205 6.38 -8.74 -9.31
N TRP D 206 7.62 -9.19 -9.14
CA TRP D 206 8.10 -9.43 -7.78
C TRP D 206 8.63 -8.15 -7.15
N MET D 207 9.87 -7.78 -7.46
CA MET D 207 10.37 -6.48 -7.07
C MET D 207 11.40 -5.95 -8.06
N GLY D 208 12.12 -6.86 -8.71
CA GLY D 208 13.37 -6.48 -9.34
C GLY D 208 13.27 -6.43 -10.85
N GLU D 209 12.42 -7.28 -11.43
CA GLU D 209 12.31 -7.34 -12.88
C GLU D 209 11.52 -6.15 -13.41
N SER D 210 10.89 -5.38 -12.53
CA SER D 210 10.18 -4.18 -12.94
C SER D 210 11.16 -3.10 -13.39
N GLU D 211 12.43 -3.21 -13.00
CA GLU D 211 13.38 -2.16 -13.26
C GLU D 211 14.53 -2.64 -14.15
N LYS D 212 14.96 -3.89 -13.95
CA LYS D 212 16.04 -4.44 -14.76
C LYS D 212 15.59 -4.65 -16.20
N LEU D 213 14.29 -4.80 -16.43
CA LEU D 213 13.78 -4.89 -17.79
C LEU D 213 13.84 -3.54 -18.49
N VAL D 214 13.74 -2.44 -17.73
CA VAL D 214 13.95 -1.13 -18.33
C VAL D 214 15.41 -0.98 -18.72
N LYS D 215 16.30 -1.41 -17.83
CA LYS D 215 17.74 -1.38 -18.10
C LYS D 215 18.11 -2.22 -19.31
N GLN D 216 17.53 -3.41 -19.42
CA GLN D 216 17.77 -4.23 -20.60
C GLN D 216 17.07 -3.68 -21.83
N LEU D 217 16.02 -2.88 -21.66
CA LEU D 217 15.34 -2.30 -22.81
C LEU D 217 16.22 -1.25 -23.46
N PHE D 218 16.73 -0.30 -22.67
CA PHE D 218 17.62 0.67 -23.27
C PHE D 218 18.97 0.07 -23.61
N ALA D 219 19.36 -1.00 -22.92
CA ALA D 219 20.61 -1.68 -23.21
C ALA D 219 20.57 -2.33 -24.59
N MET D 220 19.60 -3.22 -24.80
CA MET D 220 19.46 -3.87 -26.10
C MET D 220 19.01 -2.90 -27.18
N ALA D 221 18.37 -1.79 -26.78
CA ALA D 221 18.10 -0.71 -27.73
C ALA D 221 19.39 -0.08 -28.23
N ARG D 222 20.35 0.11 -27.33
CA ARG D 222 21.66 0.59 -27.77
C ARG D 222 22.44 -0.50 -28.50
N GLU D 223 22.13 -1.77 -28.25
CA GLU D 223 22.79 -2.84 -28.97
C GLU D 223 22.35 -2.88 -30.43
N ASN D 224 21.10 -2.55 -30.70
CA ASN D 224 20.58 -2.54 -32.06
C ASN D 224 20.53 -1.14 -32.64
N LYS D 225 21.50 -0.29 -32.29
CA LYS D 225 21.52 1.06 -32.81
C LYS D 225 21.92 1.06 -34.29
N PRO D 226 21.40 2.00 -35.10
CA PRO D 226 20.43 3.07 -34.84
C PRO D 226 19.02 2.54 -34.65
N SER D 227 18.37 3.06 -33.62
CA SER D 227 17.06 2.61 -33.18
C SER D 227 16.19 3.78 -32.74
N ILE D 228 14.89 3.50 -32.64
CA ILE D 228 13.88 4.46 -32.23
C ILE D 228 12.99 3.78 -31.19
N ILE D 229 12.73 4.46 -30.08
CA ILE D 229 11.87 3.95 -29.02
C ILE D 229 10.68 4.87 -28.92
N PHE D 230 9.47 4.30 -28.95
CA PHE D 230 8.25 5.05 -28.71
C PHE D 230 7.63 4.58 -27.40
N ILE D 231 7.13 5.52 -26.62
CA ILE D 231 6.38 5.21 -25.42
C ILE D 231 5.06 5.97 -25.53
N ASP D 232 3.96 5.25 -25.36
CA ASP D 232 2.64 5.87 -25.43
C ASP D 232 2.12 6.14 -24.02
N GLU D 233 1.62 7.36 -23.83
CA GLU D 233 1.00 7.84 -22.58
C GLU D 233 1.96 7.69 -21.40
N VAL D 234 3.01 8.53 -21.45
CA VAL D 234 4.04 8.58 -20.43
C VAL D 234 3.54 9.18 -19.13
N ASP D 235 2.30 9.67 -19.12
CA ASP D 235 1.69 10.18 -17.90
C ASP D 235 1.48 9.10 -16.83
N ALA D 236 1.51 7.83 -17.20
CA ALA D 236 1.42 6.74 -16.25
C ALA D 236 2.73 6.44 -15.54
N LEU D 237 3.79 7.18 -15.82
CA LEU D 237 5.09 6.93 -15.22
C LEU D 237 5.67 8.14 -14.51
N THR D 238 4.99 9.28 -14.55
CA THR D 238 5.48 10.54 -14.02
C THR D 238 4.78 10.89 -12.71
N GLY D 239 5.00 12.12 -12.25
CA GLY D 239 4.27 12.66 -11.11
C GLY D 239 4.91 12.38 -9.77
N THR D 240 6.15 12.84 -9.59
CA THR D 240 6.84 12.64 -8.32
C THR D 240 6.36 13.57 -7.23
N ARG D 241 5.55 14.58 -7.55
CA ARG D 241 5.09 15.54 -6.57
C ARG D 241 4.03 14.91 -5.68
N GLY D 242 4.24 15.02 -4.37
CA GLY D 242 3.49 14.23 -3.43
C GLY D 242 4.15 12.88 -3.24
N GLU D 243 3.45 12.00 -2.51
CA GLU D 243 3.95 10.65 -2.27
C GLU D 243 2.99 9.58 -2.77
N GLY D 244 2.00 9.95 -3.56
CA GLY D 244 1.16 8.95 -4.18
C GLY D 244 1.91 8.20 -5.27
N GLU D 245 1.54 6.92 -5.42
CA GLU D 245 2.12 5.98 -6.40
C GLU D 245 3.63 5.87 -6.19
N SER D 246 3.97 5.55 -4.94
CA SER D 246 5.26 5.90 -4.37
C SER D 246 6.39 5.06 -4.96
N GLU D 247 6.36 3.75 -4.70
CA GLU D 247 7.50 2.91 -5.05
C GLU D 247 7.62 2.74 -6.55
N ALA D 248 6.50 2.57 -7.25
CA ALA D 248 6.53 2.42 -8.70
C ALA D 248 7.01 3.71 -9.36
N SER D 249 6.54 4.86 -8.87
CA SER D 249 6.93 6.12 -9.48
C SER D 249 8.40 6.43 -9.22
N ARG D 250 8.86 6.25 -7.99
CA ARG D 250 10.24 6.57 -7.67
C ARG D 250 11.22 5.60 -8.32
N ARG D 251 10.96 4.30 -8.22
CA ARG D 251 11.89 3.32 -8.77
C ARG D 251 11.86 3.33 -10.30
N ILE D 252 10.67 3.21 -10.89
CA ILE D 252 10.57 3.09 -12.33
C ILE D 252 10.90 4.41 -13.00
N LYS D 253 10.42 5.51 -12.43
CA LYS D 253 10.69 6.81 -13.02
C LYS D 253 12.15 7.21 -12.83
N THR D 254 12.73 6.85 -11.68
CA THR D 254 14.15 7.08 -11.44
C THR D 254 15.00 6.32 -12.45
N GLU D 255 14.63 5.08 -12.75
CA GLU D 255 15.38 4.34 -13.75
C GLU D 255 15.15 4.89 -15.15
N LEU D 256 13.99 5.50 -15.40
CA LEU D 256 13.78 6.17 -16.68
C LEU D 256 14.68 7.38 -16.82
N LEU D 257 14.87 8.12 -15.72
CA LEU D 257 15.73 9.31 -15.74
C LEU D 257 17.19 8.91 -15.93
N VAL D 258 17.73 8.15 -14.97
CA VAL D 258 19.15 7.81 -14.95
C VAL D 258 19.51 6.92 -16.12
N GLN D 259 18.64 5.97 -16.44
CA GLN D 259 18.89 5.09 -17.56
C GLN D 259 18.67 5.81 -18.89
N MET D 260 17.88 6.88 -18.91
CA MET D 260 17.71 7.64 -20.14
C MET D 260 18.95 8.45 -20.45
N ASN D 261 19.44 9.22 -19.47
CA ASN D 261 20.84 9.66 -19.52
C ASN D 261 21.36 9.76 -18.10
N GLY D 262 22.65 9.52 -17.94
CA GLY D 262 23.19 9.30 -16.61
C GLY D 262 24.69 9.23 -16.63
N VAL D 263 25.25 8.23 -15.95
CA VAL D 263 26.68 8.14 -15.75
C VAL D 263 27.36 7.72 -17.04
N GLY D 264 27.03 6.52 -17.51
CA GLY D 264 27.71 5.97 -18.67
C GLY D 264 26.77 5.45 -19.72
N ASN D 265 25.60 6.07 -19.82
CA ASN D 265 24.65 5.72 -20.87
C ASN D 265 25.10 6.36 -22.18
N ASP D 266 25.12 5.57 -23.24
CA ASP D 266 25.34 6.11 -24.56
C ASP D 266 24.06 6.77 -25.05
N SER D 267 23.93 8.08 -24.78
CA SER D 267 22.74 8.82 -25.17
C SER D 267 22.64 9.00 -26.68
N GLN D 268 23.74 8.88 -27.40
CA GLN D 268 23.70 8.87 -28.85
C GLN D 268 23.08 7.57 -29.33
N GLY D 269 22.67 7.57 -30.61
CA GLY D 269 22.04 6.39 -31.12
C GLY D 269 20.52 6.45 -31.02
N VAL D 270 19.99 5.90 -29.93
CA VAL D 270 18.56 5.70 -29.79
C VAL D 270 17.82 7.03 -29.65
N LEU D 271 16.49 6.95 -29.86
CA LEU D 271 15.61 8.10 -29.85
C LEU D 271 14.36 7.74 -29.07
N VAL D 272 13.97 8.59 -28.13
CA VAL D 272 12.86 8.31 -27.24
C VAL D 272 11.70 9.20 -27.64
N LEU D 273 10.64 8.58 -28.17
CA LEU D 273 9.43 9.31 -28.56
C LEU D 273 8.41 9.19 -27.44
N GLY D 274 8.01 10.33 -26.89
CA GLY D 274 7.03 10.37 -25.83
C GLY D 274 5.71 10.89 -26.35
N ALA D 275 4.62 10.29 -25.88
CA ALA D 275 3.28 10.77 -26.14
C ALA D 275 2.56 10.93 -24.82
N THR D 276 1.59 11.84 -24.79
CA THR D 276 0.69 11.98 -23.65
C THR D 276 -0.54 12.77 -24.07
N ASN D 277 -1.52 12.77 -23.18
CA ASN D 277 -2.64 13.69 -23.26
C ASN D 277 -2.62 14.72 -22.15
N ILE D 278 -1.87 14.45 -21.08
CA ILE D 278 -1.76 15.35 -19.95
C ILE D 278 -0.29 15.73 -19.81
N PRO D 279 0.14 16.87 -20.34
CA PRO D 279 1.54 17.26 -20.21
C PRO D 279 1.84 18.13 -19.00
N TRP D 280 0.83 18.68 -18.32
CA TRP D 280 1.13 19.48 -17.15
C TRP D 280 1.40 18.63 -15.93
N GLN D 281 0.81 17.43 -15.85
CA GLN D 281 1.17 16.52 -14.78
C GLN D 281 2.49 15.81 -15.02
N LEU D 282 3.05 15.94 -16.22
CA LEU D 282 4.40 15.46 -16.48
C LEU D 282 5.39 16.30 -15.67
N ASP D 283 6.32 15.61 -15.00
CA ASP D 283 7.29 16.30 -14.17
C ASP D 283 8.29 17.07 -15.01
N SER D 284 8.79 18.18 -14.44
CA SER D 284 9.69 19.08 -15.15
C SER D 284 11.02 18.42 -15.53
N ALA D 285 11.45 17.41 -14.76
CA ALA D 285 12.70 16.75 -15.08
C ALA D 285 12.57 15.91 -16.34
N ILE D 286 11.49 15.14 -16.44
CA ILE D 286 11.24 14.38 -17.67
C ILE D 286 10.86 15.32 -18.79
N ARG D 287 10.28 16.47 -18.45
CA ARG D 287 10.04 17.52 -19.44
C ARG D 287 11.35 18.02 -20.04
N ARG D 288 12.40 18.08 -19.23
CA ARG D 288 13.70 18.44 -19.77
C ARG D 288 14.34 17.28 -20.52
N ARG D 289 14.03 16.04 -20.09
CA ARG D 289 14.52 14.86 -20.81
C ARG D 289 14.02 14.83 -22.24
N PHE D 290 12.75 15.14 -22.43
CA PHE D 290 12.16 15.23 -23.76
C PHE D 290 12.49 16.63 -24.25
N GLU D 291 13.66 16.76 -24.85
CA GLU D 291 14.26 18.08 -25.04
C GLU D 291 13.64 18.87 -26.17
N ARG D 292 12.89 18.24 -27.05
CA ARG D 292 12.25 18.94 -28.16
C ARG D 292 10.79 18.51 -28.20
N ARG D 293 9.91 19.31 -27.59
CA ARG D 293 8.51 18.96 -27.45
C ARG D 293 7.67 19.74 -28.46
N ILE D 294 6.61 19.10 -28.94
CA ILE D 294 5.79 19.63 -30.03
C ILE D 294 4.33 19.47 -29.65
N TYR D 295 3.59 20.58 -29.67
CA TYR D 295 2.15 20.52 -29.49
C TYR D 295 1.46 20.17 -30.80
N ILE D 296 0.43 19.34 -30.71
CA ILE D 296 -0.33 18.89 -31.85
C ILE D 296 -1.76 19.39 -31.72
N PRO D 297 -2.11 20.47 -32.41
CA PRO D 297 -3.43 21.07 -32.27
C PRO D 297 -4.50 20.28 -33.00
N LEU D 298 -5.73 20.77 -32.86
CA LEU D 298 -6.81 20.31 -33.73
C LEU D 298 -6.52 20.74 -35.16
N PRO D 299 -6.78 19.90 -36.14
CA PRO D 299 -6.39 20.25 -37.50
C PRO D 299 -7.24 21.38 -38.08
N ASP D 300 -6.60 22.25 -38.86
CA ASP D 300 -7.25 23.43 -39.41
C ASP D 300 -8.09 23.10 -40.63
N LEU D 301 -8.47 24.13 -41.42
CA LEU D 301 -9.30 23.90 -42.59
C LEU D 301 -8.63 23.00 -43.62
N ALA D 302 -7.41 23.37 -44.03
CA ALA D 302 -6.77 22.71 -45.17
C ALA D 302 -6.35 21.28 -44.84
N ALA D 303 -5.91 21.04 -43.60
CA ALA D 303 -5.50 19.69 -43.22
C ALA D 303 -6.69 18.75 -43.16
N ARG D 304 -7.85 19.26 -42.73
CA ARG D 304 -9.05 18.43 -42.71
C ARG D 304 -9.62 18.23 -44.10
N THR D 305 -9.42 19.21 -44.98
CA THR D 305 -9.70 18.98 -46.39
C THR D 305 -8.83 17.85 -46.93
N THR D 306 -7.56 17.84 -46.53
CA THR D 306 -6.64 16.80 -46.98
C THR D 306 -7.04 15.44 -46.42
N MET D 307 -7.44 15.39 -45.15
CA MET D 307 -7.87 14.13 -44.56
C MET D 307 -9.18 13.64 -45.12
N PHE D 308 -10.05 14.56 -45.55
CA PHE D 308 -11.23 14.15 -46.29
C PHE D 308 -10.84 13.51 -47.61
N GLU D 309 -9.95 14.17 -48.36
CA GLU D 309 -9.54 13.65 -49.67
C GLU D 309 -8.69 12.39 -49.57
N ILE D 310 -8.09 12.14 -48.40
CA ILE D 310 -7.37 10.88 -48.19
C ILE D 310 -8.35 9.78 -47.79
N ASN D 311 -9.19 10.06 -46.80
CA ASN D 311 -10.07 9.04 -46.27
C ASN D 311 -11.22 8.68 -47.20
N VAL D 312 -11.50 9.46 -48.26
CA VAL D 312 -12.43 8.95 -49.26
C VAL D 312 -11.79 7.81 -50.04
N GLY D 313 -10.49 7.88 -50.28
CA GLY D 313 -9.74 6.75 -50.84
C GLY D 313 -10.13 6.42 -52.26
N ASP D 314 -10.30 5.13 -52.53
CA ASP D 314 -10.65 4.63 -53.85
C ASP D 314 -12.15 4.61 -54.08
N THR D 315 -12.95 5.05 -53.11
CA THR D 315 -14.39 5.08 -53.29
C THR D 315 -14.76 6.20 -54.25
N PRO D 316 -15.60 5.94 -55.26
CA PRO D 316 -16.00 7.00 -56.19
C PRO D 316 -16.86 8.06 -55.52
N CYS D 317 -16.29 9.24 -55.31
CA CYS D 317 -17.00 10.32 -54.65
C CYS D 317 -17.85 11.08 -55.66
N VAL D 318 -18.37 12.22 -55.21
CA VAL D 318 -19.23 13.05 -56.05
C VAL D 318 -18.82 14.52 -56.02
N LEU D 319 -17.95 14.92 -55.09
CA LEU D 319 -17.69 16.33 -54.85
C LEU D 319 -16.36 16.79 -55.45
N THR D 320 -16.14 18.09 -55.37
CA THR D 320 -14.93 18.75 -55.81
C THR D 320 -14.13 19.22 -54.60
N LYS D 321 -12.98 19.83 -54.87
CA LYS D 321 -12.05 20.21 -53.81
C LYS D 321 -12.62 21.32 -52.92
N GLU D 322 -13.25 22.32 -53.54
CA GLU D 322 -13.88 23.38 -52.77
C GLU D 322 -15.12 22.90 -52.05
N ASP D 323 -15.70 21.78 -52.46
CA ASP D 323 -16.76 21.17 -51.67
C ASP D 323 -16.21 20.52 -50.41
N TYR D 324 -15.01 19.94 -50.49
CA TYR D 324 -14.33 19.50 -49.29
C TYR D 324 -13.94 20.68 -48.42
N ARG D 325 -13.65 21.84 -49.05
CA ARG D 325 -13.43 23.05 -48.28
C ARG D 325 -14.71 23.49 -47.57
N THR D 326 -15.86 23.30 -48.22
CA THR D 326 -17.14 23.55 -47.56
C THR D 326 -17.36 22.59 -46.41
N LEU D 327 -16.90 21.35 -46.56
CA LEU D 327 -16.99 20.36 -45.49
C LEU D 327 -16.15 20.76 -44.29
N GLY D 328 -14.87 21.08 -44.54
CA GLY D 328 -13.99 21.50 -43.46
C GLY D 328 -14.42 22.80 -42.82
N ALA D 329 -15.07 23.68 -43.59
CA ALA D 329 -15.68 24.86 -43.00
C ALA D 329 -16.87 24.51 -42.13
N MET D 330 -17.60 23.46 -42.50
CA MET D 330 -18.74 23.02 -41.70
C MET D 330 -18.30 22.32 -40.43
N THR D 331 -17.12 21.72 -40.44
CA THR D 331 -16.65 20.84 -39.37
C THR D 331 -15.61 21.50 -38.50
N GLU D 332 -15.79 22.77 -38.15
CA GLU D 332 -14.80 23.52 -37.38
C GLU D 332 -14.56 22.94 -35.99
N GLY D 333 -13.38 22.36 -35.79
CA GLY D 333 -12.97 21.88 -34.50
C GLY D 333 -13.25 20.42 -34.21
N TYR D 334 -12.82 19.52 -35.11
CA TYR D 334 -12.91 18.10 -34.86
C TYR D 334 -11.54 17.54 -34.50
N SER D 335 -11.48 16.22 -34.34
CA SER D 335 -10.24 15.47 -34.23
C SER D 335 -10.09 14.60 -35.46
N GLY D 336 -9.00 13.84 -35.50
CA GLY D 336 -8.81 12.91 -36.60
C GLY D 336 -9.74 11.72 -36.53
N SER D 337 -10.07 11.27 -35.32
CA SER D 337 -11.02 10.18 -35.17
C SER D 337 -12.43 10.62 -35.55
N ASP D 338 -12.77 11.88 -35.30
CA ASP D 338 -14.06 12.41 -35.71
C ASP D 338 -14.20 12.41 -37.23
N ILE D 339 -13.11 12.75 -37.91
CA ILE D 339 -13.07 12.67 -39.36
C ILE D 339 -13.18 11.22 -39.81
N ALA D 340 -12.51 10.31 -39.11
CA ALA D 340 -12.55 8.90 -39.47
C ALA D 340 -13.93 8.30 -39.32
N VAL D 341 -14.72 8.79 -38.35
CA VAL D 341 -16.05 8.23 -38.18
C VAL D 341 -17.11 8.94 -39.01
N VAL D 342 -16.90 10.20 -39.39
CA VAL D 342 -17.88 10.77 -40.31
C VAL D 342 -17.63 10.24 -41.71
N VAL D 343 -16.38 9.93 -42.05
CA VAL D 343 -16.10 9.26 -43.31
C VAL D 343 -16.59 7.82 -43.26
N LYS D 344 -16.49 7.19 -42.10
CA LYS D 344 -16.99 5.82 -41.93
C LYS D 344 -18.51 5.76 -42.10
N ASP D 345 -19.22 6.68 -41.43
CA ASP D 345 -20.68 6.77 -41.58
C ASP D 345 -21.07 7.11 -43.01
N ALA D 346 -20.27 7.96 -43.66
CA ALA D 346 -20.47 8.26 -45.08
C ALA D 346 -20.29 7.03 -45.94
N LEU D 347 -19.41 6.11 -45.54
CA LEU D 347 -19.29 4.84 -46.23
C LEU D 347 -20.31 3.83 -45.79
N MET D 348 -21.08 4.09 -44.72
CA MET D 348 -21.94 3.05 -44.17
C MET D 348 -23.43 3.32 -44.31
N GLN D 349 -23.83 4.49 -44.78
CA GLN D 349 -25.23 4.67 -45.17
C GLN D 349 -25.71 3.73 -46.29
N PRO D 350 -24.98 3.50 -47.40
CA PRO D 350 -25.54 2.60 -48.43
C PRO D 350 -25.62 1.13 -48.05
N ILE D 351 -24.86 0.70 -47.04
CA ILE D 351 -25.04 -0.64 -46.47
C ILE D 351 -26.41 -0.77 -45.87
N ARG D 352 -26.82 0.23 -45.07
CA ARG D 352 -28.16 0.28 -44.52
C ARG D 352 -29.21 0.41 -45.61
N LYS D 353 -28.85 1.03 -46.74
CA LYS D 353 -29.76 1.05 -47.88
C LYS D 353 -29.91 -0.35 -48.49
N ILE D 354 -28.85 -1.13 -48.52
CA ILE D 354 -28.92 -2.45 -49.16
C ILE D 354 -29.61 -3.45 -48.25
N GLN D 355 -29.17 -3.56 -47.00
CA GLN D 355 -29.80 -4.50 -46.07
C GLN D 355 -31.16 -4.01 -45.60
N SER D 356 -31.41 -2.72 -45.72
CA SER D 356 -32.65 -2.10 -45.26
C SER D 356 -33.89 -2.62 -45.96
N ALA D 357 -34.94 -2.86 -45.17
CA ALA D 357 -36.32 -2.76 -45.62
C ALA D 357 -36.68 -3.89 -46.57
N THR D 358 -37.75 -3.69 -47.34
CA THR D 358 -38.17 -4.68 -48.31
C THR D 358 -38.20 -4.08 -49.71
N HIS D 359 -37.49 -4.72 -50.64
CA HIS D 359 -37.48 -4.26 -52.04
C HIS D 359 -36.12 -3.87 -52.64
N PHE D 360 -35.74 -4.59 -53.69
CA PHE D 360 -34.58 -4.24 -54.53
C PHE D 360 -35.05 -4.13 -56.00
N LYS D 361 -34.10 -3.93 -56.92
CA LYS D 361 -34.42 -3.64 -58.30
C LYS D 361 -33.20 -3.82 -59.20
N ASP D 362 -33.41 -4.40 -60.38
CA ASP D 362 -32.33 -4.63 -61.34
C ASP D 362 -31.98 -3.34 -62.10
N VAL D 363 -30.69 -3.16 -62.37
CA VAL D 363 -30.18 -2.02 -63.16
C VAL D 363 -29.08 -2.48 -64.12
N SER D 364 -28.60 -1.55 -64.96
CA SER D 364 -27.55 -1.80 -65.99
C SER D 364 -28.14 -2.10 -67.39
N GLU D 369 -22.95 -6.84 -66.96
CA GLU D 369 -22.35 -8.16 -66.80
C GLU D 369 -23.20 -9.10 -65.92
N THR D 370 -24.41 -9.37 -66.39
CA THR D 370 -25.37 -10.36 -65.81
C THR D 370 -25.94 -10.02 -64.41
N ARG D 371 -27.16 -9.51 -64.41
CA ARG D 371 -27.96 -9.26 -63.21
C ARG D 371 -27.24 -8.41 -62.18
N LYS D 372 -27.89 -7.32 -61.76
CA LYS D 372 -27.34 -6.47 -60.68
C LYS D 372 -28.39 -5.60 -59.97
N LEU D 373 -28.68 -5.93 -58.71
CA LEU D 373 -29.77 -5.31 -57.97
C LEU D 373 -29.40 -4.48 -56.75
N THR D 374 -30.14 -3.39 -56.56
CA THR D 374 -29.87 -2.37 -55.54
C THR D 374 -31.16 -2.04 -54.76
N PRO D 375 -31.03 -1.52 -53.52
CA PRO D 375 -32.23 -1.17 -52.75
C PRO D 375 -33.00 -0.02 -53.37
N CYS D 376 -34.32 -0.15 -53.40
CA CYS D 376 -35.21 0.91 -53.88
C CYS D 376 -36.48 0.92 -53.03
N SER D 377 -37.20 2.05 -53.06
CA SER D 377 -38.42 2.24 -52.28
C SER D 377 -39.53 1.24 -52.62
N PRO D 378 -40.50 1.00 -51.70
CA PRO D 378 -41.64 0.15 -52.05
C PRO D 378 -42.43 0.67 -53.26
N GLY D 379 -42.50 -0.14 -54.31
CA GLY D 379 -43.23 0.21 -55.53
C GLY D 379 -42.45 1.16 -56.41
N ASP D 380 -41.67 0.59 -57.32
CA ASP D 380 -40.80 1.32 -58.26
C ASP D 380 -40.57 0.49 -59.56
N ASP D 381 -39.92 1.10 -60.54
CA ASP D 381 -39.62 0.45 -61.83
C ASP D 381 -38.79 -0.83 -61.70
N GLY D 382 -39.46 -1.97 -61.58
CA GLY D 382 -38.80 -3.27 -61.41
C GLY D 382 -38.54 -3.65 -59.96
N ALA D 383 -39.31 -3.04 -59.06
CA ALA D 383 -39.18 -3.27 -57.62
C ALA D 383 -39.75 -4.62 -57.17
N ILE D 384 -38.87 -5.61 -57.12
CA ILE D 384 -39.18 -6.90 -56.48
C ILE D 384 -39.11 -6.73 -54.94
N GLU D 385 -39.82 -7.57 -54.19
CA GLU D 385 -39.76 -7.51 -52.72
C GLU D 385 -38.89 -8.63 -52.15
N MET D 386 -37.81 -8.25 -51.47
CA MET D 386 -36.86 -9.23 -50.93
C MET D 386 -35.96 -8.63 -49.87
N SER D 387 -35.04 -9.46 -49.37
CA SER D 387 -34.00 -9.06 -48.43
C SER D 387 -32.64 -9.35 -49.02
N TRP D 388 -31.60 -8.69 -48.49
CA TRP D 388 -30.22 -8.87 -48.99
C TRP D 388 -29.80 -10.33 -48.98
N THR D 389 -30.33 -11.06 -48.01
CA THR D 389 -30.09 -12.48 -47.83
C THR D 389 -30.56 -13.28 -49.05
N ASP D 390 -31.64 -12.79 -49.68
CA ASP D 390 -32.23 -13.43 -50.85
C ASP D 390 -31.37 -13.29 -52.09
N ILE D 391 -30.42 -12.35 -52.04
CA ILE D 391 -29.72 -11.96 -53.26
C ILE D 391 -28.35 -12.59 -53.40
N GLU D 392 -28.01 -12.93 -54.64
CA GLU D 392 -26.85 -13.75 -54.95
C GLU D 392 -25.52 -13.02 -54.75
N ALA D 393 -24.51 -13.80 -54.36
CA ALA D 393 -23.14 -13.35 -54.24
C ALA D 393 -22.77 -12.39 -55.36
N ASP D 394 -22.05 -11.33 -55.00
CA ASP D 394 -21.66 -10.23 -55.90
C ASP D 394 -22.84 -9.42 -56.48
N GLU D 395 -23.77 -10.09 -57.16
CA GLU D 395 -24.80 -9.44 -57.95
C GLU D 395 -25.66 -8.43 -57.20
N LEU D 396 -25.10 -7.86 -56.15
CA LEU D 396 -25.61 -6.75 -55.38
C LEU D 396 -25.01 -5.45 -55.91
N LYS D 397 -25.86 -4.43 -56.04
CA LYS D 397 -25.39 -3.09 -56.34
C LYS D 397 -25.60 -2.20 -55.13
N GLU D 398 -24.51 -1.73 -54.55
CA GLU D 398 -24.55 -0.76 -53.47
C GLU D 398 -24.49 0.64 -54.11
N PRO D 399 -25.36 1.55 -53.68
CA PRO D 399 -25.43 2.93 -54.23
C PRO D 399 -24.22 3.80 -53.93
N ASP D 400 -23.92 4.79 -54.77
CA ASP D 400 -22.74 5.61 -54.53
C ASP D 400 -22.72 6.15 -53.10
N LEU D 401 -21.52 6.56 -52.68
CA LEU D 401 -21.41 7.48 -51.56
C LEU D 401 -22.02 8.82 -51.94
N THR D 402 -22.46 9.62 -50.96
CA THR D 402 -23.08 10.94 -51.24
C THR D 402 -22.87 12.05 -50.15
N ILE D 403 -22.99 13.34 -50.52
CA ILE D 403 -22.81 14.44 -49.54
C ILE D 403 -23.86 14.39 -48.42
N LYS D 404 -25.13 14.26 -48.80
CA LYS D 404 -26.18 13.94 -47.85
C LYS D 404 -25.69 12.95 -46.80
N ASP D 405 -24.83 12.02 -47.21
CA ASP D 405 -24.20 11.11 -46.27
C ASP D 405 -23.25 11.85 -45.35
N PHE D 406 -22.55 12.86 -45.89
CA PHE D 406 -21.65 13.68 -45.09
C PHE D 406 -22.42 14.45 -44.03
N LEU D 407 -23.46 15.17 -44.45
CA LEU D 407 -24.24 15.97 -43.53
C LEU D 407 -24.99 15.11 -42.52
N LYS D 408 -25.41 13.92 -42.92
CA LYS D 408 -26.00 12.97 -41.99
C LYS D 408 -24.97 12.52 -40.96
N ALA D 409 -23.72 12.34 -41.39
CA ALA D 409 -22.66 12.00 -40.45
C ALA D 409 -22.33 13.17 -39.54
N ILE D 410 -22.51 14.40 -40.02
CA ILE D 410 -22.30 15.57 -39.18
C ILE D 410 -23.38 15.64 -38.11
N LYS D 411 -24.63 15.35 -38.49
CA LYS D 411 -25.69 15.28 -37.50
C LYS D 411 -25.59 14.06 -36.60
N SER D 412 -24.74 13.09 -36.94
CA SER D 412 -24.64 11.89 -36.13
C SER D 412 -23.84 12.10 -34.85
N THR D 413 -22.73 12.83 -34.91
CA THR D 413 -21.71 12.74 -33.87
C THR D 413 -21.17 14.11 -33.50
N ARG D 414 -21.27 14.45 -32.22
CA ARG D 414 -20.66 15.60 -31.60
C ARG D 414 -19.17 15.36 -31.40
N PRO D 415 -18.33 16.41 -31.48
CA PRO D 415 -16.90 16.24 -31.17
C PRO D 415 -16.65 15.81 -29.73
N THR D 416 -15.56 15.07 -29.54
CA THR D 416 -15.23 14.48 -28.26
C THR D 416 -14.49 15.45 -27.35
N VAL D 417 -13.64 16.32 -27.92
CA VAL D 417 -12.74 17.14 -27.11
C VAL D 417 -13.50 18.23 -26.39
N ASN D 418 -13.01 18.57 -25.21
CA ASN D 418 -13.59 19.61 -24.38
C ASN D 418 -12.71 20.85 -24.45
N GLU D 419 -13.33 22.02 -24.36
CA GLU D 419 -12.63 23.24 -24.70
C GLU D 419 -11.86 23.86 -23.54
N ASP D 420 -12.20 23.54 -22.30
CA ASP D 420 -11.38 24.00 -21.19
C ASP D 420 -10.07 23.23 -21.11
N ASP D 421 -10.11 21.95 -21.49
CA ASP D 421 -8.87 21.20 -21.68
C ASP D 421 -8.02 21.80 -22.78
N LEU D 422 -8.67 22.33 -23.83
CA LEU D 422 -7.96 23.09 -24.84
C LEU D 422 -7.39 24.38 -24.27
N LEU D 423 -8.03 24.96 -23.27
CA LEU D 423 -7.46 26.14 -22.63
C LEU D 423 -6.21 25.77 -21.83
N LYS D 424 -6.18 24.58 -21.23
CA LYS D 424 -4.96 24.16 -20.55
C LYS D 424 -3.87 23.79 -21.54
N GLN D 425 -4.25 23.24 -22.70
CA GLN D 425 -3.27 23.01 -23.75
C GLN D 425 -2.74 24.31 -24.32
N GLU D 426 -3.56 25.36 -24.33
CA GLU D 426 -3.05 26.67 -24.71
C GLU D 426 -2.25 27.31 -23.59
N GLN D 427 -2.44 26.86 -22.35
CA GLN D 427 -1.60 27.34 -21.26
C GLN D 427 -0.20 26.77 -21.36
N PHE D 428 -0.10 25.42 -21.36
CA PHE D 428 1.20 24.78 -21.44
C PHE D 428 1.84 24.99 -22.81
N THR D 429 1.03 25.07 -23.86
CA THR D 429 1.58 25.35 -25.18
C THR D 429 2.03 26.80 -25.28
N ARG D 430 1.23 27.72 -24.74
CA ARG D 430 1.57 29.14 -24.77
C ARG D 430 2.83 29.42 -23.97
N ASP D 431 3.07 28.65 -22.91
CA ASP D 431 4.34 28.81 -22.21
C ASP D 431 5.45 28.02 -22.89
N PHE D 432 5.36 26.69 -22.86
CA PHE D 432 6.50 25.82 -23.13
C PHE D 432 6.54 25.28 -24.55
N GLY D 433 5.55 25.58 -25.39
CA GLY D 433 5.47 25.01 -26.71
C GLY D 433 6.52 25.49 -27.71
N ALA E 122 -8.03 -19.72 -16.10
CA ALA E 122 -7.65 -18.31 -16.12
C ALA E 122 -8.39 -17.54 -17.21
N ILE E 123 -8.72 -18.19 -18.32
CA ILE E 123 -9.46 -17.58 -19.42
C ILE E 123 -10.58 -18.54 -19.84
N LEU E 124 -11.80 -18.03 -19.89
CA LEU E 124 -12.98 -18.84 -20.19
C LEU E 124 -13.39 -18.70 -21.65
N SER E 125 -14.11 -19.70 -22.13
CA SER E 125 -14.63 -19.74 -23.49
C SER E 125 -15.79 -20.72 -23.56
N GLU E 126 -16.76 -20.42 -24.42
CA GLU E 126 -17.94 -21.25 -24.60
C GLU E 126 -18.60 -20.90 -25.93
N LYS E 127 -19.19 -21.90 -26.58
CA LYS E 127 -20.11 -21.68 -27.69
C LYS E 127 -21.53 -21.95 -27.21
N PRO E 128 -22.25 -20.91 -26.75
CA PRO E 128 -23.53 -21.12 -26.06
C PRO E 128 -24.72 -21.35 -26.97
N ASN E 129 -25.89 -21.35 -26.37
CA ASN E 129 -27.13 -21.82 -27.00
C ASN E 129 -28.00 -20.69 -27.54
N VAL E 130 -27.77 -19.45 -27.10
CA VAL E 130 -28.76 -18.37 -27.20
C VAL E 130 -28.92 -17.93 -28.65
N LYS E 131 -30.16 -17.80 -29.11
CA LYS E 131 -30.43 -17.39 -30.48
C LYS E 131 -31.08 -16.02 -30.51
N TRP E 132 -31.25 -15.49 -31.72
CA TRP E 132 -31.93 -14.21 -31.88
C TRP E 132 -33.40 -14.30 -31.53
N GLU E 133 -34.03 -15.42 -31.85
CA GLU E 133 -35.41 -15.65 -31.45
C GLU E 133 -35.51 -15.92 -29.95
N ASP E 134 -34.44 -16.43 -29.34
CA ASP E 134 -34.41 -16.56 -27.89
C ASP E 134 -34.41 -15.18 -27.22
N VAL E 135 -33.78 -14.20 -27.83
CA VAL E 135 -33.79 -12.85 -27.32
C VAL E 135 -35.11 -12.20 -27.71
N ALA E 136 -35.76 -11.54 -26.76
CA ALA E 136 -37.03 -10.85 -27.00
C ALA E 136 -36.85 -9.38 -26.66
N GLY E 137 -36.94 -8.53 -27.66
CA GLY E 137 -37.06 -7.10 -27.43
C GLY E 137 -35.86 -6.33 -27.97
N LEU E 138 -36.14 -5.07 -28.31
CA LEU E 138 -35.17 -4.04 -28.70
C LEU E 138 -34.39 -4.47 -29.95
N GLU E 139 -35.16 -4.51 -31.03
CA GLU E 139 -34.73 -5.04 -32.31
C GLU E 139 -33.77 -4.12 -33.08
N GLY E 140 -33.64 -2.86 -32.67
CA GLY E 140 -32.65 -2.00 -33.31
C GLY E 140 -31.23 -2.40 -32.94
N ALA E 141 -31.02 -2.74 -31.66
CA ALA E 141 -29.74 -3.32 -31.27
C ALA E 141 -29.53 -4.70 -31.89
N LYS E 142 -30.62 -5.44 -32.09
CA LYS E 142 -30.54 -6.75 -32.74
C LYS E 142 -30.04 -6.62 -34.16
N GLU E 143 -30.67 -5.77 -34.98
CA GLU E 143 -30.25 -5.60 -36.36
C GLU E 143 -28.89 -4.89 -36.44
N ALA E 144 -28.57 -4.07 -35.44
CA ALA E 144 -27.25 -3.45 -35.40
C ALA E 144 -26.15 -4.49 -35.20
N LEU E 145 -26.37 -5.45 -34.30
CA LEU E 145 -25.36 -6.48 -34.10
C LEU E 145 -25.40 -7.54 -35.19
N LYS E 146 -26.57 -7.76 -35.80
CA LYS E 146 -26.65 -8.60 -37.00
C LYS E 146 -25.85 -7.99 -38.14
N GLU E 147 -25.87 -6.66 -38.23
CA GLU E 147 -25.02 -5.98 -39.20
C GLU E 147 -23.55 -6.13 -38.85
N ALA E 148 -23.15 -5.62 -37.67
CA ALA E 148 -21.74 -5.50 -37.35
C ALA E 148 -21.06 -6.83 -37.08
N VAL E 149 -21.83 -7.91 -36.86
CA VAL E 149 -21.27 -9.23 -36.64
C VAL E 149 -21.65 -10.20 -37.76
N ILE E 150 -22.94 -10.26 -38.09
CA ILE E 150 -23.40 -11.19 -39.12
C ILE E 150 -22.99 -10.71 -40.50
N LEU E 151 -22.90 -9.40 -40.71
CA LEU E 151 -22.49 -8.88 -42.01
C LEU E 151 -21.02 -9.15 -42.36
N PRO E 152 -20.05 -9.15 -41.42
CA PRO E 152 -18.77 -9.79 -41.75
C PRO E 152 -18.90 -11.27 -42.06
N VAL E 153 -19.85 -11.97 -41.47
CA VAL E 153 -20.02 -13.38 -41.78
C VAL E 153 -20.79 -13.55 -43.08
N LYS E 154 -21.85 -12.77 -43.28
CA LYS E 154 -22.69 -12.94 -44.48
C LYS E 154 -22.00 -12.41 -45.72
N PHE E 155 -21.35 -11.25 -45.62
CA PHE E 155 -20.61 -10.67 -46.74
C PHE E 155 -19.28 -10.11 -46.24
N PRO E 156 -18.28 -10.97 -46.08
CA PRO E 156 -16.93 -10.46 -45.78
C PRO E 156 -16.30 -9.72 -46.94
N HIS E 157 -16.70 -10.02 -48.19
CA HIS E 157 -16.06 -9.42 -49.35
C HIS E 157 -16.50 -7.98 -49.59
N LEU E 158 -17.52 -7.50 -48.89
CA LEU E 158 -17.84 -6.07 -48.97
C LEU E 158 -16.85 -5.24 -48.17
N PHE E 159 -16.21 -5.83 -47.16
CA PHE E 159 -15.36 -5.08 -46.25
C PHE E 159 -13.94 -5.15 -46.76
N LYS E 160 -13.52 -4.11 -47.48
CA LYS E 160 -12.20 -4.09 -48.08
C LYS E 160 -11.78 -2.64 -48.30
N GLY E 161 -10.55 -2.33 -47.92
CA GLY E 161 -10.01 -1.00 -48.11
C GLY E 161 -10.62 0.05 -47.21
N ASN E 162 -11.38 0.96 -47.79
CA ASN E 162 -11.98 2.04 -47.00
C ASN E 162 -13.10 1.54 -46.12
N ARG E 163 -13.85 0.54 -46.57
CA ARG E 163 -14.98 0.01 -45.82
C ARG E 163 -14.45 -1.04 -44.85
N LYS E 164 -14.54 -0.73 -43.56
CA LYS E 164 -14.00 -1.58 -42.51
C LYS E 164 -15.08 -1.88 -41.48
N PRO E 165 -15.02 -3.05 -40.84
CA PRO E 165 -16.03 -3.38 -39.83
C PRO E 165 -15.81 -2.57 -38.55
N THR E 166 -16.83 -2.58 -37.71
CA THR E 166 -16.79 -1.86 -36.46
C THR E 166 -15.88 -2.58 -35.47
N SER E 167 -15.08 -1.81 -34.74
CA SER E 167 -14.11 -2.39 -33.80
C SER E 167 -14.58 -2.37 -32.35
N GLY E 168 -15.31 -1.34 -31.94
CA GLY E 168 -15.72 -1.26 -30.55
C GLY E 168 -17.19 -0.90 -30.38
N ILE E 169 -17.94 -1.79 -29.76
CA ILE E 169 -19.37 -1.62 -29.58
C ILE E 169 -19.70 -1.68 -28.10
N LEU E 170 -20.37 -0.65 -27.59
CA LEU E 170 -20.79 -0.58 -26.20
C LEU E 170 -22.29 -0.80 -26.12
N LEU E 171 -22.70 -1.63 -25.16
CA LEU E 171 -24.07 -1.71 -24.70
C LEU E 171 -24.13 -1.18 -23.27
N TYR E 172 -25.24 -0.56 -22.90
CA TYR E 172 -25.33 0.08 -21.59
C TYR E 172 -26.81 0.24 -21.23
N GLY E 173 -27.04 0.72 -20.01
CA GLY E 173 -28.38 1.00 -19.54
C GLY E 173 -28.58 0.59 -18.09
N PRO E 174 -29.80 0.21 -17.73
CA PRO E 174 -30.06 -0.33 -16.40
C PRO E 174 -29.61 -1.77 -16.32
N PRO E 175 -29.47 -2.34 -15.11
CA PRO E 175 -29.03 -3.74 -15.00
C PRO E 175 -30.09 -4.73 -15.46
N GLY E 176 -29.64 -5.95 -15.73
CA GLY E 176 -30.55 -7.06 -15.97
C GLY E 176 -31.32 -7.03 -17.27
N THR E 177 -30.88 -6.24 -18.24
CA THR E 177 -31.61 -6.09 -19.50
C THR E 177 -31.16 -7.06 -20.58
N GLY E 178 -30.23 -7.96 -20.28
CA GLY E 178 -29.85 -9.02 -21.20
C GLY E 178 -28.72 -8.70 -22.14
N LYS E 179 -27.72 -7.95 -21.71
CA LYS E 179 -26.63 -7.60 -22.61
C LYS E 179 -25.68 -8.77 -22.80
N SER E 180 -25.40 -9.50 -21.73
CA SER E 180 -24.57 -10.70 -21.83
C SER E 180 -25.31 -11.82 -22.54
N TYR E 181 -26.62 -11.89 -22.34
CA TYR E 181 -27.45 -12.88 -23.03
C TYR E 181 -27.48 -12.60 -24.53
N LEU E 182 -27.59 -11.32 -24.91
CA LEU E 182 -27.50 -10.93 -26.30
C LEU E 182 -26.10 -11.17 -26.85
N ALA E 183 -25.08 -11.00 -26.01
CA ALA E 183 -23.73 -11.35 -26.42
C ALA E 183 -23.59 -12.84 -26.67
N LYS E 184 -24.35 -13.66 -25.94
CA LYS E 184 -24.35 -15.09 -26.21
C LYS E 184 -25.15 -15.41 -27.47
N ALA E 185 -26.13 -14.58 -27.82
CA ALA E 185 -26.79 -14.74 -29.11
C ALA E 185 -25.83 -14.45 -30.26
N VAL E 186 -25.07 -13.36 -30.12
CA VAL E 186 -23.98 -13.04 -31.04
C VAL E 186 -22.95 -14.16 -31.07
N ALA E 187 -22.74 -14.83 -29.93
CA ALA E 187 -21.79 -15.92 -29.85
C ALA E 187 -22.25 -17.13 -30.64
N THR E 188 -23.52 -17.50 -30.51
CA THR E 188 -24.00 -18.70 -31.20
C THR E 188 -24.11 -18.45 -32.70
N GLU E 189 -24.60 -17.28 -33.09
CA GLU E 189 -24.64 -16.97 -34.51
C GLU E 189 -23.31 -16.45 -35.04
N ALA E 190 -22.27 -16.44 -34.22
CA ALA E 190 -20.97 -15.90 -34.59
C ALA E 190 -20.08 -16.94 -35.28
N ASN E 191 -20.05 -18.16 -34.72
CA ASN E 191 -19.08 -19.19 -35.04
C ASN E 191 -17.66 -18.64 -34.86
N SER E 192 -17.37 -18.19 -33.64
CA SER E 192 -16.07 -17.61 -33.39
C SER E 192 -15.72 -17.84 -31.93
N THR E 193 -14.45 -17.65 -31.60
CA THR E 193 -13.99 -17.84 -30.23
C THR E 193 -14.53 -16.69 -29.39
N PHE E 194 -15.65 -16.93 -28.74
CA PHE E 194 -16.34 -15.89 -27.98
C PHE E 194 -15.78 -15.84 -26.57
N PHE E 195 -14.91 -14.87 -26.32
CA PHE E 195 -14.52 -14.63 -24.94
C PHE E 195 -15.55 -13.77 -24.24
N SER E 196 -15.53 -13.82 -22.91
CA SER E 196 -16.38 -12.98 -22.10
C SER E 196 -15.72 -12.85 -20.73
N VAL E 197 -15.68 -11.63 -20.21
CA VAL E 197 -15.01 -11.40 -18.94
C VAL E 197 -15.79 -10.35 -18.17
N SER E 198 -15.90 -10.56 -16.87
CA SER E 198 -16.42 -9.57 -15.92
C SER E 198 -15.24 -8.74 -15.40
N SER E 199 -15.44 -7.99 -14.32
CA SER E 199 -14.30 -7.33 -13.71
C SER E 199 -13.52 -8.26 -12.80
N SER E 200 -14.13 -9.36 -12.36
CA SER E 200 -13.55 -10.20 -11.31
C SER E 200 -12.31 -10.94 -11.79
N ASP E 201 -12.16 -11.11 -13.09
CA ASP E 201 -10.96 -11.69 -13.65
C ASP E 201 -9.90 -10.63 -13.97
N LEU E 202 -10.10 -9.41 -13.47
CA LEU E 202 -9.25 -8.27 -13.83
C LEU E 202 -8.85 -7.39 -12.66
N VAL E 203 -9.42 -7.57 -11.47
CA VAL E 203 -9.13 -6.70 -10.33
C VAL E 203 -7.73 -7.01 -9.81
N SER E 204 -6.98 -5.97 -9.45
CA SER E 204 -5.64 -6.09 -8.89
C SER E 204 -5.68 -6.75 -7.52
N LYS E 205 -5.21 -8.00 -7.45
CA LYS E 205 -4.81 -8.55 -6.16
C LYS E 205 -3.32 -8.32 -5.93
N TRP E 206 -2.49 -8.68 -6.90
CA TRP E 206 -1.07 -8.31 -6.89
C TRP E 206 -0.88 -6.98 -7.62
N MET E 207 0.37 -6.68 -7.95
CA MET E 207 0.76 -5.44 -8.62
C MET E 207 1.30 -5.70 -10.03
N GLY E 208 0.60 -6.46 -10.87
CA GLY E 208 1.11 -6.71 -12.20
C GLY E 208 0.69 -7.99 -12.90
N GLU E 209 0.02 -8.92 -12.26
CA GLU E 209 -0.90 -9.79 -12.99
C GLU E 209 -2.20 -9.07 -13.30
N SER E 210 -2.41 -7.89 -12.70
CA SER E 210 -3.58 -7.09 -13.01
C SER E 210 -3.51 -6.52 -14.42
N GLU E 211 -2.32 -6.48 -15.00
CA GLU E 211 -2.15 -5.83 -16.29
C GLU E 211 -1.67 -6.81 -17.35
N LYS E 212 -0.79 -7.75 -16.97
CA LYS E 212 -0.30 -8.74 -17.92
C LYS E 212 -1.41 -9.69 -18.35
N LEU E 213 -2.42 -9.86 -17.51
CA LEU E 213 -3.57 -10.67 -17.92
C LEU E 213 -4.42 -9.97 -18.98
N VAL E 214 -4.42 -8.64 -18.97
CA VAL E 214 -5.07 -7.90 -20.05
C VAL E 214 -4.30 -8.10 -21.33
N LYS E 215 -2.98 -8.01 -21.23
CA LYS E 215 -2.10 -8.23 -22.38
C LYS E 215 -2.24 -9.63 -22.95
N GLN E 216 -2.33 -10.64 -22.08
CA GLN E 216 -2.55 -12.00 -22.55
C GLN E 216 -3.98 -12.19 -23.04
N LEU E 217 -4.92 -11.37 -22.57
CA LEU E 217 -6.30 -11.49 -23.03
C LEU E 217 -6.41 -11.07 -24.48
N PHE E 218 -5.90 -9.88 -24.80
CA PHE E 218 -5.95 -9.48 -26.21
C PHE E 218 -4.95 -10.25 -27.04
N ALA E 219 -3.89 -10.76 -26.42
CA ALA E 219 -2.91 -11.58 -27.14
C ALA E 219 -3.52 -12.89 -27.61
N MET E 220 -4.06 -13.67 -26.67
CA MET E 220 -4.69 -14.93 -27.03
C MET E 220 -6.00 -14.72 -27.78
N ALA E 221 -6.62 -13.54 -27.62
CA ALA E 221 -7.75 -13.17 -28.46
C ALA E 221 -7.32 -13.03 -29.92
N ARG E 222 -6.16 -12.41 -30.15
CA ARG E 222 -5.63 -12.38 -31.50
C ARG E 222 -5.11 -13.73 -31.96
N GLU E 223 -4.75 -14.60 -31.03
CA GLU E 223 -4.32 -15.95 -31.40
C GLU E 223 -5.48 -16.77 -31.93
N ASN E 224 -6.68 -16.58 -31.38
CA ASN E 224 -7.85 -17.31 -31.81
C ASN E 224 -8.72 -16.47 -32.75
N LYS E 225 -8.10 -15.66 -33.59
CA LYS E 225 -8.87 -14.84 -34.51
C LYS E 225 -9.45 -15.71 -35.63
N PRO E 226 -10.63 -15.36 -36.17
CA PRO E 226 -11.55 -14.26 -35.85
C PRO E 226 -12.29 -14.50 -34.54
N SER E 227 -12.45 -13.44 -33.70
CA SER E 227 -12.84 -13.59 -32.30
C SER E 227 -13.69 -12.41 -31.85
N ILE E 228 -14.35 -12.61 -30.71
CA ILE E 228 -15.20 -11.61 -30.07
C ILE E 228 -14.85 -11.58 -28.59
N ILE E 229 -14.66 -10.38 -28.04
CA ILE E 229 -14.37 -10.20 -26.63
C ILE E 229 -15.51 -9.42 -26.02
N PHE E 230 -16.04 -9.93 -24.92
CA PHE E 230 -17.06 -9.23 -24.14
C PHE E 230 -16.45 -8.85 -22.79
N ILE E 231 -16.75 -7.64 -22.34
CA ILE E 231 -16.38 -7.19 -21.01
C ILE E 231 -17.66 -6.70 -20.35
N ASP E 232 -17.95 -7.20 -19.15
CA ASP E 232 -19.15 -6.77 -18.43
C ASP E 232 -18.76 -5.74 -17.38
N GLU E 233 -19.54 -4.65 -17.35
CA GLU E 233 -19.42 -3.56 -16.39
C GLU E 233 -18.01 -2.94 -16.42
N VAL E 234 -17.75 -2.27 -17.54
CA VAL E 234 -16.48 -1.60 -17.79
C VAL E 234 -16.31 -0.35 -16.94
N ASP E 235 -17.34 0.01 -16.16
CA ASP E 235 -17.25 1.13 -15.24
C ASP E 235 -16.25 0.89 -14.11
N ALA E 236 -15.86 -0.36 -13.87
CA ALA E 236 -14.84 -0.67 -12.87
C ALA E 236 -13.42 -0.46 -13.37
N LEU E 237 -13.24 0.01 -14.61
CA LEU E 237 -11.91 0.20 -15.17
C LEU E 237 -11.67 1.61 -15.68
N THR E 238 -12.67 2.48 -15.60
CA THR E 238 -12.62 3.82 -16.15
C THR E 238 -12.45 4.86 -15.05
N GLY E 239 -12.60 6.14 -15.42
CA GLY E 239 -12.65 7.21 -14.45
C GLY E 239 -11.29 7.80 -14.11
N THR E 240 -10.59 8.32 -15.12
CA THR E 240 -9.29 8.93 -14.88
C THR E 240 -9.39 10.32 -14.27
N ARG E 241 -10.57 10.91 -14.21
CA ARG E 241 -10.73 12.25 -13.69
C ARG E 241 -10.59 12.24 -12.18
N GLY E 242 -9.73 13.10 -11.67
CA GLY E 242 -9.28 13.00 -10.30
C GLY E 242 -8.11 12.05 -10.19
N GLU E 243 -7.73 11.75 -8.95
CA GLU E 243 -6.64 10.83 -8.69
C GLU E 243 -7.06 9.64 -7.84
N GLY E 244 -8.36 9.45 -7.65
CA GLY E 244 -8.82 8.24 -6.99
C GLY E 244 -8.63 7.02 -7.86
N GLU E 245 -8.37 5.89 -7.19
CA GLU E 245 -8.15 4.56 -7.81
C GLU E 245 -6.97 4.65 -8.80
N SER E 246 -5.86 5.14 -8.25
CA SER E 246 -4.83 5.79 -9.07
C SER E 246 -4.06 4.80 -9.92
N GLU E 247 -3.32 3.89 -9.27
CA GLU E 247 -2.39 3.05 -10.01
C GLU E 247 -3.14 2.02 -10.85
N ALA E 248 -4.21 1.44 -10.31
CA ALA E 248 -4.99 0.46 -11.07
C ALA E 248 -5.67 1.11 -12.26
N SER E 249 -6.21 2.32 -12.06
CA SER E 249 -6.91 3.00 -13.15
C SER E 249 -5.94 3.44 -14.24
N ARG E 250 -4.81 4.03 -13.85
CA ARG E 250 -3.86 4.53 -14.86
C ARG E 250 -3.17 3.38 -15.59
N ARG E 251 -2.68 2.39 -14.85
CA ARG E 251 -1.95 1.30 -15.49
C ARG E 251 -2.88 0.39 -16.31
N ILE E 252 -3.95 -0.08 -15.67
CA ILE E 252 -4.83 -1.05 -16.33
C ILE E 252 -5.62 -0.37 -17.44
N LYS E 253 -6.11 0.84 -17.16
CA LYS E 253 -6.89 1.55 -18.17
C LYS E 253 -6.01 2.03 -19.32
N THR E 254 -4.77 2.44 -19.00
CA THR E 254 -3.80 2.80 -20.03
C THR E 254 -3.50 1.61 -20.94
N GLU E 255 -3.35 0.43 -20.36
CA GLU E 255 -3.11 -0.74 -21.19
C GLU E 255 -4.35 -1.12 -21.98
N LEU E 256 -5.54 -0.82 -21.46
CA LEU E 256 -6.75 -1.05 -22.24
C LEU E 256 -6.81 -0.12 -23.44
N LEU E 257 -6.38 1.13 -23.28
CA LEU E 257 -6.37 2.09 -24.38
C LEU E 257 -5.34 1.70 -25.44
N VAL E 258 -4.06 1.67 -25.04
CA VAL E 258 -2.97 1.46 -25.98
C VAL E 258 -3.02 0.05 -26.55
N GLN E 259 -3.35 -0.93 -25.71
CA GLN E 259 -3.45 -2.29 -26.18
C GLN E 259 -4.71 -2.51 -27.00
N MET E 260 -5.74 -1.67 -26.80
CA MET E 260 -6.93 -1.79 -27.62
C MET E 260 -6.69 -1.29 -29.03
N ASN E 261 -6.13 -0.08 -29.16
CA ASN E 261 -5.45 0.28 -30.40
C ASN E 261 -4.31 1.22 -30.07
N GLY E 262 -3.26 1.16 -30.87
CA GLY E 262 -2.01 1.78 -30.47
C GLY E 262 -1.01 1.75 -31.59
N VAL E 263 0.22 1.36 -31.28
CA VAL E 263 1.32 1.46 -32.22
C VAL E 263 1.20 0.37 -33.27
N GLY E 264 1.26 -0.89 -32.84
CA GLY E 264 1.26 -1.99 -33.77
C GLY E 264 0.25 -3.06 -33.43
N ASN E 265 -0.86 -2.65 -32.83
CA ASN E 265 -1.94 -3.58 -32.55
C ASN E 265 -2.73 -3.83 -33.83
N ASP E 266 -2.99 -5.10 -34.13
CA ASP E 266 -3.88 -5.43 -35.22
C ASP E 266 -5.32 -5.22 -34.76
N SER E 267 -5.85 -4.02 -34.99
CA SER E 267 -7.20 -3.69 -34.58
C SER E 267 -8.26 -4.43 -35.38
N GLN E 268 -7.92 -4.92 -36.56
CA GLN E 268 -8.80 -5.79 -37.31
C GLN E 268 -8.90 -7.15 -36.62
N GLY E 269 -9.91 -7.92 -37.00
CA GLY E 269 -10.11 -9.20 -36.35
C GLY E 269 -11.05 -9.11 -35.19
N VAL E 270 -10.49 -8.92 -33.99
CA VAL E 270 -11.26 -9.05 -32.75
C VAL E 270 -12.26 -7.91 -32.61
N LEU E 271 -13.29 -8.16 -31.87
CA LEU E 271 -14.41 -7.28 -31.57
C LEU E 271 -14.54 -7.16 -30.07
N VAL E 272 -14.64 -5.94 -29.57
CA VAL E 272 -14.66 -5.69 -28.14
C VAL E 272 -16.08 -5.27 -27.77
N LEU E 273 -16.78 -6.13 -27.02
CA LEU E 273 -18.12 -5.83 -26.54
C LEU E 273 -18.04 -5.32 -25.12
N GLY E 274 -18.51 -4.09 -24.91
CA GLY E 274 -18.51 -3.47 -23.59
C GLY E 274 -19.92 -3.42 -23.03
N ALA E 275 -20.03 -3.69 -21.74
CA ALA E 275 -21.28 -3.52 -21.01
C ALA E 275 -21.01 -2.65 -19.80
N THR E 276 -22.04 -1.95 -19.35
CA THR E 276 -22.00 -1.20 -18.10
C THR E 276 -23.41 -0.88 -17.65
N ASN E 277 -23.50 -0.40 -16.41
CA ASN E 277 -24.70 0.24 -15.92
C ASN E 277 -24.50 1.73 -15.68
N ILE E 278 -23.25 2.17 -15.62
CA ILE E 278 -22.93 3.58 -15.40
C ILE E 278 -22.10 4.04 -16.59
N PRO E 279 -22.69 4.67 -17.59
CA PRO E 279 -21.93 5.13 -18.75
C PRO E 279 -21.41 6.55 -18.63
N TRP E 280 -21.90 7.34 -17.67
CA TRP E 280 -21.39 8.70 -17.56
C TRP E 280 -20.08 8.74 -16.82
N GLN E 281 -19.82 7.80 -15.91
CA GLN E 281 -18.51 7.72 -15.29
C GLN E 281 -17.47 7.07 -16.20
N LEU E 282 -17.91 6.49 -17.31
CA LEU E 282 -16.99 6.02 -18.32
C LEU E 282 -16.27 7.21 -18.95
N ASP E 283 -14.95 7.10 -19.07
CA ASP E 283 -14.15 8.20 -19.60
C ASP E 283 -14.39 8.36 -21.11
N SER E 284 -14.28 9.62 -21.56
CA SER E 284 -14.56 9.96 -22.95
C SER E 284 -13.63 9.28 -23.94
N ALA E 285 -12.40 8.95 -23.52
CA ALA E 285 -11.48 8.28 -24.43
C ALA E 285 -11.93 6.86 -24.71
N ILE E 286 -12.31 6.12 -23.66
CA ILE E 286 -12.83 4.77 -23.86
C ILE E 286 -14.21 4.85 -24.50
N ARG E 287 -14.93 5.95 -24.27
CA ARG E 287 -16.18 6.20 -24.98
C ARG E 287 -15.95 6.31 -26.48
N ARG E 288 -14.82 6.89 -26.87
CA ARG E 288 -14.49 6.93 -28.29
C ARG E 288 -13.99 5.57 -28.77
N ARG E 289 -13.33 4.81 -27.90
CA ARG E 289 -12.89 3.46 -28.24
C ARG E 289 -14.05 2.57 -28.61
N PHE E 290 -15.13 2.65 -27.84
CA PHE E 290 -16.35 1.89 -28.13
C PHE E 290 -17.11 2.76 -29.13
N GLU E 291 -16.79 2.57 -30.40
CA GLU E 291 -17.15 3.56 -31.41
C GLU E 291 -18.62 3.50 -31.81
N ARG E 292 -19.33 2.42 -31.49
CA ARG E 292 -20.74 2.30 -31.83
C ARG E 292 -21.48 1.86 -30.57
N ARG E 293 -22.05 2.82 -29.85
CA ARG E 293 -22.69 2.55 -28.57
C ARG E 293 -24.20 2.56 -28.73
N ILE E 294 -24.86 1.69 -27.95
CA ILE E 294 -26.29 1.43 -28.09
C ILE E 294 -26.92 1.46 -26.71
N TYR E 295 -27.92 2.30 -26.52
CA TYR E 295 -28.71 2.30 -25.31
C TYR E 295 -29.77 1.20 -25.35
N ILE E 296 -29.97 0.55 -24.22
CA ILE E 296 -30.92 -0.54 -24.09
C ILE E 296 -31.99 -0.11 -23.09
N PRO E 297 -33.15 0.33 -23.56
CA PRO E 297 -34.19 0.83 -22.66
C PRO E 297 -34.94 -0.29 -21.96
N LEU E 298 -35.87 0.12 -21.11
CA LEU E 298 -36.85 -0.81 -20.58
C LEU E 298 -37.75 -1.29 -21.72
N PRO E 299 -38.03 -2.60 -21.76
CA PRO E 299 -38.78 -3.18 -22.90
C PRO E 299 -40.26 -2.91 -22.79
N ASP E 300 -41.05 -3.52 -23.66
CA ASP E 300 -42.45 -3.17 -23.72
C ASP E 300 -43.33 -4.37 -23.33
N LEU E 301 -44.61 -4.18 -23.57
CA LEU E 301 -45.67 -5.13 -23.28
C LEU E 301 -45.47 -6.45 -24.02
N ALA E 302 -45.33 -6.38 -25.36
CA ALA E 302 -45.35 -7.59 -26.18
C ALA E 302 -44.12 -8.45 -25.98
N ALA E 303 -42.96 -7.81 -25.76
CA ALA E 303 -41.74 -8.58 -25.56
C ALA E 303 -41.77 -9.32 -24.23
N ARG E 304 -42.37 -8.71 -23.22
CA ARG E 304 -42.49 -9.38 -21.93
C ARG E 304 -43.56 -10.46 -21.95
N THR E 305 -44.58 -10.27 -22.78
CA THR E 305 -45.51 -11.36 -23.07
C THR E 305 -44.78 -12.52 -23.70
N THR E 306 -43.87 -12.22 -24.62
CA THR E 306 -43.09 -13.26 -25.29
C THR E 306 -42.15 -13.96 -24.31
N MET E 307 -41.51 -13.20 -23.42
CA MET E 307 -40.62 -13.81 -22.43
C MET E 307 -41.39 -14.61 -21.39
N PHE E 308 -42.62 -14.23 -21.10
CA PHE E 308 -43.46 -15.07 -20.27
C PHE E 308 -43.75 -16.39 -20.97
N GLU E 309 -44.16 -16.32 -22.24
CA GLU E 309 -44.50 -17.53 -22.98
C GLU E 309 -43.28 -18.39 -23.31
N ILE E 310 -42.07 -17.82 -23.26
CA ILE E 310 -40.86 -18.61 -23.40
C ILE E 310 -40.46 -19.23 -22.08
N ASN E 311 -40.43 -18.42 -21.02
CA ASN E 311 -39.95 -18.91 -19.74
C ASN E 311 -40.92 -19.84 -19.03
N VAL E 312 -42.18 -19.92 -19.47
CA VAL E 312 -43.01 -21.00 -18.93
C VAL E 312 -42.55 -22.36 -19.47
N GLY E 313 -42.07 -22.39 -20.72
CA GLY E 313 -41.40 -23.58 -21.25
C GLY E 313 -42.33 -24.76 -21.42
N ASP E 314 -41.86 -25.93 -21.00
CA ASP E 314 -42.60 -27.17 -21.09
C ASP E 314 -43.51 -27.41 -19.89
N THR E 315 -43.54 -26.49 -18.94
CA THR E 315 -44.39 -26.65 -17.79
C THR E 315 -45.84 -26.43 -18.20
N PRO E 316 -46.77 -27.31 -17.82
CA PRO E 316 -48.18 -27.12 -18.18
C PRO E 316 -48.79 -25.92 -17.47
N CYS E 317 -49.04 -24.86 -18.22
CA CYS E 317 -49.59 -23.64 -17.65
C CYS E 317 -51.11 -23.74 -17.58
N VAL E 318 -51.74 -22.61 -17.27
CA VAL E 318 -53.18 -22.55 -17.13
C VAL E 318 -53.80 -21.39 -17.91
N LEU E 319 -53.00 -20.45 -18.39
CA LEU E 319 -53.51 -19.19 -18.93
C LEU E 319 -53.48 -19.17 -20.45
N THR E 320 -54.07 -18.10 -20.99
CA THR E 320 -54.11 -17.83 -22.43
C THR E 320 -53.18 -16.65 -22.73
N LYS E 321 -53.12 -16.31 -24.03
CA LYS E 321 -52.18 -15.29 -24.50
C LYS E 321 -52.54 -13.91 -23.96
N GLU E 322 -53.82 -13.56 -23.98
CA GLU E 322 -54.27 -12.29 -23.43
C GLU E 322 -54.15 -12.24 -21.92
N ASP E 323 -54.06 -13.40 -21.26
CA ASP E 323 -53.75 -13.41 -19.83
C ASP E 323 -52.30 -13.06 -19.60
N TYR E 324 -51.41 -13.52 -20.49
CA TYR E 324 -50.02 -13.04 -20.44
C TYR E 324 -49.95 -11.56 -20.77
N ARG E 325 -50.86 -11.07 -21.61
CA ARG E 325 -50.94 -9.63 -21.84
C ARG E 325 -51.39 -8.91 -20.59
N THR E 326 -52.28 -9.52 -19.80
CA THR E 326 -52.67 -8.97 -18.51
C THR E 326 -51.48 -8.97 -17.55
N LEU E 327 -50.64 -10.00 -17.64
CA LEU E 327 -49.43 -10.07 -16.82
C LEU E 327 -48.46 -8.96 -17.18
N GLY E 328 -48.16 -8.81 -18.47
CA GLY E 328 -47.25 -7.75 -18.90
C GLY E 328 -47.79 -6.37 -18.65
N ALA E 329 -49.12 -6.22 -18.67
CA ALA E 329 -49.73 -4.95 -18.26
C ALA E 329 -49.58 -4.74 -16.76
N MET E 330 -49.58 -5.81 -15.98
CA MET E 330 -49.41 -5.69 -14.53
C MET E 330 -47.96 -5.38 -14.18
N THR E 331 -47.02 -5.80 -15.02
CA THR E 331 -45.59 -5.76 -14.72
C THR E 331 -44.87 -4.64 -15.44
N GLU E 332 -45.46 -3.45 -15.51
CA GLU E 332 -44.89 -2.34 -16.27
C GLU E 332 -43.54 -1.88 -15.72
N GLY E 333 -42.49 -2.14 -16.48
CA GLY E 333 -41.17 -1.66 -16.16
C GLY E 333 -40.30 -2.61 -15.37
N TYR E 334 -40.14 -3.85 -15.84
CA TYR E 334 -39.22 -4.79 -15.24
C TYR E 334 -37.96 -4.92 -16.10
N SER E 335 -37.08 -5.82 -15.69
CA SER E 335 -35.95 -6.26 -16.50
C SER E 335 -36.17 -7.72 -16.87
N GLY E 336 -35.21 -8.27 -17.61
CA GLY E 336 -35.29 -9.68 -17.95
C GLY E 336 -35.03 -10.59 -16.77
N SER E 337 -34.17 -10.17 -15.85
CA SER E 337 -33.93 -10.95 -14.65
C SER E 337 -35.14 -10.93 -13.72
N ASP E 338 -35.87 -9.82 -13.70
CA ASP E 338 -37.10 -9.74 -12.92
C ASP E 338 -38.14 -10.72 -13.43
N ILE E 339 -38.23 -10.84 -14.75
CA ILE E 339 -39.09 -11.84 -15.36
C ILE E 339 -38.62 -13.25 -15.02
N ALA E 340 -37.30 -13.45 -15.05
CA ALA E 340 -36.74 -14.77 -14.74
C ALA E 340 -37.01 -15.19 -13.31
N VAL E 341 -37.06 -14.24 -12.38
CA VAL E 341 -37.31 -14.62 -11.00
C VAL E 341 -38.79 -14.66 -10.64
N VAL E 342 -39.65 -13.91 -11.35
CA VAL E 342 -41.06 -14.13 -11.07
C VAL E 342 -41.54 -15.42 -11.71
N VAL E 343 -40.94 -15.81 -12.83
CA VAL E 343 -41.24 -17.12 -13.40
C VAL E 343 -40.63 -18.22 -12.53
N LYS E 344 -39.45 -17.94 -11.93
CA LYS E 344 -38.84 -18.92 -11.03
C LYS E 344 -39.68 -19.14 -9.79
N ASP E 345 -40.14 -18.04 -9.16
CA ASP E 345 -41.02 -18.13 -8.00
C ASP E 345 -42.34 -18.81 -8.36
N ALA E 346 -42.83 -18.53 -9.57
CA ALA E 346 -44.02 -19.22 -10.08
C ALA E 346 -43.78 -20.71 -10.23
N LEU E 347 -42.55 -21.11 -10.54
CA LEU E 347 -42.21 -22.53 -10.57
C LEU E 347 -41.87 -23.07 -9.19
N MET E 348 -41.96 -22.23 -8.16
CA MET E 348 -42.15 -22.72 -6.80
C MET E 348 -43.59 -22.71 -6.30
N GLN E 349 -44.53 -21.98 -6.95
CA GLN E 349 -45.82 -21.68 -6.32
C GLN E 349 -46.75 -22.88 -6.09
N PRO E 350 -47.07 -23.78 -7.09
CA PRO E 350 -48.02 -24.85 -6.77
C PRO E 350 -47.35 -25.95 -5.94
N ILE E 351 -46.03 -26.04 -6.10
CA ILE E 351 -45.22 -26.88 -5.23
C ILE E 351 -45.28 -26.36 -3.80
N ARG E 352 -45.32 -25.04 -3.64
CA ARG E 352 -45.54 -24.44 -2.33
C ARG E 352 -46.94 -24.73 -1.82
N LYS E 353 -47.93 -24.84 -2.71
CA LYS E 353 -49.26 -25.31 -2.28
C LYS E 353 -49.20 -26.75 -1.77
N ILE E 354 -48.41 -27.61 -2.43
CA ILE E 354 -48.37 -29.02 -2.04
C ILE E 354 -47.60 -29.19 -0.73
N GLN E 355 -46.49 -28.46 -0.57
CA GLN E 355 -45.71 -28.55 0.66
C GLN E 355 -46.45 -27.96 1.85
N SER E 356 -47.46 -27.13 1.60
CA SER E 356 -48.30 -26.54 2.67
C SER E 356 -49.49 -27.43 3.13
N ALA E 357 -49.80 -27.40 4.42
CA ALA E 357 -51.16 -27.51 5.00
C ALA E 357 -51.73 -28.93 5.19
N THR E 358 -52.94 -29.06 5.74
CA THR E 358 -53.53 -30.39 5.91
C THR E 358 -54.79 -30.57 5.07
N HIS E 359 -55.11 -31.82 4.76
CA HIS E 359 -56.29 -32.16 3.94
C HIS E 359 -56.08 -32.26 2.43
N PHE E 360 -56.36 -33.46 1.91
CA PHE E 360 -56.42 -33.72 0.47
C PHE E 360 -57.80 -34.34 0.12
N LYS E 361 -57.98 -34.74 -1.14
CA LYS E 361 -59.29 -35.17 -1.62
C LYS E 361 -59.16 -35.91 -2.95
N ASP E 362 -59.93 -36.99 -3.08
CA ASP E 362 -59.93 -37.79 -4.32
C ASP E 362 -60.75 -37.12 -5.43
N VAL E 363 -60.27 -37.24 -6.66
CA VAL E 363 -60.96 -36.72 -7.86
C VAL E 363 -60.84 -37.73 -9.02
N SER E 364 -61.52 -37.43 -10.14
CA SER E 364 -61.57 -38.27 -11.35
C SER E 364 -62.81 -39.20 -11.40
N GLU E 369 -57.75 -43.54 -13.63
CA GLU E 369 -56.80 -44.65 -13.55
C GLU E 369 -56.30 -44.91 -12.12
N THR E 370 -57.26 -45.26 -11.24
CA THR E 370 -57.01 -45.70 -9.83
C THR E 370 -56.46 -44.63 -8.87
N ARG E 371 -57.36 -44.06 -8.06
CA ARG E 371 -57.03 -43.15 -6.96
C ARG E 371 -56.19 -41.98 -7.40
N LYS E 372 -56.66 -40.77 -7.09
CA LYS E 372 -55.87 -39.54 -7.36
C LYS E 372 -56.28 -38.33 -6.50
N LEU E 373 -55.40 -37.92 -5.59
CA LEU E 373 -55.74 -36.90 -4.59
C LEU E 373 -54.94 -35.60 -4.64
N THR E 374 -55.63 -34.50 -4.37
CA THR E 374 -55.11 -33.13 -4.51
C THR E 374 -55.41 -32.32 -3.24
N PRO E 375 -54.63 -31.26 -2.96
CA PRO E 375 -54.89 -30.44 -1.78
C PRO E 375 -56.21 -29.69 -1.88
N CYS E 376 -56.96 -29.68 -0.78
CA CYS E 376 -58.22 -28.94 -0.67
C CYS E 376 -58.35 -28.36 0.74
N SER E 377 -59.19 -27.34 0.88
CA SER E 377 -59.40 -26.64 2.16
C SER E 377 -59.93 -27.56 3.28
N PRO E 378 -59.74 -27.18 4.57
CA PRO E 378 -60.33 -27.98 5.65
C PRO E 378 -61.86 -28.07 5.54
N GLY E 379 -62.36 -29.30 5.41
CA GLY E 379 -63.80 -29.54 5.32
C GLY E 379 -64.33 -29.28 3.94
N ASP E 380 -64.34 -30.32 3.10
CA ASP E 380 -64.79 -30.27 1.70
C ASP E 380 -65.29 -31.65 1.24
N ASP E 381 -65.84 -31.72 0.03
CA ASP E 381 -66.38 -32.96 -0.55
C ASP E 381 -65.32 -34.08 -0.69
N GLY E 382 -65.21 -34.91 0.35
CA GLY E 382 -64.23 -36.00 0.38
C GLY E 382 -62.89 -35.60 0.96
N ALA E 383 -62.90 -34.54 1.77
CA ALA E 383 -61.70 -34.00 2.40
C ALA E 383 -61.19 -34.86 3.57
N ILE E 384 -60.27 -35.78 3.26
CA ILE E 384 -59.52 -36.51 4.29
C ILE E 384 -58.43 -35.58 4.86
N GLU E 385 -57.98 -35.83 6.09
CA GLU E 385 -56.89 -35.03 6.69
C GLU E 385 -55.58 -35.79 6.66
N MET E 386 -54.59 -35.23 5.95
CA MET E 386 -53.29 -35.87 5.80
C MET E 386 -52.21 -34.91 5.33
N SER E 387 -51.01 -35.46 5.13
CA SER E 387 -49.88 -34.73 4.58
C SER E 387 -49.41 -35.44 3.30
N TRP E 388 -48.67 -34.71 2.45
CA TRP E 388 -48.16 -35.26 1.18
C TRP E 388 -47.37 -36.55 1.39
N THR E 389 -46.71 -36.61 2.53
CA THR E 389 -45.91 -37.75 2.96
C THR E 389 -46.78 -39.01 3.08
N ASP E 390 -48.04 -38.80 3.48
CA ASP E 390 -49.00 -39.89 3.68
C ASP E 390 -49.44 -40.49 2.36
N ILE E 391 -49.21 -39.77 1.26
CA ILE E 391 -49.84 -40.14 0.00
C ILE E 391 -48.90 -40.89 -0.94
N GLU E 392 -49.49 -41.85 -1.65
CA GLU E 392 -48.74 -42.83 -2.43
C GLU E 392 -48.09 -42.25 -3.67
N ALA E 393 -46.94 -42.83 -4.03
CA ALA E 393 -46.20 -42.50 -5.26
C ALA E 393 -47.17 -42.31 -6.42
N ASP E 394 -46.88 -41.31 -7.23
CA ASP E 394 -47.71 -40.87 -8.36
C ASP E 394 -49.12 -40.35 -7.98
N GLU E 395 -49.90 -41.18 -7.29
CA GLU E 395 -51.32 -40.92 -7.06
C GLU E 395 -51.65 -39.59 -6.41
N LEU E 396 -50.76 -38.63 -6.58
CA LEU E 396 -50.91 -37.22 -6.24
C LEU E 396 -51.42 -36.46 -7.45
N LYS E 397 -52.39 -35.57 -7.21
CA LYS E 397 -52.83 -34.63 -8.23
C LYS E 397 -52.39 -33.23 -7.83
N GLU E 398 -51.32 -32.76 -8.44
CA GLU E 398 -50.80 -31.42 -8.22
C GLU E 398 -51.86 -30.38 -8.62
N PRO E 399 -51.99 -29.30 -7.83
CA PRO E 399 -52.89 -28.23 -8.25
C PRO E 399 -52.42 -27.72 -9.60
N ASP E 400 -53.38 -27.34 -10.45
CA ASP E 400 -53.07 -26.69 -11.72
C ASP E 400 -52.23 -25.46 -11.47
N LEU E 401 -51.51 -25.02 -12.51
CA LEU E 401 -50.76 -23.78 -12.44
C LEU E 401 -51.69 -22.77 -13.13
N THR E 402 -52.06 -21.75 -12.34
CA THR E 402 -52.98 -20.68 -12.68
C THR E 402 -52.44 -19.35 -12.12
N ILE E 403 -53.03 -18.24 -12.55
CA ILE E 403 -52.60 -16.89 -12.17
C ILE E 403 -52.61 -16.38 -10.72
N LYS E 404 -53.63 -16.66 -9.91
CA LYS E 404 -53.61 -16.09 -8.57
C LYS E 404 -52.22 -16.21 -7.96
N ASP E 405 -51.52 -17.30 -8.26
CA ASP E 405 -50.13 -17.44 -7.83
C ASP E 405 -49.24 -16.44 -8.53
N PHE E 406 -49.53 -16.17 -9.81
CA PHE E 406 -48.77 -15.19 -10.58
C PHE E 406 -48.94 -13.79 -9.99
N LEU E 407 -50.19 -13.38 -9.78
CA LEU E 407 -50.48 -12.05 -9.24
C LEU E 407 -49.99 -11.90 -7.82
N LYS E 408 -50.02 -12.98 -7.05
CA LYS E 408 -49.44 -12.97 -5.71
C LYS E 408 -47.93 -12.79 -5.78
N ALA E 409 -47.30 -13.39 -6.77
CA ALA E 409 -45.87 -13.20 -6.97
C ALA E 409 -45.56 -11.78 -7.47
N ILE E 410 -46.49 -11.18 -8.20
CA ILE E 410 -46.32 -9.79 -8.62
C ILE E 410 -46.40 -8.86 -7.41
N LYS E 411 -47.34 -9.13 -6.51
CA LYS E 411 -47.41 -8.36 -5.28
C LYS E 411 -46.27 -8.68 -4.32
N SER E 412 -45.51 -9.75 -4.56
CA SER E 412 -44.44 -10.11 -3.65
C SER E 412 -43.21 -9.23 -3.81
N THR E 413 -42.87 -8.87 -5.04
CA THR E 413 -41.57 -8.29 -5.35
C THR E 413 -41.74 -6.92 -5.98
N ARG E 414 -40.99 -5.95 -5.47
CA ARG E 414 -40.89 -4.62 -6.03
C ARG E 414 -39.92 -4.61 -7.21
N PRO E 415 -40.19 -3.78 -8.23
CA PRO E 415 -39.14 -3.47 -9.22
C PRO E 415 -37.90 -2.90 -8.56
N THR E 416 -36.75 -3.47 -8.92
CA THR E 416 -35.47 -3.13 -8.29
C THR E 416 -34.95 -1.78 -8.77
N VAL E 417 -35.10 -1.49 -10.07
CA VAL E 417 -34.45 -0.34 -10.68
C VAL E 417 -35.12 0.96 -10.25
N ASN E 418 -34.43 2.06 -10.51
CA ASN E 418 -34.88 3.38 -10.11
C ASN E 418 -35.04 4.26 -11.34
N GLU E 419 -35.85 5.31 -11.20
CA GLU E 419 -36.25 6.13 -12.33
C GLU E 419 -35.42 7.39 -12.50
N ASP E 420 -34.75 7.87 -11.45
CA ASP E 420 -33.84 8.99 -11.64
C ASP E 420 -32.57 8.55 -12.36
N ASP E 421 -32.14 7.30 -12.13
CA ASP E 421 -31.08 6.72 -12.94
C ASP E 421 -31.50 6.60 -14.39
N LEU E 422 -32.79 6.31 -14.63
CA LEU E 422 -33.34 6.37 -15.97
C LEU E 422 -33.32 7.78 -16.53
N LEU E 423 -33.45 8.80 -15.67
CA LEU E 423 -33.33 10.17 -16.15
C LEU E 423 -31.90 10.48 -16.57
N LYS E 424 -30.91 9.91 -15.88
CA LYS E 424 -29.54 10.11 -16.31
C LYS E 424 -29.23 9.32 -17.58
N GLN E 425 -29.84 8.14 -17.74
CA GLN E 425 -29.73 7.41 -18.99
C GLN E 425 -30.40 8.14 -20.14
N GLU E 426 -31.47 8.88 -19.85
CA GLU E 426 -32.05 9.73 -20.87
C GLU E 426 -31.24 11.00 -21.09
N GLN E 427 -30.40 11.37 -20.13
CA GLN E 427 -29.51 12.50 -20.35
C GLN E 427 -28.38 12.12 -21.29
N PHE E 428 -27.62 11.08 -20.93
CA PHE E 428 -26.52 10.63 -21.78
C PHE E 428 -27.01 10.04 -23.08
N THR E 429 -28.18 9.38 -23.06
CA THR E 429 -28.74 8.84 -24.29
C THR E 429 -29.27 9.97 -25.16
N ARG E 430 -29.94 10.95 -24.55
CA ARG E 430 -30.48 12.07 -25.29
C ARG E 430 -29.39 12.91 -25.92
N ASP E 431 -28.22 12.97 -25.28
CA ASP E 431 -27.10 13.64 -25.94
C ASP E 431 -26.38 12.71 -26.91
N PHE E 432 -25.73 11.68 -26.39
CA PHE E 432 -24.72 10.92 -27.13
C PHE E 432 -25.23 9.64 -27.76
N GLY E 433 -26.50 9.28 -27.54
CA GLY E 433 -27.01 8.01 -28.02
C GLY E 433 -27.19 7.88 -29.52
N ALA F 122 -6.93 -36.26 2.76
CA ALA F 122 -7.50 -34.93 2.46
C ALA F 122 -9.00 -35.04 2.22
N ILE F 123 -9.41 -36.21 1.74
CA ILE F 123 -10.81 -36.48 1.49
C ILE F 123 -11.24 -37.54 2.49
N LEU F 124 -12.25 -37.21 3.30
CA LEU F 124 -12.79 -38.17 4.24
C LEU F 124 -13.92 -38.89 3.58
N SER F 125 -14.08 -40.16 3.91
CA SER F 125 -15.25 -40.90 3.45
C SER F 125 -15.84 -41.72 4.58
N GLU F 126 -17.16 -41.80 4.68
CA GLU F 126 -17.78 -42.68 5.62
C GLU F 126 -19.24 -42.97 5.39
N LYS F 127 -19.69 -44.09 5.89
CA LYS F 127 -21.08 -44.37 5.88
C LYS F 127 -21.52 -44.03 7.28
N PRO F 128 -21.99 -42.81 7.52
CA PRO F 128 -22.18 -42.34 8.89
C PRO F 128 -23.42 -42.94 9.52
N ASN F 129 -23.51 -42.87 10.84
CA ASN F 129 -24.70 -43.42 11.45
C ASN F 129 -25.47 -42.46 12.34
N VAL F 130 -25.80 -41.31 11.79
CA VAL F 130 -26.41 -40.24 12.53
C VAL F 130 -27.84 -40.16 12.08
N LYS F 131 -28.75 -40.46 12.99
CA LYS F 131 -30.18 -40.35 12.72
C LYS F 131 -30.61 -38.89 12.87
N TRP F 132 -31.77 -38.56 12.31
CA TRP F 132 -32.36 -37.22 12.46
C TRP F 132 -32.45 -36.83 13.95
N GLU F 133 -32.93 -37.76 14.77
CA GLU F 133 -33.09 -37.53 16.21
C GLU F 133 -31.76 -37.25 16.92
N ASP F 134 -30.62 -37.52 16.29
CA ASP F 134 -29.35 -37.28 16.99
C ASP F 134 -28.91 -35.84 16.84
N VAL F 135 -29.61 -35.12 15.97
CA VAL F 135 -29.31 -33.74 15.66
C VAL F 135 -30.33 -32.88 16.41
N ALA F 136 -29.82 -32.13 17.40
CA ALA F 136 -30.67 -31.31 18.24
C ALA F 136 -31.42 -30.27 17.41
N GLY F 137 -32.75 -30.28 17.48
CA GLY F 137 -33.57 -29.26 16.83
C GLY F 137 -33.51 -29.22 15.31
N LEU F 138 -33.37 -28.03 14.76
CA LEU F 138 -33.28 -27.85 13.34
C LEU F 138 -34.39 -28.49 12.58
N GLU F 139 -35.53 -28.70 13.19
CA GLU F 139 -36.56 -29.44 12.51
C GLU F 139 -36.96 -28.87 11.17
N GLY F 140 -36.76 -27.58 10.97
CA GLY F 140 -37.17 -26.97 9.73
C GLY F 140 -36.27 -27.27 8.57
N ALA F 141 -34.98 -27.15 8.81
CA ALA F 141 -34.01 -27.63 7.88
C ALA F 141 -34.26 -29.07 7.67
N LYS F 142 -34.62 -29.78 8.71
CA LYS F 142 -34.63 -31.19 8.57
C LYS F 142 -35.71 -31.50 7.59
N GLU F 143 -36.77 -30.73 7.63
CA GLU F 143 -37.94 -31.10 6.88
C GLU F 143 -37.73 -30.65 5.46
N ALA F 144 -36.97 -29.60 5.29
CA ALA F 144 -36.56 -29.18 3.97
C ALA F 144 -35.68 -30.20 3.26
N LEU F 145 -34.73 -30.74 3.98
CA LEU F 145 -33.81 -31.75 3.48
C LEU F 145 -34.52 -33.07 3.19
N LYS F 146 -35.51 -33.40 4.01
CA LYS F 146 -36.31 -34.57 3.75
C LYS F 146 -36.98 -34.50 2.37
N GLU F 147 -37.61 -33.40 2.05
CA GLU F 147 -38.24 -33.34 0.76
C GLU F 147 -37.33 -33.00 -0.38
N ALA F 148 -36.26 -32.30 -0.10
CA ALA F 148 -35.21 -31.99 -1.08
C ALA F 148 -34.35 -33.20 -1.49
N VAL F 149 -34.08 -34.11 -0.54
CA VAL F 149 -33.10 -35.17 -0.74
C VAL F 149 -33.69 -36.53 -0.55
N ILE F 150 -34.44 -36.73 0.54
CA ILE F 150 -34.93 -38.05 0.90
C ILE F 150 -36.07 -38.50 0.02
N LEU F 151 -37.02 -37.61 -0.24
CA LEU F 151 -38.11 -37.95 -1.15
C LEU F 151 -37.59 -38.46 -2.52
N PRO F 152 -36.62 -37.76 -3.14
CA PRO F 152 -36.09 -38.30 -4.40
C PRO F 152 -35.54 -39.72 -4.28
N VAL F 153 -34.85 -39.96 -3.17
CA VAL F 153 -34.21 -41.23 -2.92
C VAL F 153 -35.23 -42.31 -2.55
N LYS F 154 -36.26 -41.92 -1.82
CA LYS F 154 -37.26 -42.88 -1.36
C LYS F 154 -38.11 -43.37 -2.53
N PHE F 155 -38.54 -42.44 -3.36
CA PHE F 155 -39.39 -42.73 -4.50
C PHE F 155 -38.74 -42.25 -5.80
N PRO F 156 -37.74 -42.99 -6.30
CA PRO F 156 -37.08 -42.48 -7.51
C PRO F 156 -37.98 -42.39 -8.75
N HIS F 157 -39.01 -43.23 -8.83
CA HIS F 157 -39.89 -43.24 -10.01
C HIS F 157 -40.63 -41.90 -10.23
N LEU F 158 -40.57 -41.03 -9.23
CA LEU F 158 -41.16 -39.70 -9.32
C LEU F 158 -40.38 -38.79 -10.22
N PHE F 159 -39.15 -39.19 -10.57
CA PHE F 159 -38.23 -38.31 -11.24
C PHE F 159 -37.77 -38.90 -12.57
N LYS F 160 -38.75 -39.24 -13.40
CA LYS F 160 -38.54 -39.63 -14.78
C LYS F 160 -38.62 -38.36 -15.65
N GLY F 161 -37.99 -38.37 -16.83
CA GLY F 161 -38.14 -37.28 -17.79
C GLY F 161 -37.38 -36.03 -17.43
N ASN F 162 -38.04 -34.86 -17.53
CA ASN F 162 -37.39 -33.59 -17.26
C ASN F 162 -37.59 -33.09 -15.83
N ARG F 163 -37.98 -34.00 -14.95
CA ARG F 163 -38.18 -33.65 -13.56
C ARG F 163 -36.96 -34.23 -12.87
N LYS F 164 -36.13 -33.37 -12.29
CA LYS F 164 -34.87 -33.86 -11.74
C LYS F 164 -34.60 -33.40 -10.31
N PRO F 165 -34.13 -34.32 -9.44
CA PRO F 165 -33.89 -33.98 -8.03
C PRO F 165 -32.82 -32.92 -7.89
N THR F 166 -32.91 -32.08 -6.86
CA THR F 166 -31.88 -31.10 -6.52
C THR F 166 -30.54 -31.82 -6.49
N SER F 167 -29.45 -31.16 -6.86
CA SER F 167 -28.14 -31.80 -6.72
C SER F 167 -27.07 -30.87 -6.10
N GLY F 168 -27.49 -29.64 -5.77
CA GLY F 168 -26.69 -28.71 -5.00
C GLY F 168 -27.55 -28.17 -3.86
N ILE F 169 -27.04 -28.22 -2.64
CA ILE F 169 -27.74 -27.55 -1.55
C ILE F 169 -26.73 -26.79 -0.74
N LEU F 170 -27.00 -25.51 -0.50
CA LEU F 170 -26.14 -24.75 0.38
C LEU F 170 -26.73 -24.72 1.79
N LEU F 171 -25.92 -25.08 2.78
CA LEU F 171 -26.30 -24.89 4.16
C LEU F 171 -25.57 -23.66 4.69
N TYR F 172 -26.32 -22.66 5.15
CA TYR F 172 -25.72 -21.41 5.65
C TYR F 172 -26.30 -21.02 7.02
N GLY F 173 -25.45 -20.40 7.83
CA GLY F 173 -25.84 -19.92 9.12
C GLY F 173 -24.61 -19.67 9.97
N PRO F 174 -24.80 -19.10 11.18
CA PRO F 174 -23.64 -18.83 12.03
C PRO F 174 -22.87 -20.12 12.38
N PRO F 175 -21.58 -20.01 12.80
CA PRO F 175 -20.78 -21.18 13.20
C PRO F 175 -21.32 -21.83 14.45
N GLY F 176 -21.00 -23.12 14.64
CA GLY F 176 -21.32 -23.82 15.87
C GLY F 176 -22.67 -24.50 15.89
N THR F 177 -23.26 -24.67 14.71
CA THR F 177 -24.55 -25.34 14.57
C THR F 177 -24.40 -26.80 14.10
N GLY F 178 -23.16 -27.25 13.94
CA GLY F 178 -22.87 -28.60 13.42
C GLY F 178 -23.46 -28.87 12.03
N LYS F 179 -23.38 -27.89 11.12
CA LYS F 179 -23.85 -28.09 9.75
C LYS F 179 -23.32 -29.44 9.22
N SER F 180 -22.07 -29.74 9.52
CA SER F 180 -21.50 -31.06 9.24
C SER F 180 -22.32 -32.24 9.80
N TYR F 181 -22.64 -32.18 11.09
CA TYR F 181 -23.41 -33.24 11.72
C TYR F 181 -24.75 -33.43 11.01
N LEU F 182 -25.47 -32.34 10.76
CA LEU F 182 -26.73 -32.42 10.01
C LEU F 182 -26.55 -33.08 8.64
N ALA F 183 -25.45 -32.72 7.99
CA ALA F 183 -25.10 -33.27 6.68
C ALA F 183 -24.95 -34.79 6.74
N LYS F 184 -24.25 -35.30 7.76
CA LYS F 184 -24.14 -36.74 7.98
C LYS F 184 -25.50 -37.35 8.22
N ALA F 185 -26.41 -36.62 8.86
CA ALA F 185 -27.71 -37.23 9.13
C ALA F 185 -28.43 -37.45 7.79
N VAL F 186 -28.28 -36.51 6.87
CA VAL F 186 -28.93 -36.59 5.59
C VAL F 186 -28.41 -37.85 4.88
N ALA F 187 -27.08 -37.97 4.84
CA ALA F 187 -26.42 -39.13 4.30
C ALA F 187 -26.95 -40.41 4.94
N THR F 188 -27.04 -40.44 6.27
CA THR F 188 -27.50 -41.64 6.94
C THR F 188 -28.92 -41.98 6.51
N GLU F 189 -29.72 -40.94 6.38
CA GLU F 189 -31.13 -41.12 6.10
C GLU F 189 -31.40 -41.39 4.62
N ALA F 190 -30.49 -40.91 3.76
CA ALA F 190 -30.51 -41.20 2.31
C ALA F 190 -29.77 -42.52 2.01
N ASN F 191 -29.13 -43.06 3.05
CA ASN F 191 -28.44 -44.33 2.96
C ASN F 191 -27.29 -44.25 1.94
N SER F 192 -26.53 -43.17 2.05
CA SER F 192 -25.50 -42.85 1.10
C SER F 192 -24.15 -42.69 1.78
N THR F 193 -23.08 -42.81 0.99
CA THR F 193 -21.74 -42.59 1.52
C THR F 193 -21.56 -41.09 1.64
N PHE F 194 -20.91 -40.67 2.72
CA PHE F 194 -20.62 -39.28 2.97
C PHE F 194 -19.16 -39.04 2.60
N PHE F 195 -18.95 -38.20 1.59
CA PHE F 195 -17.59 -37.81 1.21
C PHE F 195 -17.43 -36.38 1.59
N SER F 196 -16.28 -35.99 2.13
CA SER F 196 -16.19 -34.61 2.62
C SER F 196 -14.80 -34.02 2.56
N VAL F 197 -14.80 -32.70 2.44
CA VAL F 197 -13.60 -31.93 2.21
C VAL F 197 -13.75 -30.54 2.86
N SER F 198 -12.64 -30.05 3.40
CA SER F 198 -12.57 -28.68 3.88
C SER F 198 -11.92 -27.74 2.84
N SER F 199 -12.65 -26.69 2.46
CA SER F 199 -12.16 -25.73 1.49
C SER F 199 -10.98 -24.93 2.03
N SER F 200 -10.96 -24.68 3.33
CA SER F 200 -9.82 -23.96 3.86
C SER F 200 -8.56 -24.82 3.63
N ASP F 201 -8.63 -26.10 3.99
CA ASP F 201 -7.53 -27.02 3.74
C ASP F 201 -7.14 -27.07 2.28
N LEU F 202 -8.14 -27.16 1.40
CA LEU F 202 -7.87 -27.17 -0.04
C LEU F 202 -7.06 -25.94 -0.47
N VAL F 203 -7.47 -24.77 0.01
CA VAL F 203 -6.87 -23.52 -0.44
C VAL F 203 -5.48 -23.30 0.16
N SER F 204 -5.23 -23.78 1.37
CA SER F 204 -3.95 -23.48 2.03
C SER F 204 -3.02 -24.69 2.10
N LYS F 205 -3.44 -25.72 2.82
CA LYS F 205 -2.63 -26.91 3.08
C LYS F 205 -2.15 -27.63 1.81
N TRP F 206 -3.08 -27.95 0.91
CA TRP F 206 -2.78 -28.82 -0.25
C TRP F 206 -2.43 -28.04 -1.51
N MET F 207 -3.07 -26.91 -1.71
CA MET F 207 -2.75 -25.97 -2.76
C MET F 207 -2.48 -26.60 -4.11
N GLY F 208 -1.22 -26.94 -4.32
CA GLY F 208 -0.74 -27.52 -5.60
C GLY F 208 -1.58 -28.67 -6.15
N GLU F 209 -2.12 -29.48 -5.26
CA GLU F 209 -2.72 -30.73 -5.64
C GLU F 209 -4.21 -30.66 -5.51
N SER F 210 -4.71 -29.46 -5.31
CA SER F 210 -6.12 -29.21 -5.07
C SER F 210 -7.06 -29.50 -6.23
N GLU F 211 -6.62 -29.17 -7.44
CA GLU F 211 -7.35 -29.54 -8.64
C GLU F 211 -7.54 -31.05 -8.71
N LYS F 212 -6.43 -31.77 -8.56
CA LYS F 212 -6.44 -33.23 -8.49
C LYS F 212 -7.45 -33.67 -7.40
N LEU F 213 -7.40 -33.05 -6.21
CA LEU F 213 -8.27 -33.44 -5.11
C LEU F 213 -9.75 -33.25 -5.42
N VAL F 214 -10.13 -32.09 -5.94
CA VAL F 214 -11.53 -31.83 -6.31
C VAL F 214 -11.99 -32.82 -7.38
N LYS F 215 -11.11 -33.16 -8.30
CA LYS F 215 -11.37 -34.22 -9.23
C LYS F 215 -11.64 -35.56 -8.58
N GLN F 216 -10.65 -36.05 -7.85
CA GLN F 216 -10.77 -37.36 -7.22
C GLN F 216 -12.04 -37.45 -6.36
N LEU F 217 -12.36 -36.35 -5.68
CA LEU F 217 -13.53 -36.29 -4.81
C LEU F 217 -14.80 -36.58 -5.60
N PHE F 218 -15.01 -35.86 -6.69
CA PHE F 218 -16.17 -36.13 -7.53
C PHE F 218 -16.11 -37.53 -8.13
N ALA F 219 -14.90 -37.99 -8.42
CA ALA F 219 -14.72 -39.30 -9.01
C ALA F 219 -15.13 -40.43 -8.06
N MET F 220 -14.68 -40.36 -6.81
CA MET F 220 -15.07 -41.33 -5.76
C MET F 220 -16.58 -41.36 -5.62
N ALA F 221 -17.17 -40.16 -5.52
CA ALA F 221 -18.60 -40.05 -5.31
C ALA F 221 -19.41 -40.67 -6.46
N ARG F 222 -18.95 -40.47 -7.71
CA ARG F 222 -19.58 -41.14 -8.86
C ARG F 222 -19.51 -42.66 -8.77
N GLU F 223 -18.33 -43.18 -8.39
CA GLU F 223 -18.09 -44.59 -8.25
C GLU F 223 -18.91 -45.20 -7.11
N ASN F 224 -19.46 -44.36 -6.25
CA ASN F 224 -20.08 -44.87 -5.02
C ASN F 224 -21.52 -44.42 -4.77
N LYS F 225 -22.29 -44.20 -5.82
CA LYS F 225 -23.70 -43.86 -5.66
C LYS F 225 -24.48 -44.97 -4.92
N PRO F 226 -25.46 -44.59 -4.08
CA PRO F 226 -25.82 -43.23 -3.76
C PRO F 226 -24.77 -42.63 -2.81
N SER F 227 -24.39 -41.38 -3.04
CA SER F 227 -23.40 -40.73 -2.23
C SER F 227 -23.62 -39.22 -2.09
N ILE F 228 -22.97 -38.61 -1.08
CA ILE F 228 -23.07 -37.18 -0.84
C ILE F 228 -21.69 -36.52 -0.69
N ILE F 229 -21.46 -35.43 -1.42
CA ILE F 229 -20.23 -34.64 -1.24
C ILE F 229 -20.49 -33.46 -0.31
N PHE F 230 -19.67 -33.34 0.75
CA PHE F 230 -19.77 -32.21 1.66
C PHE F 230 -18.53 -31.33 1.53
N ILE F 231 -18.79 -30.09 1.10
CA ILE F 231 -17.75 -29.09 0.99
C ILE F 231 -17.95 -28.05 2.08
N ASP F 232 -17.04 -28.01 3.03
CA ASP F 232 -17.19 -27.11 4.14
C ASP F 232 -16.57 -25.79 3.80
N GLU F 233 -17.20 -24.71 4.22
CA GLU F 233 -16.58 -23.41 4.12
C GLU F 233 -16.39 -23.07 2.69
N VAL F 234 -17.45 -23.18 1.92
CA VAL F 234 -17.39 -22.89 0.50
C VAL F 234 -16.95 -21.47 0.15
N ASP F 235 -17.19 -20.53 1.04
CA ASP F 235 -16.73 -19.14 0.83
C ASP F 235 -15.23 -19.08 0.66
N ALA F 236 -14.51 -19.91 1.41
CA ALA F 236 -13.05 -19.94 1.44
C ALA F 236 -12.42 -20.42 0.14
N LEU F 237 -13.26 -20.69 -0.86
CA LEU F 237 -12.76 -21.04 -2.17
C LEU F 237 -12.29 -19.78 -2.91
N THR F 238 -13.07 -18.71 -2.81
CA THR F 238 -12.72 -17.43 -3.40
C THR F 238 -11.76 -16.60 -2.50
N GLY F 239 -11.67 -15.29 -2.73
CA GLY F 239 -10.52 -14.43 -2.34
C GLY F 239 -10.26 -14.00 -0.91
N THR F 240 -8.96 -13.74 -0.65
CA THR F 240 -8.36 -13.44 0.68
C THR F 240 -9.07 -12.35 1.53
N GLU F 247 -5.17 -16.03 -8.45
CA GLU F 247 -4.63 -16.84 -9.55
C GLU F 247 -4.53 -18.34 -9.21
N ALA F 248 -3.97 -18.68 -8.05
CA ALA F 248 -3.66 -20.08 -7.71
C ALA F 248 -4.89 -20.94 -7.37
N SER F 249 -5.77 -20.41 -6.52
CA SER F 249 -6.98 -21.11 -6.12
C SER F 249 -8.14 -20.82 -7.08
N ARG F 250 -7.88 -19.91 -8.02
CA ARG F 250 -8.80 -19.61 -9.11
C ARG F 250 -9.11 -20.91 -9.84
N ARG F 251 -8.13 -21.83 -9.80
CA ARG F 251 -8.23 -23.19 -10.35
C ARG F 251 -9.25 -24.05 -9.61
N ILE F 252 -9.23 -23.98 -8.28
CA ILE F 252 -10.18 -24.73 -7.46
C ILE F 252 -11.61 -24.31 -7.74
N LYS F 253 -11.87 -23.00 -7.64
CA LYS F 253 -13.14 -22.44 -8.08
C LYS F 253 -13.56 -23.02 -9.44
N THR F 254 -12.64 -23.00 -10.38
CA THR F 254 -12.95 -23.35 -11.76
C THR F 254 -13.27 -24.84 -11.89
N GLU F 255 -12.51 -25.67 -11.19
CA GLU F 255 -12.68 -27.11 -11.23
C GLU F 255 -13.99 -27.53 -10.55
N LEU F 256 -14.26 -26.93 -9.40
CA LEU F 256 -15.51 -27.17 -8.70
C LEU F 256 -16.68 -26.93 -9.63
N LEU F 257 -16.66 -25.80 -10.34
CA LEU F 257 -17.77 -25.45 -11.19
C LEU F 257 -17.95 -26.48 -12.31
N VAL F 258 -16.85 -26.88 -12.94
CA VAL F 258 -16.92 -27.91 -13.98
C VAL F 258 -17.54 -29.17 -13.40
N GLN F 259 -17.14 -29.55 -12.19
CA GLN F 259 -17.63 -30.79 -11.57
C GLN F 259 -19.10 -30.75 -11.21
N MET F 260 -19.59 -29.58 -10.80
CA MET F 260 -20.99 -29.43 -10.41
C MET F 260 -21.90 -29.34 -11.61
N ASN F 261 -21.30 -29.12 -12.78
CA ASN F 261 -21.92 -29.39 -14.06
C ASN F 261 -21.99 -30.89 -14.36
N GLY F 262 -21.38 -31.69 -13.48
CA GLY F 262 -21.40 -33.16 -13.55
C GLY F 262 -22.76 -33.81 -13.27
N VAL F 263 -23.75 -33.01 -12.92
CA VAL F 263 -25.06 -33.60 -12.73
C VAL F 263 -25.49 -34.14 -14.10
N GLY F 264 -25.23 -33.37 -15.15
CA GLY F 264 -25.59 -33.75 -16.51
C GLY F 264 -24.90 -34.94 -17.18
N ASN F 265 -23.58 -35.03 -17.07
CA ASN F 265 -22.85 -36.16 -17.66
C ASN F 265 -23.34 -37.37 -16.91
N ASP F 266 -23.46 -37.14 -15.60
CA ASP F 266 -23.96 -38.08 -14.61
C ASP F 266 -24.83 -37.33 -13.61
N SER F 267 -25.99 -36.85 -14.05
CA SER F 267 -26.86 -36.09 -13.16
C SER F 267 -27.36 -36.92 -11.98
N GLN F 268 -27.76 -38.17 -12.24
CA GLN F 268 -28.25 -39.05 -11.18
C GLN F 268 -27.20 -39.64 -10.23
N GLY F 269 -27.62 -39.87 -8.98
CA GLY F 269 -26.79 -40.50 -7.96
C GLY F 269 -25.81 -39.79 -7.04
N VAL F 270 -25.67 -38.47 -7.14
CA VAL F 270 -24.73 -37.75 -6.27
C VAL F 270 -25.31 -36.40 -5.82
N LEU F 271 -24.91 -35.90 -4.66
CA LEU F 271 -25.43 -34.62 -4.26
C LEU F 271 -24.35 -33.84 -3.51
N VAL F 272 -24.24 -32.57 -3.85
CA VAL F 272 -23.25 -31.70 -3.26
C VAL F 272 -23.97 -30.83 -2.24
N LEU F 273 -23.48 -30.85 -1.00
CA LEU F 273 -23.98 -29.99 0.08
C LEU F 273 -22.85 -29.09 0.48
N GLY F 274 -23.01 -27.79 0.25
CA GLY F 274 -22.01 -26.81 0.66
C GLY F 274 -22.33 -26.24 2.04
N ALA F 275 -21.30 -25.88 2.78
CA ALA F 275 -21.51 -25.28 4.07
C ALA F 275 -20.76 -23.97 4.15
N THR F 276 -21.44 -22.93 4.63
CA THR F 276 -20.81 -21.66 4.85
C THR F 276 -21.30 -20.96 6.11
N ASN F 277 -20.39 -20.28 6.81
CA ASN F 277 -20.76 -19.35 7.90
C ASN F 277 -21.04 -17.92 7.40
N ILE F 278 -20.39 -17.57 6.29
CA ILE F 278 -20.38 -16.20 5.77
C ILE F 278 -20.94 -16.26 4.34
N PRO F 279 -22.25 -16.56 4.19
CA PRO F 279 -22.72 -16.73 2.81
C PRO F 279 -22.51 -15.47 1.95
N TRP F 280 -22.53 -14.29 2.57
CA TRP F 280 -22.31 -13.03 1.86
C TRP F 280 -20.91 -12.93 1.25
N GLN F 281 -19.97 -13.75 1.72
CA GLN F 281 -18.62 -13.81 1.12
C GLN F 281 -18.41 -14.99 0.15
N LEU F 282 -19.51 -15.57 -0.30
CA LEU F 282 -19.45 -16.73 -1.18
C LEU F 282 -19.58 -16.30 -2.63
N ASP F 283 -18.57 -16.63 -3.42
CA ASP F 283 -18.53 -16.39 -4.87
C ASP F 283 -19.89 -16.61 -5.51
N SER F 284 -20.42 -15.57 -6.16
CA SER F 284 -21.74 -15.64 -6.79
C SER F 284 -21.87 -16.76 -7.83
N ALA F 285 -20.77 -17.08 -8.52
CA ALA F 285 -20.75 -18.19 -9.48
C ALA F 285 -20.96 -19.54 -8.76
N ILE F 286 -20.27 -19.71 -7.64
CA ILE F 286 -20.45 -20.90 -6.84
C ILE F 286 -21.84 -20.86 -6.25
N ARG F 287 -22.20 -19.73 -5.66
CA ARG F 287 -23.53 -19.52 -5.12
C ARG F 287 -24.59 -20.02 -6.12
N ARG F 288 -24.46 -19.66 -7.39
CA ARG F 288 -25.49 -20.01 -8.35
C ARG F 288 -25.64 -21.53 -8.62
N ARG F 289 -24.60 -22.31 -8.31
CA ARG F 289 -24.63 -23.76 -8.51
C ARG F 289 -25.39 -24.48 -7.41
N PHE F 290 -25.68 -23.75 -6.33
CA PHE F 290 -26.43 -24.31 -5.21
C PHE F 290 -27.90 -23.94 -5.28
N GLU F 291 -28.62 -24.62 -6.22
CA GLU F 291 -30.04 -24.31 -6.37
C GLU F 291 -30.69 -24.03 -5.02
N ARG F 292 -30.76 -25.07 -4.18
CA ARG F 292 -31.47 -24.98 -2.93
C ARG F 292 -30.54 -24.43 -1.84
N ARG F 293 -31.06 -23.51 -1.04
CA ARG F 293 -30.35 -22.89 0.09
C ARG F 293 -31.17 -23.05 1.36
N ILE F 294 -30.53 -23.54 2.43
CA ILE F 294 -31.22 -23.76 3.68
C ILE F 294 -30.45 -23.16 4.84
N TYR F 295 -31.15 -22.30 5.57
CA TYR F 295 -30.61 -21.63 6.75
C TYR F 295 -30.57 -22.57 7.96
N ILE F 296 -29.40 -22.65 8.58
CA ILE F 296 -29.24 -23.44 9.79
C ILE F 296 -29.13 -22.48 10.97
N PRO F 297 -30.26 -22.26 11.68
CA PRO F 297 -30.33 -21.27 12.78
C PRO F 297 -29.60 -21.70 14.03
N LEU F 298 -29.28 -20.74 14.89
CA LEU F 298 -28.85 -21.03 16.24
C LEU F 298 -29.99 -21.75 16.94
N PRO F 299 -29.65 -22.65 17.86
CA PRO F 299 -30.64 -23.49 18.51
C PRO F 299 -31.63 -22.67 19.37
N ASP F 300 -32.89 -23.09 19.39
CA ASP F 300 -33.90 -22.43 20.19
C ASP F 300 -34.02 -23.18 21.51
N LEU F 301 -34.81 -22.65 22.43
CA LEU F 301 -35.04 -23.29 23.73
C LEU F 301 -35.01 -24.82 23.75
N ALA F 302 -35.90 -25.45 22.97
CA ALA F 302 -36.02 -26.93 22.92
C ALA F 302 -34.68 -27.57 22.51
N ALA F 303 -34.08 -27.02 21.46
CA ALA F 303 -32.81 -27.55 20.96
C ALA F 303 -31.66 -27.41 21.98
N ARG F 304 -31.56 -26.25 22.62
CA ARG F 304 -30.55 -26.05 23.66
C ARG F 304 -30.80 -27.03 24.79
N THR F 305 -32.07 -27.27 25.10
CA THR F 305 -32.36 -28.22 26.13
C THR F 305 -31.84 -29.60 25.76
N THR F 306 -32.17 -30.04 24.55
CA THR F 306 -31.63 -31.29 24.03
C THR F 306 -30.08 -31.31 24.06
N MET F 307 -29.45 -30.24 23.59
CA MET F 307 -27.99 -30.19 23.61
C MET F 307 -27.40 -30.39 25.02
N PHE F 308 -28.02 -29.82 26.05
CA PHE F 308 -27.50 -30.00 27.41
C PHE F 308 -27.57 -31.50 27.76
N GLU F 309 -28.71 -32.12 27.48
CA GLU F 309 -28.94 -33.52 27.80
C GLU F 309 -27.91 -34.39 27.09
N ILE F 310 -27.82 -34.23 25.76
CA ILE F 310 -26.82 -34.96 24.98
C ILE F 310 -25.40 -34.76 25.51
N ASN F 311 -25.03 -33.51 25.77
CA ASN F 311 -23.68 -33.23 26.23
C ASN F 311 -23.34 -33.80 27.59
N VAL F 312 -24.33 -33.99 28.48
CA VAL F 312 -24.03 -34.67 29.75
C VAL F 312 -24.21 -36.17 29.58
N GLY F 313 -25.09 -36.56 28.67
CA GLY F 313 -25.50 -37.95 28.49
C GLY F 313 -25.62 -38.68 29.82
N ASP F 314 -24.78 -39.70 29.98
CA ASP F 314 -24.78 -40.59 31.14
C ASP F 314 -24.12 -40.10 32.40
N THR F 315 -23.41 -38.98 32.33
CA THR F 315 -22.65 -38.51 33.48
C THR F 315 -23.53 -38.47 34.75
N PRO F 316 -23.01 -39.01 35.87
CA PRO F 316 -23.74 -38.89 37.13
C PRO F 316 -24.01 -37.42 37.47
N CYS F 317 -25.29 -37.07 37.59
CA CYS F 317 -25.73 -35.77 38.10
C CYS F 317 -27.17 -35.82 38.57
N VAL F 318 -27.58 -34.77 39.26
CA VAL F 318 -28.86 -34.76 39.92
C VAL F 318 -29.86 -33.77 39.27
N LEU F 319 -29.57 -33.38 38.01
CA LEU F 319 -30.43 -32.51 37.20
C LEU F 319 -31.79 -33.11 36.86
N THR F 320 -32.84 -32.30 36.98
CA THR F 320 -34.21 -32.72 36.70
C THR F 320 -34.54 -32.34 35.28
N LYS F 321 -35.69 -32.77 34.79
CA LYS F 321 -36.18 -32.33 33.49
C LYS F 321 -36.29 -30.79 33.48
N GLU F 322 -36.80 -30.23 34.57
CA GLU F 322 -36.92 -28.78 34.70
C GLU F 322 -35.58 -28.02 34.69
N ASP F 323 -34.56 -28.59 35.32
CA ASP F 323 -33.23 -27.99 35.30
C ASP F 323 -32.70 -27.87 33.90
N TYR F 324 -32.90 -28.92 33.10
CA TYR F 324 -32.47 -28.91 31.71
C TYR F 324 -33.17 -27.78 30.97
N ARG F 325 -34.45 -27.65 31.17
CA ARG F 325 -35.17 -26.55 30.60
C ARG F 325 -34.66 -25.22 31.06
N THR F 326 -34.29 -25.15 32.31
CA THR F 326 -33.75 -23.91 32.86
C THR F 326 -32.46 -23.58 32.14
N LEU F 327 -31.51 -24.51 32.16
CA LEU F 327 -30.28 -24.39 31.38
C LEU F 327 -30.51 -24.00 29.91
N GLY F 328 -31.54 -24.59 29.32
CA GLY F 328 -31.97 -24.20 28.00
C GLY F 328 -32.34 -22.73 27.97
N ALA F 329 -33.31 -22.35 28.79
CA ALA F 329 -33.80 -20.98 28.82
C ALA F 329 -32.71 -19.97 29.10
N MET F 330 -31.71 -20.37 29.88
CA MET F 330 -30.67 -19.48 30.35
C MET F 330 -29.50 -19.33 29.40
N THR F 331 -29.58 -19.98 28.24
CA THR F 331 -28.52 -19.87 27.23
C THR F 331 -29.00 -19.37 25.87
N GLU F 332 -29.93 -18.43 25.85
CA GLU F 332 -30.31 -17.73 24.62
C GLU F 332 -29.08 -17.18 23.92
N GLY F 333 -28.99 -17.42 22.61
CA GLY F 333 -27.87 -16.95 21.79
C GLY F 333 -26.61 -17.82 21.80
N TYR F 334 -26.63 -18.92 22.55
CA TYR F 334 -25.52 -19.86 22.56
C TYR F 334 -25.65 -20.79 21.36
N SER F 335 -24.53 -21.36 20.93
CA SER F 335 -24.53 -22.38 19.88
C SER F 335 -24.31 -23.76 20.50
N GLY F 336 -24.45 -24.79 19.67
CA GLY F 336 -24.14 -26.14 20.12
C GLY F 336 -22.72 -26.17 20.64
N SER F 337 -21.81 -25.54 19.91
CA SER F 337 -20.41 -25.49 20.31
C SER F 337 -20.29 -24.85 21.67
N ASP F 338 -20.81 -23.62 21.79
CA ASP F 338 -20.84 -22.91 23.07
C ASP F 338 -21.36 -23.82 24.18
N ILE F 339 -22.50 -24.47 23.94
CA ILE F 339 -23.09 -25.32 24.95
C ILE F 339 -22.16 -26.48 25.28
N ALA F 340 -21.57 -27.06 24.24
CA ALA F 340 -20.58 -28.12 24.42
C ALA F 340 -19.45 -27.67 25.36
N VAL F 341 -18.94 -26.45 25.18
CA VAL F 341 -17.85 -26.04 26.06
C VAL F 341 -18.32 -25.79 27.46
N VAL F 342 -19.51 -25.20 27.61
CA VAL F 342 -20.01 -24.97 28.96
C VAL F 342 -20.20 -26.32 29.64
N VAL F 343 -20.73 -27.31 28.92
CA VAL F 343 -21.04 -28.58 29.58
C VAL F 343 -19.75 -29.30 29.98
N LYS F 344 -18.75 -29.25 29.11
CA LYS F 344 -17.43 -29.84 29.37
C LYS F 344 -16.81 -29.23 30.65
N ASP F 345 -17.02 -27.92 30.80
CA ASP F 345 -16.60 -27.17 31.97
C ASP F 345 -17.33 -27.64 33.24
N ALA F 346 -18.66 -27.66 33.16
CA ALA F 346 -19.46 -27.98 34.34
C ALA F 346 -19.19 -29.38 34.89
N LEU F 347 -19.01 -30.37 34.03
CA LEU F 347 -18.89 -31.76 34.49
C LEU F 347 -17.66 -31.98 35.35
N MET F 348 -16.72 -31.05 35.26
CA MET F 348 -15.48 -31.24 35.93
C MET F 348 -15.53 -30.66 37.31
N GLN F 349 -16.56 -29.91 37.57
CA GLN F 349 -16.71 -29.19 38.84
C GLN F 349 -16.56 -30.05 40.11
N PRO F 350 -17.16 -31.27 40.12
CA PRO F 350 -17.00 -32.09 41.31
C PRO F 350 -15.57 -32.58 41.47
N ILE F 351 -14.90 -32.83 40.36
CA ILE F 351 -13.48 -33.17 40.39
C ILE F 351 -12.72 -31.94 40.87
N ARG F 352 -13.07 -30.78 40.34
CA ARG F 352 -12.49 -29.53 40.80
C ARG F 352 -12.63 -29.32 42.30
N LYS F 353 -13.79 -29.66 42.85
CA LYS F 353 -13.99 -29.46 44.27
C LYS F 353 -13.14 -30.42 45.06
N ILE F 354 -13.15 -31.69 44.68
CA ILE F 354 -12.39 -32.70 45.40
C ILE F 354 -10.89 -32.43 45.39
N GLN F 355 -10.37 -31.99 44.25
CA GLN F 355 -8.94 -31.70 44.15
C GLN F 355 -8.55 -30.56 45.07
N SER F 356 -9.39 -29.53 45.13
CA SER F 356 -9.14 -28.37 45.99
C SER F 356 -9.77 -28.50 47.38
N ALA F 357 -10.48 -29.60 47.61
CA ALA F 357 -11.48 -29.64 48.67
C ALA F 357 -10.89 -29.49 50.07
N THR F 358 -11.59 -28.74 50.91
CA THR F 358 -11.15 -28.51 52.29
C THR F 358 -12.35 -28.64 53.23
N HIS F 359 -12.05 -29.03 54.47
CA HIS F 359 -13.01 -29.56 55.47
C HIS F 359 -13.76 -30.83 55.03
N PHE F 360 -13.36 -31.96 55.58
CA PHE F 360 -13.96 -33.23 55.22
C PHE F 360 -14.86 -33.85 56.29
N LYS F 361 -16.07 -34.20 55.89
CA LYS F 361 -17.06 -34.83 56.74
C LYS F 361 -17.40 -36.24 56.26
N ASP F 362 -17.54 -37.17 57.18
CA ASP F 362 -17.88 -38.56 56.85
C ASP F 362 -19.38 -38.72 56.55
N VAL F 363 -19.68 -39.58 55.57
CA VAL F 363 -21.07 -39.90 55.18
C VAL F 363 -21.20 -41.40 54.91
N SER F 364 -22.44 -41.85 54.65
CA SER F 364 -22.79 -43.27 54.39
C SER F 364 -23.29 -44.02 55.64
N GLU F 369 -19.10 -48.83 52.69
CA GLU F 369 -17.91 -49.66 52.53
C GLU F 369 -16.63 -48.99 53.08
N THR F 370 -16.64 -48.72 54.39
CA THR F 370 -15.49 -48.20 55.17
C THR F 370 -15.03 -46.76 54.85
N ARG F 371 -15.45 -45.82 55.69
CA ARG F 371 -15.01 -44.43 55.65
C ARG F 371 -15.17 -43.77 54.31
N LYS F 372 -15.86 -42.62 54.29
CA LYS F 372 -16.00 -41.83 53.05
C LYS F 372 -16.34 -40.34 53.28
N LEU F 373 -15.38 -39.47 52.98
CA LEU F 373 -15.51 -38.05 53.33
C LEU F 373 -15.54 -37.07 52.15
N THR F 374 -16.37 -36.02 52.33
CA THR F 374 -16.67 -35.03 51.29
C THR F 374 -16.52 -33.61 51.85
N PRO F 375 -16.28 -32.61 50.98
CA PRO F 375 -16.16 -31.23 51.46
C PRO F 375 -17.47 -30.69 52.03
N CYS F 376 -17.37 -30.01 53.17
CA CYS F 376 -18.51 -29.34 53.80
C CYS F 376 -18.06 -28.03 54.41
N SER F 377 -19.02 -27.13 54.65
CA SER F 377 -18.76 -25.79 55.19
C SER F 377 -18.08 -25.83 56.59
N PRO F 378 -17.39 -24.74 56.99
CA PRO F 378 -16.84 -24.69 58.36
C PRO F 378 -17.93 -24.82 59.43
N GLY F 379 -17.82 -25.86 60.25
CA GLY F 379 -18.77 -26.11 61.34
C GLY F 379 -20.04 -26.75 60.84
N ASP F 380 -20.06 -28.08 60.84
CA ASP F 380 -21.19 -28.91 60.37
C ASP F 380 -21.18 -30.28 61.08
N ASP F 381 -22.23 -31.08 60.84
CA ASP F 381 -22.39 -32.41 61.44
C ASP F 381 -21.24 -33.38 61.09
N GLY F 382 -20.21 -33.39 61.94
CA GLY F 382 -19.03 -34.24 61.73
C GLY F 382 -17.93 -33.56 60.92
N ALA F 383 -17.95 -32.24 60.90
CA ALA F 383 -16.99 -31.43 60.16
C ALA F 383 -15.60 -31.39 60.82
N ILE F 384 -14.73 -32.30 60.39
CA ILE F 384 -13.30 -32.25 60.73
C ILE F 384 -12.63 -31.16 59.86
N GLU F 385 -11.51 -30.61 60.31
CA GLU F 385 -10.77 -29.61 59.52
C GLU F 385 -9.52 -30.23 58.89
N MET F 386 -9.48 -30.23 57.56
CA MET F 386 -8.37 -30.84 56.83
C MET F 386 -8.31 -30.38 55.37
N SER F 387 -7.34 -30.94 54.64
CA SER F 387 -7.18 -30.71 53.22
C SER F 387 -7.26 -32.05 52.49
N TRP F 388 -7.54 -32.01 51.19
CA TRP F 388 -7.66 -33.22 50.36
C TRP F 388 -6.43 -34.12 50.46
N THR F 389 -5.29 -33.45 50.64
CA THR F 389 -3.99 -34.09 50.81
C THR F 389 -3.99 -35.00 52.04
N ASP F 390 -4.73 -34.60 53.07
CA ASP F 390 -4.81 -35.33 54.34
C ASP F 390 -5.60 -36.61 54.19
N ILE F 391 -6.37 -36.72 53.11
CA ILE F 391 -7.36 -37.79 53.02
C ILE F 391 -6.91 -38.96 52.17
N GLU F 392 -7.31 -40.15 52.61
CA GLU F 392 -6.79 -41.40 52.08
C GLU F 392 -7.29 -41.73 50.67
N ALA F 393 -6.43 -42.40 49.90
CA ALA F 393 -6.75 -42.91 48.57
C ALA F 393 -8.17 -43.46 48.54
N ASP F 394 -8.86 -43.18 47.44
CA ASP F 394 -10.28 -43.53 47.24
C ASP F 394 -11.28 -42.88 48.22
N GLU F 395 -11.06 -43.10 49.52
CA GLU F 395 -12.03 -42.76 50.55
C GLU F 395 -12.49 -41.30 50.56
N LEU F 396 -12.39 -40.65 49.42
CA LEU F 396 -12.91 -39.34 49.11
C LEU F 396 -14.30 -39.48 48.49
N LYS F 397 -15.22 -38.63 48.92
CA LYS F 397 -16.51 -38.52 48.27
C LYS F 397 -16.61 -37.17 47.57
N GLU F 398 -16.44 -37.19 46.24
CA GLU F 398 -16.52 -35.98 45.44
C GLU F 398 -17.96 -35.45 45.41
N PRO F 399 -18.12 -34.14 45.31
CA PRO F 399 -19.45 -33.53 45.28
C PRO F 399 -20.26 -33.95 44.07
N ASP F 400 -21.54 -34.19 44.27
CA ASP F 400 -22.45 -34.61 43.20
C ASP F 400 -22.72 -33.50 42.20
N LEU F 401 -22.96 -33.87 40.95
CA LEU F 401 -23.23 -32.90 39.90
C LEU F 401 -24.54 -32.16 40.19
N THR F 402 -24.57 -30.87 39.88
CA THR F 402 -25.74 -30.04 40.13
C THR F 402 -26.11 -29.22 38.90
N ILE F 403 -27.41 -28.93 38.76
CA ILE F 403 -27.90 -27.97 37.77
C ILE F 403 -27.34 -26.57 38.02
N LYS F 404 -27.23 -26.20 39.29
CA LYS F 404 -26.71 -24.89 39.70
C LYS F 404 -25.27 -24.70 39.25
N ASP F 405 -24.48 -25.76 39.30
CA ASP F 405 -23.07 -25.70 38.91
C ASP F 405 -22.91 -25.28 37.45
N PHE F 406 -23.78 -25.78 36.57
CA PHE F 406 -23.70 -25.42 35.15
C PHE F 406 -23.91 -23.92 35.03
N LEU F 407 -24.85 -23.40 35.81
CA LEU F 407 -25.14 -21.96 35.82
C LEU F 407 -23.84 -21.16 35.97
N LYS F 408 -22.92 -21.71 36.75
CA LYS F 408 -21.59 -21.18 36.93
C LYS F 408 -20.90 -21.19 35.56
N ALA F 409 -20.89 -22.37 34.94
CA ALA F 409 -20.26 -22.53 33.65
C ALA F 409 -20.86 -21.62 32.60
N ILE F 410 -22.16 -21.35 32.68
CA ILE F 410 -22.77 -20.42 31.73
C ILE F 410 -22.20 -19.02 31.88
N LYS F 411 -21.96 -18.59 33.11
CA LYS F 411 -21.40 -17.25 33.33
C LYS F 411 -19.97 -17.11 32.76
N SER F 412 -19.17 -18.17 32.88
CA SER F 412 -17.77 -18.10 32.41
C SER F 412 -17.51 -18.44 30.92
N THR F 413 -18.57 -18.76 30.17
CA THR F 413 -18.47 -18.92 28.72
C THR F 413 -19.51 -18.08 28.03
N ARG F 414 -19.06 -16.97 27.48
CA ARG F 414 -19.85 -16.06 26.67
C ARG F 414 -20.24 -16.72 25.35
N PRO F 415 -21.37 -16.37 24.76
CA PRO F 415 -21.63 -16.92 23.42
C PRO F 415 -20.59 -16.46 22.38
N THR F 416 -20.44 -17.27 21.33
CA THR F 416 -19.40 -17.08 20.30
C THR F 416 -19.80 -16.12 19.20
N VAL F 417 -21.09 -16.03 18.97
CA VAL F 417 -21.63 -15.47 17.76
C VAL F 417 -22.22 -14.09 18.01
N ASN F 418 -21.75 -13.11 17.24
CA ASN F 418 -22.25 -11.74 17.33
C ASN F 418 -23.74 -11.60 16.93
N GLU F 419 -24.45 -10.72 17.63
CA GLU F 419 -25.89 -10.54 17.45
C GLU F 419 -26.30 -9.88 16.13
N ASP F 420 -25.34 -9.24 15.45
CA ASP F 420 -25.64 -8.61 14.15
C ASP F 420 -25.67 -9.61 13.00
N ASP F 421 -25.26 -10.84 13.32
CA ASP F 421 -25.29 -11.98 12.41
C ASP F 421 -26.66 -12.46 11.96
N LEU F 422 -27.61 -12.54 12.89
CA LEU F 422 -29.06 -12.66 12.62
C LEU F 422 -29.45 -11.88 11.34
N LEU F 423 -29.30 -10.55 11.36
CA LEU F 423 -29.55 -9.66 10.21
C LEU F 423 -28.70 -10.00 8.98
N LYS F 424 -27.36 -10.03 9.14
CA LYS F 424 -26.44 -10.41 8.06
C LYS F 424 -26.82 -11.75 7.37
N GLN F 425 -27.24 -12.74 8.17
CA GLN F 425 -27.73 -14.02 7.66
C GLN F 425 -29.13 -13.87 7.08
N GLU F 426 -29.96 -13.05 7.74
CA GLU F 426 -31.34 -12.82 7.26
C GLU F 426 -31.40 -11.92 6.02
N GLN F 427 -30.39 -11.06 5.86
CA GLN F 427 -30.20 -10.28 4.64
C GLN F 427 -30.00 -11.24 3.48
N PHE F 428 -29.21 -12.29 3.74
CA PHE F 428 -28.97 -13.35 2.77
C PHE F 428 -30.21 -14.21 2.50
N THR F 429 -31.04 -14.43 3.52
CA THR F 429 -32.27 -15.21 3.36
C THR F 429 -33.30 -14.42 2.56
N ARG F 430 -33.25 -13.10 2.73
CA ARG F 430 -34.12 -12.19 2.01
C ARG F 430 -33.70 -12.12 0.54
N ASP F 431 -32.38 -12.12 0.29
CA ASP F 431 -31.83 -11.86 -1.04
C ASP F 431 -31.62 -13.13 -1.88
N PHE F 432 -31.02 -14.14 -1.29
CA PHE F 432 -30.67 -15.35 -2.03
C PHE F 432 -31.30 -16.63 -1.43
N GLY F 433 -32.29 -16.45 -0.56
CA GLY F 433 -32.86 -17.57 0.22
C GLY F 433 -33.34 -18.76 -0.58
C ACE G 1 16.21 -28.61 -2.57
O ACE G 1 15.05 -28.83 -2.95
CH3 ACE G 1 17.02 -29.71 -1.94
N UNK G 2 16.85 -27.46 -2.67
CA UNK G 2 16.39 -26.17 -3.22
C UNK G 2 15.18 -25.57 -2.51
N UNK G 3 15.37 -24.34 -2.01
CA UNK G 3 14.28 -23.57 -1.44
C UNK G 3 14.54 -22.10 -1.72
N UNK G 4 13.50 -21.38 -2.11
CA UNK G 4 13.61 -19.96 -2.41
C UNK G 4 12.52 -19.22 -1.66
N UNK G 5 12.74 -17.92 -1.45
CA UNK G 5 11.77 -17.07 -0.77
C UNK G 5 11.01 -16.22 -1.78
N UNK G 6 9.73 -16.00 -1.49
CA UNK G 6 8.87 -15.26 -2.40
C UNK G 6 8.85 -13.78 -1.99
N UNK G 7 8.82 -12.90 -2.99
CA UNK G 7 8.68 -11.47 -2.76
C UNK G 7 7.49 -10.94 -3.54
N UNK G 8 6.84 -9.92 -2.99
CA UNK G 8 5.61 -9.40 -3.60
C UNK G 8 5.48 -7.93 -3.27
N UNK G 9 5.05 -7.15 -4.27
CA UNK G 9 4.77 -5.71 -4.18
C UNK G 9 5.94 -4.90 -3.68
N ASP H 289 50.06 29.03 44.06
CA ASP H 289 48.65 29.28 44.47
C ASP H 289 47.83 29.93 43.37
N ARG H 290 46.51 29.90 43.54
CA ARG H 290 45.53 30.42 42.57
C ARG H 290 45.18 29.32 41.60
N ALA H 291 46.20 28.84 40.90
CA ALA H 291 46.01 27.77 39.96
C ALA H 291 45.55 26.61 40.82
N SER H 292 45.90 26.64 42.10
CA SER H 292 45.53 25.60 43.06
C SER H 292 44.29 26.02 43.83
N LYS H 293 44.24 27.28 44.24
CA LYS H 293 43.07 27.76 44.94
C LYS H 293 41.84 27.43 44.06
N ILE H 294 41.95 27.66 42.76
CA ILE H 294 40.87 27.38 41.82
C ILE H 294 40.64 25.88 41.79
N GLU H 295 41.67 25.12 42.11
CA GLU H 295 41.51 23.66 42.09
C GLU H 295 40.92 23.12 43.39
N GLN H 296 41.11 23.85 44.48
CA GLN H 296 40.62 23.42 45.78
C GLN H 296 39.14 23.73 46.01
N ILE H 297 38.63 24.69 45.26
CA ILE H 297 37.22 25.05 45.37
C ILE H 297 36.48 23.83 44.84
N GLN H 298 36.92 23.35 43.68
CA GLN H 298 36.31 22.20 43.06
C GLN H 298 36.41 21.04 44.00
N LYS H 299 37.56 20.88 44.64
CA LYS H 299 37.75 19.79 45.58
C LYS H 299 36.69 19.88 46.65
N LEU H 300 36.42 21.11 47.10
CA LEU H 300 35.40 21.37 48.13
C LEU H 300 34.01 21.05 47.60
N ALA H 301 33.61 21.80 46.58
CA ALA H 301 32.32 21.62 45.93
C ALA H 301 32.06 20.16 45.54
N LYS H 302 33.08 19.32 45.49
CA LYS H 302 32.82 17.92 45.17
C LYS H 302 32.38 17.31 46.50
N TYR H 303 33.24 17.39 47.51
CA TYR H 303 32.94 16.85 48.84
C TYR H 303 31.53 17.27 49.22
N ALA H 304 31.22 18.54 49.03
CA ALA H 304 29.88 19.01 49.33
C ALA H 304 28.86 18.13 48.62
N ILE H 305 28.99 17.97 47.30
CA ILE H 305 28.05 17.12 46.55
C ILE H 305 28.00 15.74 47.22
N SER H 306 29.15 15.07 47.30
CA SER H 306 29.28 13.75 47.93
C SER H 306 28.59 13.68 49.28
N ALA H 307 28.59 14.80 50.01
CA ALA H 307 27.96 14.89 51.32
C ALA H 307 26.44 14.83 51.25
N LEU H 308 25.84 15.57 50.29
CA LEU H 308 24.38 15.60 50.12
C LEU H 308 23.86 14.22 49.72
N ASN H 309 24.77 13.30 49.40
CA ASN H 309 24.34 11.95 49.04
C ASN H 309 24.00 11.13 50.29
N TYR H 310 23.99 11.80 51.45
CA TYR H 310 23.67 11.19 52.74
C TYR H 310 22.83 12.22 53.46
N GLU H 311 22.33 13.16 52.68
CA GLU H 311 21.51 14.27 53.15
C GLU H 311 22.20 15.16 54.22
N ASP H 312 23.49 14.91 54.46
CA ASP H 312 24.28 15.65 55.43
C ASP H 312 24.33 17.12 55.10
N LEU H 313 23.31 17.88 55.46
CA LEU H 313 23.31 19.30 55.16
C LEU H 313 24.47 20.02 55.87
N PRO H 314 24.77 19.68 57.13
CA PRO H 314 25.86 20.29 57.90
C PRO H 314 27.16 20.45 57.11
N THR H 315 27.78 19.32 56.78
CA THR H 315 29.01 19.29 55.99
C THR H 315 28.87 20.18 54.75
N ALA H 316 27.79 19.92 54.00
CA ALA H 316 27.50 20.65 52.78
C ALA H 316 27.53 22.14 52.93
N LYS H 317 26.63 22.66 53.75
CA LYS H 317 26.54 24.11 53.96
C LYS H 317 27.90 24.72 54.37
N ASP H 318 28.80 23.86 54.82
CA ASP H 318 30.13 24.29 55.25
C ASP H 318 31.15 24.31 54.09
N GLU H 319 31.34 23.15 53.45
CA GLU H 319 32.28 23.01 52.32
C GLU H 319 31.85 23.93 51.16
N LEU H 320 30.56 23.94 50.86
CA LEU H 320 30.05 24.83 49.82
C LEU H 320 30.28 26.28 50.21
N THR H 321 30.70 26.51 51.46
CA THR H 321 30.98 27.85 51.96
C THR H 321 32.48 28.07 51.98
N LYS H 322 33.23 27.19 52.64
CA LYS H 322 34.69 27.34 52.66
C LYS H 322 35.15 27.59 51.21
N ALA H 323 34.44 26.96 50.27
CA ALA H 323 34.72 27.11 48.83
C ALA H 323 34.41 28.51 48.31
N LEU H 324 33.16 28.94 48.47
CA LEU H 324 32.73 30.26 48.03
C LEU H 324 33.62 31.40 48.54
N ASP H 325 33.89 31.42 49.85
CA ASP H 325 34.74 32.45 50.48
C ASP H 325 36.05 32.49 49.70
N LEU H 326 36.61 31.32 49.45
CA LEU H 326 37.87 31.18 48.71
C LEU H 326 37.82 31.68 47.26
N LEU H 327 36.65 31.64 46.61
CA LEU H 327 36.49 32.12 45.23
C LEU H 327 36.46 33.65 45.26
N ASN H 328 36.30 34.19 46.46
CA ASN H 328 36.28 35.63 46.63
C ASN H 328 37.69 36.01 47.04
N SER H 329 38.41 35.05 47.61
CA SER H 329 39.79 35.27 48.02
C SER H 329 40.65 35.36 46.75
N ILE H 330 40.13 34.81 45.65
CA ILE H 330 40.81 34.83 44.34
C ILE H 330 40.95 36.31 43.91
N THR I 280 0.39 11.90 56.48
CA THR I 280 1.36 10.97 55.86
C THR I 280 1.59 11.32 54.38
N LYS I 281 0.50 11.66 53.68
CA LYS I 281 0.56 12.09 52.28
C LYS I 281 1.37 13.37 52.10
N ASP I 282 1.12 14.36 52.96
CA ASP I 282 1.81 15.65 52.88
C ASP I 282 3.29 15.55 53.24
N GLU I 283 3.60 14.73 54.25
CA GLU I 283 5.00 14.50 54.66
C GLU I 283 5.78 13.74 53.60
N LEU I 284 5.11 12.80 52.92
CA LEU I 284 5.72 12.02 51.86
C LEU I 284 6.09 12.90 50.68
N THR I 285 5.21 13.82 50.31
CA THR I 285 5.51 14.79 49.24
C THR I 285 6.64 15.75 49.64
N LYS I 286 6.64 16.16 50.92
CA LYS I 286 7.72 17.03 51.43
C LYS I 286 9.09 16.36 51.30
N ILE I 287 9.13 15.05 51.55
CA ILE I 287 10.34 14.24 51.34
C ILE I 287 10.78 14.24 49.87
N MET I 288 9.81 14.09 48.97
CA MET I 288 10.05 14.14 47.53
C MET I 288 10.56 15.52 47.13
N ASP I 289 9.96 16.56 47.70
CA ASP I 289 10.31 17.93 47.36
C ASP I 289 11.72 18.31 47.84
N ARG I 290 12.08 17.90 49.05
CA ARG I 290 13.41 18.17 49.60
C ARG I 290 14.48 17.44 48.79
N ALA I 291 14.17 16.21 48.39
CA ALA I 291 15.05 15.40 47.54
C ALA I 291 15.29 16.12 46.22
N SER I 292 14.25 16.74 45.68
CA SER I 292 14.37 17.54 44.46
C SER I 292 15.28 18.75 44.65
N LYS I 293 15.12 19.46 45.78
CA LYS I 293 15.98 20.62 46.05
C LYS I 293 17.43 20.20 46.19
N ILE I 294 17.68 19.11 46.92
CA ILE I 294 19.05 18.60 47.06
C ILE I 294 19.68 18.27 45.69
N GLU I 295 18.92 17.62 44.81
CA GLU I 295 19.38 17.33 43.44
C GLU I 295 19.76 18.62 42.72
N GLN I 296 18.95 19.67 42.89
CA GLN I 296 19.22 20.97 42.24
C GLN I 296 20.48 21.64 42.77
N ILE I 297 20.68 21.57 44.09
CA ILE I 297 21.89 22.10 44.72
C ILE I 297 23.13 21.40 44.17
N GLN I 298 23.07 20.08 44.10
CA GLN I 298 24.19 19.29 43.55
C GLN I 298 24.44 19.62 42.07
N LYS I 299 23.37 19.81 41.30
CA LYS I 299 23.48 20.20 39.89
C LYS I 299 24.21 21.54 39.76
N LEU I 300 23.80 22.52 40.56
CA LEU I 300 24.40 23.84 40.52
C LEU I 300 25.87 23.78 40.89
N ALA I 301 26.22 22.96 41.88
CA ALA I 301 27.64 22.77 42.22
C ALA I 301 28.46 22.14 41.09
N LYS I 302 27.89 21.14 40.41
CA LYS I 302 28.53 20.50 39.28
C LYS I 302 28.73 21.52 38.14
N TYR I 303 27.71 22.32 37.89
CA TYR I 303 27.80 23.34 36.86
C TYR I 303 28.90 24.36 37.20
N ALA I 304 29.00 24.86 38.49
CA ALA I 304 30.02 25.73 39.05
C ALA I 304 31.39 25.10 38.79
N ILE I 305 31.58 23.84 39.20
CA ILE I 305 32.88 23.18 38.96
C ILE I 305 33.23 23.29 37.47
N SER I 306 32.35 22.77 36.60
CA SER I 306 32.52 22.81 35.15
C SER I 306 32.91 24.19 34.66
N ALA I 307 32.41 25.23 35.33
CA ALA I 307 32.70 26.62 34.96
C ALA I 307 34.13 27.01 35.25
N LEU I 308 34.65 26.63 36.44
CA LEU I 308 36.03 26.94 36.83
C LEU I 308 37.03 26.27 35.90
N ASN I 309 36.55 25.37 35.05
CA ASN I 309 37.44 24.71 34.10
C ASN I 309 37.76 25.63 32.91
N TYR I 310 37.33 26.89 33.01
CA TYR I 310 37.55 27.91 31.98
C TYR I 310 37.85 29.17 32.75
N GLU I 311 38.18 28.97 34.01
CA GLU I 311 38.48 30.04 34.96
C GLU I 311 37.35 31.08 35.14
N ASP I 312 36.20 30.79 34.55
CA ASP I 312 35.03 31.66 34.63
C ASP I 312 34.58 31.87 36.06
N LEU I 313 35.21 32.79 36.77
CA LEU I 313 34.83 33.04 38.15
C LEU I 313 33.38 33.54 38.26
N PRO I 314 32.94 34.44 37.34
CA PRO I 314 31.58 34.98 37.33
C PRO I 314 30.50 33.93 37.54
N THR I 315 30.35 33.04 36.56
CA THR I 315 29.37 31.95 36.63
C THR I 315 29.48 31.22 37.97
N ALA I 316 30.71 30.80 38.27
CA ALA I 316 31.01 30.08 39.50
C ALA I 316 30.47 30.74 40.73
N LYS I 317 30.97 31.93 41.04
CA LYS I 317 30.55 32.66 42.24
C LYS I 317 29.02 32.80 42.33
N ASP I 318 28.36 32.62 41.19
CA ASP I 318 26.91 32.73 41.12
C ASP I 318 26.21 31.39 41.41
N GLU I 319 26.52 30.34 40.63
CA GLU I 319 25.93 29.01 40.80
C GLU I 319 26.27 28.45 42.19
N LEU I 320 27.52 28.60 42.60
CA LEU I 320 27.93 28.15 43.92
C LEU I 320 27.17 28.95 45.00
N THR I 321 26.47 29.99 44.56
CA THR I 321 25.68 30.82 45.48
C THR I 321 24.20 30.44 45.36
N LYS I 322 23.65 30.48 44.15
CA LYS I 322 22.26 30.09 43.98
C LYS I 322 22.05 28.76 44.71
N ALA I 323 23.10 27.92 44.72
CA ALA I 323 23.08 26.62 45.39
C ALA I 323 23.04 26.76 46.91
N LEU I 324 24.03 27.44 47.48
CA LEU I 324 24.08 27.65 48.93
C LEU I 324 22.80 28.23 49.53
N ASP I 325 22.29 29.32 48.92
CA ASP I 325 21.04 29.96 49.39
C ASP I 325 19.97 28.88 49.49
N LEU I 326 19.88 28.06 48.45
CA LEU I 326 18.91 26.97 48.38
C LEU I 326 19.10 25.88 49.46
N LEU I 327 20.33 25.67 49.94
CA LEU I 327 20.60 24.68 50.99
C LEU I 327 20.13 25.26 52.33
N ASN I 328 19.86 26.56 52.33
CA ASN I 328 19.40 27.22 53.52
C ASN I 328 17.89 27.27 53.39
N SER I 329 17.41 27.21 52.15
CA SER I 329 15.97 27.19 51.89
C SER I 329 15.41 25.85 52.33
N ILE I 330 16.29 24.85 52.43
CA ILE I 330 15.93 23.49 52.86
C ILE I 330 15.42 23.59 54.31
N ASP J 289 50.88 45.22 -26.30
CA ASP J 289 50.24 45.87 -25.11
C ASP J 289 48.75 46.10 -25.30
N ARG J 290 48.08 46.39 -24.19
CA ARG J 290 46.62 46.59 -24.14
C ARG J 290 45.96 45.25 -23.90
N ALA J 291 46.20 44.33 -24.81
CA ALA J 291 45.64 43.01 -24.70
C ALA J 291 46.28 42.47 -23.44
N SER J 292 47.46 43.00 -23.11
CA SER J 292 48.22 42.59 -21.92
C SER J 292 47.93 43.52 -20.76
N LYS J 293 47.88 44.82 -21.03
CA LYS J 293 47.55 45.76 -19.99
C LYS J 293 46.22 45.31 -19.34
N ILE J 294 45.26 44.91 -20.17
CA ILE J 294 43.97 44.43 -19.68
C ILE J 294 44.18 43.14 -18.91
N GLU J 295 45.25 42.43 -19.22
CA GLU J 295 45.50 41.18 -18.51
C GLU J 295 46.24 41.39 -17.21
N GLN J 296 46.99 42.48 -17.10
CA GLN J 296 47.77 42.77 -15.92
C GLN J 296 46.96 43.43 -14.80
N ILE J 297 45.83 44.01 -15.16
CA ILE J 297 44.96 44.63 -14.18
C ILE J 297 44.42 43.46 -13.36
N GLN J 298 43.95 42.45 -14.07
CA GLN J 298 43.40 41.27 -13.45
C GLN J 298 44.46 40.66 -12.58
N LYS J 299 45.68 40.59 -13.09
CA LYS J 299 46.79 40.02 -12.33
C LYS J 299 46.91 40.77 -11.02
N LEU J 300 46.77 42.10 -11.09
CA LEU J 300 46.83 42.97 -9.90
C LEU J 300 45.67 42.71 -8.97
N ALA J 301 44.47 42.98 -9.47
CA ALA J 301 43.24 42.76 -8.73
C ALA J 301 43.15 41.36 -8.12
N LYS J 302 43.97 40.41 -8.59
CA LYS J 302 43.92 39.10 -7.98
C LYS J 302 44.79 39.24 -6.73
N TYR J 303 46.06 39.61 -6.92
CA TYR J 303 47.00 39.78 -5.82
C TYR J 303 46.32 40.57 -4.72
N ALA J 304 45.65 41.65 -5.09
CA ALA J 304 44.94 42.44 -4.11
C ALA J 304 44.00 41.54 -3.31
N ILE J 305 43.14 40.79 -4.01
CA ILE J 305 42.22 39.88 -3.31
C ILE J 305 43.04 38.98 -2.37
N SER J 306 43.98 38.21 -2.94
CA SER J 306 44.86 37.31 -2.19
C SER J 306 45.45 37.99 -0.97
N ALA J 307 45.72 39.30 -1.06
CA ALA J 307 46.29 40.07 0.03
C ALA J 307 45.32 40.26 1.18
N LEU J 308 44.06 40.59 0.87
CA LEU J 308 43.02 40.80 1.90
C LEU J 308 42.75 39.51 2.66
N ASN J 309 43.30 38.40 2.19
CA ASN J 309 43.11 37.13 2.89
C ASN J 309 44.04 37.03 4.10
N TYR J 310 44.72 38.15 4.42
CA TYR J 310 45.65 38.24 5.54
C TYR J 310 45.42 39.61 6.12
N GLU J 311 44.28 40.17 5.73
CA GLU J 311 43.84 41.51 6.13
C GLU J 311 44.84 42.64 5.77
N ASP J 312 45.87 42.29 5.00
CA ASP J 312 46.90 43.23 4.57
C ASP J 312 46.30 44.37 3.76
N LEU J 313 45.76 45.38 4.43
CA LEU J 313 45.18 46.49 3.70
C LEU J 313 46.23 47.23 2.85
N PRO J 314 47.46 47.43 3.38
CA PRO J 314 48.53 48.13 2.67
C PRO J 314 48.70 47.67 1.22
N THR J 315 49.12 46.42 1.04
CA THR J 315 49.30 45.83 -0.28
C THR J 315 48.06 46.08 -1.14
N ALA J 316 46.91 45.70 -0.58
CA ALA J 316 45.64 45.84 -1.25
C ALA J 316 45.40 47.22 -1.81
N LYS J 317 45.31 48.21 -0.94
CA LYS J 317 45.05 49.58 -1.36
C LYS J 317 46.03 50.05 -2.45
N ASP J 318 47.14 49.35 -2.56
CA ASP J 318 48.16 49.67 -3.55
C ASP J 318 47.92 48.98 -4.91
N GLU J 319 47.86 47.64 -4.91
CA GLU J 319 47.62 46.86 -6.12
C GLU J 319 46.27 47.20 -6.74
N LEU J 320 45.25 47.33 -5.91
CA LEU J 320 43.93 47.72 -6.39
C LEU J 320 44.00 49.13 -6.97
N THR J 321 45.13 49.81 -6.76
CA THR J 321 45.33 51.16 -7.28
C THR J 321 46.21 51.10 -8.52
N LYS J 322 47.39 50.49 -8.41
CA LYS J 322 48.26 50.37 -9.57
C LYS J 322 47.41 49.85 -10.73
N ALA J 323 46.42 49.01 -10.41
CA ALA J 323 45.49 48.43 -11.38
C ALA J 323 44.55 49.49 -11.98
N LEU J 324 43.79 50.15 -11.12
CA LEU J 324 42.86 51.20 -11.56
C LEU J 324 43.51 52.26 -12.46
N ASP J 325 44.64 52.82 -12.01
CA ASP J 325 45.37 53.85 -12.78
C ASP J 325 45.59 53.31 -14.19
N LEU J 326 46.04 52.05 -14.26
CA LEU J 326 46.30 51.38 -15.54
C LEU J 326 45.05 51.18 -16.42
N LEU J 327 43.87 51.07 -15.81
CA LEU J 327 42.62 50.90 -16.57
C LEU J 327 42.23 52.26 -17.17
N ASN J 328 42.89 53.30 -16.67
CA ASN J 328 42.64 54.64 -17.17
C ASN J 328 43.72 54.91 -18.20
N SER J 329 44.83 54.19 -18.08
CA SER J 329 45.93 54.30 -19.02
C SER J 329 45.49 53.67 -20.34
N ILE J 330 44.49 52.78 -20.26
CA ILE J 330 43.91 52.09 -21.44
C ILE J 330 43.31 53.17 -22.36
N LEU K 284 33.96 43.09 19.21
CA LEU K 284 33.75 41.81 18.55
C LEU K 284 32.86 41.99 17.31
N THR K 285 31.81 42.80 17.43
CA THR K 285 30.96 43.11 16.27
C THR K 285 31.70 43.93 15.23
N LYS K 286 32.56 44.85 15.67
CA LYS K 286 33.37 45.65 14.74
C LYS K 286 34.29 44.75 13.91
N ILE K 287 34.84 43.72 14.53
CA ILE K 287 35.64 42.69 13.83
C ILE K 287 34.81 41.96 12.78
N MET K 288 33.57 41.60 13.13
CA MET K 288 32.64 40.95 12.21
C MET K 288 32.31 41.89 11.06
N ASP K 289 32.09 43.16 11.39
CA ASP K 289 31.70 44.15 10.38
C ASP K 289 32.83 44.45 9.37
N ARG K 290 34.06 44.56 9.87
CA ARG K 290 35.22 44.80 9.01
C ARG K 290 35.46 43.61 8.09
N ALA K 291 35.29 42.41 8.63
CA ALA K 291 35.40 41.17 7.87
C ALA K 291 34.37 41.16 6.74
N SER K 292 33.18 41.64 7.02
CA SER K 292 32.13 41.77 5.99
C SER K 292 32.53 42.76 4.90
N LYS K 293 33.08 43.91 5.28
CA LYS K 293 33.53 44.90 4.29
C LYS K 293 34.64 44.33 3.41
N ILE K 294 35.60 43.65 4.01
CA ILE K 294 36.69 43.02 3.25
C ILE K 294 36.14 42.01 2.22
N GLU K 295 35.18 41.18 2.64
CA GLU K 295 34.51 40.24 1.73
C GLU K 295 33.88 40.98 0.55
N GLN K 296 33.24 42.12 0.83
CA GLN K 296 32.59 42.92 -0.23
C GLN K 296 33.59 43.52 -1.21
N ILE K 297 34.71 44.01 -0.68
CA ILE K 297 35.80 44.54 -1.51
C ILE K 297 36.33 43.45 -2.45
N GLN K 298 36.57 42.26 -1.90
CA GLN K 298 37.05 41.13 -2.71
C GLN K 298 36.02 40.71 -3.77
N LYS K 299 34.74 40.72 -3.40
CA LYS K 299 33.65 40.42 -4.34
C LYS K 299 33.67 41.40 -5.52
N LEU K 300 33.76 42.69 -5.21
CA LEU K 300 33.77 43.73 -6.23
C LEU K 300 34.95 43.56 -7.15
N ALA K 301 36.11 43.24 -6.59
CA ALA K 301 37.30 42.96 -7.42
C ALA K 301 37.12 41.76 -8.37
N LYS K 302 36.52 40.68 -7.86
CA LYS K 302 36.23 39.50 -8.64
C LYS K 302 35.24 39.84 -9.76
N TYR K 303 34.23 40.62 -9.44
CA TYR K 303 33.25 41.04 -10.44
C TYR K 303 33.92 41.88 -11.53
N ALA K 304 34.82 42.88 -11.18
CA ALA K 304 35.64 43.70 -12.04
C ALA K 304 36.46 42.79 -12.96
N ILE K 305 37.20 41.84 -12.40
CA ILE K 305 37.99 40.91 -13.23
C ILE K 305 37.05 40.28 -14.29
N SER K 306 36.00 39.60 -13.82
CA SER K 306 35.01 38.96 -14.69
C SER K 306 34.54 39.87 -15.80
N ALA K 307 34.47 41.17 -15.50
CA ALA K 307 34.02 42.18 -16.47
C ALA K 307 35.02 42.39 -17.59
N LEU K 308 36.31 42.49 -17.25
CA LEU K 308 37.38 42.69 -18.23
C LEU K 308 37.47 41.50 -19.19
N ASN K 309 36.76 40.43 -18.88
CA ASN K 309 36.78 39.26 -19.76
C ASN K 309 35.85 39.48 -20.96
N TYR K 310 35.35 40.70 -21.10
CA TYR K 310 34.44 41.10 -22.19
C TYR K 310 34.88 42.49 -22.57
N GLU K 311 36.09 42.83 -22.11
CA GLU K 311 36.70 44.13 -22.32
C GLU K 311 35.87 45.33 -21.79
N ASP K 312 34.80 45.02 -21.07
CA ASP K 312 33.92 46.02 -20.50
C ASP K 312 34.65 46.93 -19.53
N LEU K 313 35.34 47.94 -20.04
CA LEU K 313 36.07 48.83 -19.16
C LEU K 313 35.13 49.59 -18.21
N PRO K 314 33.96 50.04 -18.69
CA PRO K 314 32.97 50.76 -17.88
C PRO K 314 32.73 50.13 -16.51
N THR K 315 32.13 48.94 -16.51
CA THR K 315 31.86 48.19 -15.29
C THR K 315 33.11 48.13 -14.41
N ALA K 316 34.20 47.69 -15.03
CA ALA K 316 35.48 47.55 -14.36
C ALA K 316 35.91 48.77 -13.60
N LYS K 317 36.14 49.85 -14.34
CA LYS K 317 36.59 51.11 -13.72
C LYS K 317 35.68 51.55 -12.56
N ASP K 318 34.47 51.00 -12.54
CA ASP K 318 33.50 51.32 -11.50
C ASP K 318 33.62 50.41 -10.27
N GLU K 319 33.50 49.09 -10.46
CA GLU K 319 33.61 48.10 -9.38
C GLU K 319 34.99 48.17 -8.73
N LEU K 320 36.03 48.27 -9.55
CA LEU K 320 37.38 48.39 -9.03
C LEU K 320 37.51 49.70 -8.25
N THR K 321 36.49 50.55 -8.33
CA THR K 321 36.48 51.82 -7.63
C THR K 321 35.58 51.71 -6.40
N LYS K 322 34.32 51.30 -6.58
CA LYS K 322 33.44 51.13 -5.44
C LYS K 322 34.20 50.33 -4.38
N ALA K 323 35.07 49.42 -4.83
CA ALA K 323 35.88 48.58 -3.96
C ALA K 323 36.96 49.39 -3.23
N LEU K 324 37.82 50.06 -3.99
CA LEU K 324 38.88 50.88 -3.42
C LEU K 324 38.39 51.90 -2.37
N ASP K 325 37.34 52.66 -2.70
CA ASP K 325 36.77 53.66 -1.79
C ASP K 325 36.45 52.96 -0.47
N LEU K 326 35.84 51.78 -0.58
CA LEU K 326 35.46 50.98 0.58
C LEU K 326 36.66 50.48 1.42
N LEU K 327 37.82 50.27 0.79
CA LEU K 327 39.03 49.82 1.51
C LEU K 327 39.60 51.02 2.29
N ASN K 328 39.10 52.21 1.95
CA ASN K 328 39.53 53.41 2.63
C ASN K 328 38.49 53.67 3.71
N SER K 329 37.29 53.15 3.49
CA SER K 329 36.21 53.27 4.46
C SER K 329 36.55 52.40 5.67
N ILE K 330 37.41 51.40 5.45
CA ILE K 330 37.86 50.46 6.51
C ILE K 330 38.60 51.29 7.56
N ASP L 289 -2.66 23.01 -69.12
CA ASP L 289 -2.49 24.26 -68.32
C ASP L 289 -3.64 24.49 -67.36
N ARG L 290 -3.40 25.41 -66.42
CA ARG L 290 -4.34 25.76 -65.34
C ARG L 290 -4.12 24.84 -64.17
N ALA L 291 -4.26 23.55 -64.42
CA ALA L 291 -4.03 22.57 -63.39
C ALA L 291 -2.57 22.73 -63.06
N SER L 292 -1.79 23.24 -64.02
CA SER L 292 -0.36 23.46 -63.85
C SER L 292 -0.10 24.90 -63.44
N LYS L 293 -0.79 25.83 -64.08
CA LYS L 293 -0.63 27.23 -63.71
C LYS L 293 -0.84 27.33 -62.18
N ILE L 294 -1.87 26.65 -61.67
CA ILE L 294 -2.17 26.65 -60.25
C ILE L 294 -1.03 25.97 -59.51
N GLU L 295 -0.31 25.10 -60.19
CA GLU L 295 0.79 24.41 -59.53
C GLU L 295 2.09 25.22 -59.55
N GLN L 296 2.22 26.11 -60.54
CA GLN L 296 3.42 26.92 -60.67
C GLN L 296 3.43 28.15 -59.77
N ILE L 297 2.25 28.56 -59.31
CA ILE L 297 2.16 29.70 -58.42
C ILE L 297 2.80 29.23 -57.13
N GLN L 298 2.39 28.05 -56.69
CA GLN L 298 2.91 27.45 -55.48
C GLN L 298 4.40 27.30 -55.63
N LYS L 299 4.84 26.85 -56.79
CA LYS L 299 6.26 26.67 -57.05
C LYS L 299 6.96 28.00 -56.82
N LEU L 300 6.34 29.08 -57.28
CA LEU L 300 6.87 30.43 -57.10
C LEU L 300 6.88 30.86 -55.65
N ALA L 301 5.68 30.93 -55.08
CA ALA L 301 5.49 31.27 -53.68
C ALA L 301 6.37 30.43 -52.74
N LYS L 302 6.90 29.31 -53.20
CA LYS L 302 7.78 28.55 -52.34
C LYS L 302 9.14 29.26 -52.46
N TYR L 303 9.67 29.33 -53.68
CA TYR L 303 10.95 29.98 -53.94
C TYR L 303 10.98 31.30 -53.21
N ALA L 304 9.91 32.07 -53.32
CA ALA L 304 9.85 33.34 -52.62
C ALA L 304 10.14 33.10 -51.14
N ILE L 305 9.40 32.19 -50.51
CA ILE L 305 9.63 31.91 -49.07
C ILE L 305 11.12 31.58 -48.88
N SER L 306 11.61 30.54 -49.57
CA SER L 306 13.00 30.11 -49.52
C SER L 306 13.97 31.28 -49.66
N ALA L 307 13.58 32.28 -50.44
CA ALA L 307 14.41 33.47 -50.68
C ALA L 307 14.52 34.35 -49.44
N LEU L 308 13.39 34.59 -48.75
CA LEU L 308 13.36 35.42 -47.54
C LEU L 308 14.20 34.78 -46.44
N ASN L 309 14.62 33.55 -46.64
CA ASN L 309 15.45 32.89 -45.63
C ASN L 309 16.91 33.37 -45.72
N TYR L 310 17.14 34.40 -46.54
CA TYR L 310 18.46 35.00 -46.76
C TYR L 310 18.20 36.47 -46.86
N GLU L 311 17.02 36.85 -46.40
CA GLU L 311 16.53 38.22 -46.42
C GLU L 311 16.49 38.87 -47.82
N ASP L 312 16.74 38.06 -48.85
CA ASP L 312 16.74 38.51 -50.24
C ASP L 312 15.40 39.06 -50.63
N LEU L 313 15.13 40.33 -50.32
CA LEU L 313 13.85 40.92 -50.68
C LEU L 313 13.66 40.97 -52.20
N PRO L 314 14.72 41.30 -52.97
CA PRO L 314 14.66 41.38 -54.44
C PRO L 314 13.94 40.20 -55.08
N THR L 315 14.55 39.01 -54.98
CA THR L 315 13.97 37.78 -55.51
C THR L 315 12.50 37.66 -55.08
N ALA L 316 12.30 37.77 -53.77
CA ALA L 316 11.00 37.65 -53.17
C ALA L 316 9.95 38.52 -53.82
N LYS L 317 10.13 39.83 -53.74
CA LYS L 317 9.17 40.77 -54.30
C LYS L 317 8.86 40.47 -55.78
N ASP L 318 9.75 39.70 -56.40
CA ASP L 318 9.59 39.34 -57.81
C ASP L 318 8.77 38.05 -58.00
N GLU L 319 9.22 36.94 -57.40
CA GLU L 319 8.53 35.65 -57.47
C GLU L 319 7.13 35.75 -56.87
N LEU L 320 7.01 36.40 -55.73
CA LEU L 320 5.71 36.60 -55.12
C LEU L 320 4.83 37.46 -56.03
N THR L 321 5.43 38.03 -57.07
CA THR L 321 4.71 38.85 -58.04
C THR L 321 4.43 38.03 -59.30
N LYS L 322 5.47 37.45 -59.91
CA LYS L 322 5.26 36.63 -61.09
C LYS L 322 4.12 35.66 -60.78
N ALA L 323 4.03 35.24 -59.51
CA ALA L 323 3.00 34.33 -59.04
C ALA L 323 1.62 34.98 -59.04
N LEU L 324 1.48 36.08 -58.30
CA LEU L 324 0.21 36.81 -58.24
C LEU L 324 -0.39 37.14 -59.61
N ASP L 325 0.41 37.74 -60.49
CA ASP L 325 -0.03 38.09 -61.85
C ASP L 325 -0.66 36.85 -62.48
N LEU L 326 0.03 35.73 -62.34
CA LEU L 326 -0.43 34.45 -62.88
C LEU L 326 -1.75 33.94 -62.28
N LEU L 327 -2.03 34.29 -61.02
CA LEU L 327 -3.28 33.86 -60.36
C LEU L 327 -4.42 34.72 -60.91
N ASN L 328 -4.05 35.79 -61.60
CA ASN L 328 -5.04 36.67 -62.20
C ASN L 328 -5.18 36.20 -63.64
N SER L 329 -4.12 35.56 -64.15
CA SER L 329 -4.13 35.03 -65.50
C SER L 329 -5.08 33.83 -65.54
N ILE L 330 -5.33 33.24 -64.36
CA ILE L 330 -6.24 32.09 -64.21
C ILE L 330 -7.64 32.54 -64.63
N LEU M 284 18.71 47.65 -33.09
CA LEU M 284 18.58 46.25 -32.71
C LEU M 284 17.12 45.81 -32.71
N THR M 285 16.24 46.66 -32.19
CA THR M 285 14.80 46.39 -32.21
C THR M 285 14.25 46.42 -33.63
N LYS M 286 14.74 47.35 -34.45
CA LYS M 286 14.33 47.42 -35.86
C LYS M 286 14.66 46.13 -36.60
N ILE M 287 15.82 45.55 -36.30
CA ILE M 287 16.21 44.23 -36.83
C ILE M 287 15.24 43.12 -36.40
N MET M 288 14.85 43.14 -35.13
CA MET M 288 13.86 42.21 -34.59
C MET M 288 12.52 42.40 -35.27
N ASP M 289 12.13 43.66 -35.48
CA ASP M 289 10.84 43.98 -36.08
C ASP M 289 10.75 43.56 -37.54
N ARG M 290 11.82 43.80 -38.31
CA ARG M 290 11.86 43.42 -39.72
C ARG M 290 11.82 41.90 -39.87
N ALA M 291 12.53 41.20 -38.97
CA ALA M 291 12.53 39.75 -38.92
C ALA M 291 11.12 39.23 -38.67
N SER M 292 10.39 39.91 -37.81
CA SER M 292 8.99 39.57 -37.55
C SER M 292 8.12 39.76 -38.81
N LYS M 293 8.30 40.87 -39.52
CA LYS M 293 7.53 41.11 -40.75
C LYS M 293 7.84 40.04 -41.79
N ILE M 294 9.11 39.72 -41.97
CA ILE M 294 9.50 38.65 -42.92
C ILE M 294 8.82 37.31 -42.58
N GLU M 295 8.81 36.95 -41.29
CA GLU M 295 8.12 35.73 -40.82
C GLU M 295 6.64 35.78 -41.22
N GLN M 296 6.01 36.94 -41.07
CA GLN M 296 4.58 37.10 -41.40
C GLN M 296 4.31 36.97 -42.89
N ILE M 297 5.20 37.54 -43.71
CA ILE M 297 5.12 37.43 -45.17
C ILE M 297 5.20 35.97 -45.58
N GLN M 298 6.17 35.24 -45.02
CA GLN M 298 6.34 33.81 -45.32
C GLN M 298 5.11 32.99 -44.86
N LYS M 299 4.56 33.33 -43.70
CA LYS M 299 3.35 32.68 -43.18
C LYS M 299 2.19 32.86 -44.17
N LEU M 300 1.99 34.09 -44.64
CA LEU M 300 0.90 34.41 -45.55
C LEU M 300 1.07 33.65 -46.85
N ALA M 301 2.31 33.56 -47.34
CA ALA M 301 2.59 32.76 -48.55
C ALA M 301 2.27 31.26 -48.38
N LYS M 302 2.64 30.70 -47.22
CA LYS M 302 2.35 29.32 -46.88
C LYS M 302 0.84 29.09 -46.81
N TYR M 303 0.14 30.03 -46.19
CA TYR M 303 -1.32 29.92 -46.09
C TYR M 303 -1.95 29.98 -47.49
N ALA M 304 -1.51 30.90 -48.42
CA ALA M 304 -1.88 31.04 -49.82
C ALA M 304 -1.68 29.69 -50.52
N ILE M 305 -0.47 29.13 -50.42
CA ILE M 305 -0.21 27.83 -51.06
C ILE M 305 -1.29 26.83 -50.59
N SER M 306 -1.37 26.61 -49.28
CA SER M 306 -2.36 25.71 -48.67
C SER M 306 -3.75 25.92 -49.21
N ALA M 307 -4.08 27.18 -49.55
CA ALA M 307 -5.38 27.52 -50.08
C ALA M 307 -5.61 27.00 -51.50
N LEU M 308 -4.59 27.13 -52.37
CA LEU M 308 -4.68 26.66 -53.76
C LEU M 308 -4.84 25.14 -53.80
N ASN M 309 -4.67 24.48 -52.65
CA ASN M 309 -4.83 23.04 -52.61
C ASN M 309 -6.32 22.66 -52.57
N TYR M 310 -7.19 23.66 -52.75
CA TYR M 310 -8.64 23.49 -52.75
C TYR M 310 -9.14 24.40 -53.84
N GLU M 311 -8.19 24.80 -54.69
CA GLU M 311 -8.43 25.71 -55.80
C GLU M 311 -9.03 27.08 -55.41
N ASP M 312 -9.10 27.33 -54.09
CA ASP M 312 -9.63 28.57 -53.54
C ASP M 312 -8.83 29.77 -54.02
N LEU M 313 -9.13 30.27 -55.22
CA LEU M 313 -8.39 31.42 -55.72
C LEU M 313 -8.61 32.65 -54.84
N PRO M 314 -9.85 32.89 -54.35
CA PRO M 314 -10.17 34.04 -53.49
C PRO M 314 -9.16 34.27 -52.39
N THR M 315 -9.09 33.33 -51.43
CA THR M 315 -8.15 33.41 -50.32
C THR M 315 -6.74 33.71 -50.83
N ALA M 316 -6.32 32.89 -51.79
CA ALA M 316 -5.00 33.00 -52.39
C ALA M 316 -4.67 34.39 -52.86
N LYS M 317 -5.42 34.88 -53.85
CA LYS M 317 -5.18 36.21 -54.40
C LYS M 317 -5.12 37.29 -53.32
N ASP M 318 -5.65 36.98 -52.15
CA ASP M 318 -5.68 37.90 -51.03
C ASP M 318 -4.42 37.80 -50.15
N GLU M 319 -4.14 36.61 -49.61
CA GLU M 319 -2.97 36.36 -48.76
C GLU M 319 -1.68 36.62 -49.54
N LEU M 320 -1.62 36.16 -50.78
CA LEU M 320 -0.46 36.40 -51.62
C LEU M 320 -0.32 37.91 -51.87
N THR M 321 -1.34 38.67 -51.48
CA THR M 321 -1.34 40.12 -51.65
C THR M 321 -1.01 40.78 -50.32
N LYS M 322 -1.78 40.47 -49.27
CA LYS M 322 -1.49 41.04 -47.96
C LYS M 322 0.02 40.87 -47.70
N ALA M 323 0.58 39.77 -48.21
CA ALA M 323 2.01 39.47 -48.08
C ALA M 323 2.88 40.43 -48.89
N LEU M 324 2.65 40.49 -50.20
CA LEU M 324 3.41 41.38 -51.07
C LEU M 324 3.45 42.83 -50.59
N ASP M 325 2.28 43.39 -50.28
CA ASP M 325 2.17 44.78 -49.80
C ASP M 325 3.14 44.95 -48.63
N LEU M 326 3.11 43.97 -47.71
CA LEU M 326 3.97 43.97 -46.54
C LEU M 326 5.47 43.88 -46.85
N LEU M 327 5.85 43.26 -47.97
CA LEU M 327 7.27 43.14 -48.36
C LEU M 327 7.72 44.50 -48.91
N ASN M 328 6.74 45.36 -49.18
CA ASN M 328 7.03 46.69 -49.68
C ASN M 328 7.03 47.59 -48.46
N SER M 329 6.32 47.17 -47.42
CA SER M 329 6.25 47.91 -46.17
C SER M 329 7.61 47.80 -45.48
N ILE M 330 8.38 46.76 -45.85
CA ILE M 330 9.73 46.51 -45.30
C ILE M 330 10.62 47.70 -45.70
N ASP N 289 -58.58 -13.08 -40.23
CA ASP N 289 -58.40 -11.60 -40.36
C ASP N 289 -58.40 -10.90 -39.01
N ARG N 290 -57.94 -9.64 -39.03
CA ARG N 290 -57.80 -8.79 -37.84
C ARG N 290 -56.44 -9.03 -37.23
N ALA N 291 -56.18 -10.27 -36.86
CA ALA N 291 -54.92 -10.63 -36.29
C ALA N 291 -53.92 -10.36 -37.41
N SER N 292 -54.42 -10.41 -38.65
CA SER N 292 -53.61 -10.17 -39.85
C SER N 292 -53.74 -8.72 -40.29
N LYS N 293 -54.96 -8.20 -40.27
CA LYS N 293 -55.15 -6.81 -40.62
C LYS N 293 -54.18 -5.96 -39.76
N ILE N 294 -54.09 -6.29 -38.48
CA ILE N 294 -53.21 -5.58 -37.56
C ILE N 294 -51.77 -5.84 -37.98
N GLU N 295 -51.54 -6.95 -38.65
CA GLU N 295 -50.18 -7.26 -39.09
C GLU N 295 -49.81 -6.59 -40.40
N GLN N 296 -50.82 -6.30 -41.22
CA GLN N 296 -50.59 -5.70 -42.52
C GLN N 296 -50.41 -4.18 -42.47
N ILE N 297 -50.88 -3.57 -41.39
CA ILE N 297 -50.72 -2.14 -41.21
C ILE N 297 -49.23 -1.93 -41.02
N GLN N 298 -48.66 -2.74 -40.13
CA GLN N 298 -47.25 -2.67 -39.84
C GLN N 298 -46.48 -2.92 -41.11
N LYS N 299 -46.93 -3.89 -41.90
CA LYS N 299 -46.26 -4.20 -43.17
C LYS N 299 -46.25 -2.95 -44.02
N LEU N 300 -47.36 -2.23 -44.01
CA LEU N 300 -47.49 -0.97 -44.77
C LEU N 300 -46.57 0.11 -44.22
N ALA N 301 -46.83 0.48 -42.97
CA ALA N 301 -46.04 1.47 -42.27
C ALA N 301 -44.53 1.18 -42.33
N LYS N 302 -44.13 -0.04 -42.67
CA LYS N 302 -42.71 -0.30 -42.80
C LYS N 302 -42.35 0.23 -44.18
N TYR N 303 -42.99 -0.33 -45.22
CA TYR N 303 -42.75 0.08 -46.60
C TYR N 303 -42.71 1.59 -46.66
N ALA N 304 -43.69 2.23 -46.03
CA ALA N 304 -43.71 3.68 -46.01
C ALA N 304 -42.37 4.20 -45.50
N ILE N 305 -41.94 3.73 -44.33
CA ILE N 305 -40.64 4.17 -43.78
C ILE N 305 -39.56 3.95 -44.86
N SER N 306 -39.39 2.69 -45.28
CA SER N 306 -38.42 2.30 -46.31
C SER N 306 -38.46 3.23 -47.52
N ALA N 307 -39.66 3.73 -47.84
CA ALA N 307 -39.84 4.63 -48.98
C ALA N 307 -39.23 6.00 -48.75
N LEU N 308 -39.43 6.57 -47.55
CA LEU N 308 -38.89 7.89 -47.20
C LEU N 308 -37.35 7.86 -47.21
N ASN N 309 -36.78 6.67 -47.31
CA ASN N 309 -35.33 6.56 -47.35
C ASN N 309 -34.79 6.91 -48.75
N TYR N 310 -35.69 7.40 -49.62
CA TYR N 310 -35.36 7.78 -50.99
C TYR N 310 -36.16 9.02 -51.25
N GLU N 311 -36.63 9.61 -50.15
CA GLU N 311 -37.46 10.81 -50.14
C GLU N 311 -38.78 10.68 -50.94
N ASP N 312 -39.07 9.46 -51.39
CA ASP N 312 -40.28 9.18 -52.16
C ASP N 312 -41.53 9.50 -51.38
N LEU N 313 -41.94 10.77 -51.36
CA LEU N 313 -43.13 11.14 -50.63
C LEU N 313 -44.38 10.44 -51.19
N PRO N 314 -44.51 10.34 -52.53
CA PRO N 314 -45.65 9.69 -53.18
C PRO N 314 -46.05 8.36 -52.54
N THR N 315 -45.17 7.36 -52.66
CA THR N 315 -45.39 6.05 -52.07
C THR N 315 -45.80 6.17 -50.60
N ALA N 316 -44.99 6.92 -49.86
CA ALA N 316 -45.21 7.14 -48.45
C ALA N 316 -46.61 7.61 -48.12
N LYS N 317 -46.97 8.79 -48.61
CA LYS N 317 -48.29 9.36 -48.34
C LYS N 317 -49.43 8.38 -48.68
N ASP N 318 -49.11 7.38 -49.49
CA ASP N 318 -50.07 6.38 -49.90
C ASP N 318 -50.15 5.19 -48.94
N GLU N 319 -49.02 4.50 -48.72
CA GLU N 319 -48.93 3.35 -47.81
C GLU N 319 -49.29 3.77 -46.38
N LEU N 320 -48.78 4.90 -45.94
CA LEU N 320 -49.11 5.42 -44.62
C LEU N 320 -50.60 5.74 -44.55
N THR N 321 -51.28 5.70 -45.70
CA THR N 321 -52.71 5.96 -45.77
C THR N 321 -53.46 4.65 -45.89
N LYS N 322 -53.12 3.82 -46.88
CA LYS N 322 -53.78 2.52 -47.03
C LYS N 322 -53.78 1.85 -45.65
N ALA N 323 -52.72 2.12 -44.87
CA ALA N 323 -52.57 1.57 -43.52
C ALA N 323 -53.58 2.19 -42.54
N LEU N 324 -53.55 3.50 -42.40
CA LEU N 324 -54.48 4.20 -41.50
C LEU N 324 -55.95 3.84 -41.73
N ASP N 325 -56.41 3.90 -42.99
CA ASP N 325 -57.79 3.57 -43.34
C ASP N 325 -58.11 2.19 -42.76
N LEU N 326 -57.18 1.26 -42.96
CA LEU N 326 -57.33 -0.11 -42.46
C LEU N 326 -57.38 -0.23 -40.92
N LEU N 327 -56.74 0.69 -40.20
CA LEU N 327 -56.76 0.69 -38.73
C LEU N 327 -58.14 1.19 -38.26
N ASN N 328 -58.87 1.78 -39.20
CA ASN N 328 -60.20 2.27 -38.90
C ASN N 328 -61.16 1.17 -39.33
N SER N 329 -60.70 0.33 -40.25
CA SER N 329 -61.50 -0.79 -40.72
C SER N 329 -61.57 -1.83 -39.61
N ILE N 330 -60.59 -1.76 -38.69
CA ILE N 330 -60.51 -2.68 -37.53
C ILE N 330 -61.77 -2.45 -36.67
N ASP O 289 -34.75 21.81 -40.67
CA ASP O 289 -36.05 21.09 -40.84
C ASP O 289 -36.22 20.49 -42.23
N ARG O 290 -37.20 19.60 -42.35
CA ARG O 290 -37.49 18.85 -43.59
C ARG O 290 -36.65 17.59 -43.60
N ALA O 291 -35.35 17.77 -43.56
CA ALA O 291 -34.44 16.66 -43.54
C ALA O 291 -34.77 15.95 -42.25
N SER O 292 -35.31 16.69 -41.29
CA SER O 292 -35.68 16.16 -39.98
C SER O 292 -37.17 15.81 -39.96
N LYS O 293 -37.99 16.68 -40.54
CA LYS O 293 -39.41 16.37 -40.60
C LYS O 293 -39.56 14.98 -41.25
N ILE O 294 -38.80 14.72 -42.30
CA ILE O 294 -38.84 13.44 -43.00
C ILE O 294 -38.32 12.37 -42.05
N GLU O 295 -37.49 12.77 -41.10
CA GLU O 295 -36.96 11.78 -40.17
C GLU O 295 -37.90 11.51 -39.00
N GLN O 296 -38.75 12.48 -38.68
CA GLN O 296 -39.67 12.35 -37.55
C GLN O 296 -40.94 11.56 -37.91
N ILE O 297 -41.24 11.48 -39.19
CA ILE O 297 -42.40 10.74 -39.63
C ILE O 297 -42.07 9.28 -39.34
N GLN O 298 -40.86 8.89 -39.75
CA GLN O 298 -40.39 7.55 -39.54
C GLN O 298 -40.38 7.27 -38.06
N LYS O 299 -39.93 8.22 -37.27
CA LYS O 299 -39.89 8.06 -35.82
C LYS O 299 -41.29 7.75 -35.33
N LEU O 300 -42.28 8.45 -35.90
CA LEU O 300 -43.69 8.25 -35.56
C LEU O 300 -44.18 6.87 -35.99
N ALA O 301 -44.15 6.66 -37.30
CA ALA O 301 -44.53 5.40 -37.89
C ALA O 301 -43.84 4.20 -37.25
N LYS O 302 -42.77 4.40 -36.51
CA LYS O 302 -42.14 3.27 -35.84
C LYS O 302 -42.97 3.08 -34.57
N TYR O 303 -43.05 4.12 -33.73
CA TYR O 303 -43.81 4.05 -32.49
C TYR O 303 -45.16 3.44 -32.78
N ALA O 304 -45.81 3.90 -33.84
CA ALA O 304 -47.09 3.34 -34.21
C ALA O 304 -46.96 1.82 -34.33
N ILE O 305 -46.01 1.35 -35.14
CA ILE O 305 -45.81 -0.11 -35.29
C ILE O 305 -45.66 -0.72 -33.88
N SER O 306 -44.64 -0.27 -33.13
CA SER O 306 -44.37 -0.73 -31.78
C SER O 306 -45.61 -0.78 -30.92
N ALA O 307 -46.54 0.16 -31.16
CA ALA O 307 -47.79 0.23 -30.40
C ALA O 307 -48.74 -0.91 -30.72
N LEU O 308 -48.89 -1.25 -32.02
CA LEU O 308 -49.76 -2.34 -32.45
C LEU O 308 -49.28 -3.67 -31.90
N ASN O 309 -48.08 -3.69 -31.33
CA ASN O 309 -47.56 -4.92 -30.76
C ASN O 309 -48.19 -5.20 -29.39
N TYR O 310 -49.19 -4.39 -29.02
CA TYR O 310 -49.92 -4.51 -27.75
C TYR O 310 -51.35 -4.23 -28.10
N GLU O 311 -51.62 -4.32 -29.40
CA GLU O 311 -52.94 -4.07 -29.98
C GLU O 311 -53.51 -2.66 -29.68
N ASP O 312 -52.68 -1.80 -29.08
CA ASP O 312 -53.06 -0.44 -28.74
C ASP O 312 -53.46 0.35 -29.97
N LEU O 313 -54.70 0.20 -30.42
CA LEU O 313 -55.14 0.94 -31.58
C LEU O 313 -55.10 2.46 -31.35
N PRO O 314 -55.50 2.94 -30.15
CA PRO O 314 -55.50 4.37 -29.81
C PRO O 314 -54.23 5.09 -30.21
N THR O 315 -53.11 4.73 -29.56
CA THR O 315 -51.81 5.32 -29.87
C THR O 315 -51.55 5.29 -31.37
N ALA O 316 -51.69 4.10 -31.93
CA ALA O 316 -51.47 3.87 -33.34
C ALA O 316 -52.19 4.84 -34.24
N LYS O 317 -53.52 4.81 -34.20
CA LYS O 317 -54.33 5.69 -35.04
C LYS O 317 -53.93 7.17 -34.89
N ASP O 318 -53.23 7.47 -33.81
CA ASP O 318 -52.79 8.82 -33.54
C ASP O 318 -51.42 9.14 -34.16
N GLU O 319 -50.39 8.35 -33.80
CA GLU O 319 -49.02 8.52 -34.32
C GLU O 319 -49.01 8.34 -35.84
N LEU O 320 -49.70 7.33 -36.34
CA LEU O 320 -49.79 7.10 -37.77
C LEU O 320 -50.50 8.28 -38.43
N THR O 321 -51.07 9.17 -37.61
CA THR O 321 -51.77 10.35 -38.11
C THR O 321 -50.88 11.57 -37.94
N LYS O 322 -50.40 11.83 -36.73
CA LYS O 322 -49.49 12.96 -36.52
C LYS O 322 -48.42 12.90 -37.62
N ALA O 323 -48.05 11.68 -38.02
CA ALA O 323 -47.07 11.44 -39.07
C ALA O 323 -47.57 11.85 -40.45
N LEU O 324 -48.68 11.28 -40.87
CA LEU O 324 -49.27 11.60 -42.17
C LEU O 324 -49.47 13.11 -42.40
N ASP O 325 -50.10 13.79 -41.43
CA ASP O 325 -50.36 15.23 -41.51
C ASP O 325 -49.03 15.92 -41.83
N LEU O 326 -47.99 15.53 -41.10
CA LEU O 326 -46.65 16.07 -41.28
C LEU O 326 -46.02 15.80 -42.66
N LEU O 327 -46.40 14.71 -43.32
CA LEU O 327 -45.88 14.38 -44.65
C LEU O 327 -46.58 15.28 -45.68
N ASN O 328 -47.65 15.93 -45.23
CA ASN O 328 -48.40 16.82 -46.07
C ASN O 328 -47.86 18.21 -45.76
N SER O 329 -47.30 18.37 -44.57
CA SER O 329 -46.71 19.63 -44.14
C SER O 329 -45.42 19.83 -44.93
N ILE O 330 -44.86 18.74 -45.44
CA ILE O 330 -43.63 18.75 -46.26
C ILE O 330 -43.91 19.58 -47.52
N ASP P 289 -56.69 -30.95 29.55
CA ASP P 289 -57.11 -29.75 28.77
C ASP P 289 -56.29 -28.53 29.10
N ARG P 290 -56.39 -27.51 28.24
CA ARG P 290 -55.63 -26.25 28.32
C ARG P 290 -54.32 -26.41 27.60
N ALA P 291 -53.54 -27.38 28.05
CA ALA P 291 -52.27 -27.65 27.44
C ALA P 291 -52.64 -28.09 26.04
N SER P 292 -53.86 -28.62 25.89
CA SER P 292 -54.38 -29.09 24.61
C SER P 292 -55.22 -27.99 23.94
N LYS P 293 -56.05 -27.32 24.73
CA LYS P 293 -56.83 -26.23 24.16
C LYS P 293 -55.84 -25.27 23.46
N ILE P 294 -54.71 -24.98 24.09
CA ILE P 294 -53.71 -24.11 23.52
C ILE P 294 -53.13 -24.77 22.29
N GLU P 295 -53.20 -26.08 22.23
CA GLU P 295 -52.66 -26.77 21.06
C GLU P 295 -53.65 -26.85 19.92
N GLN P 296 -54.94 -26.80 20.24
CA GLN P 296 -55.98 -26.89 19.22
C GLN P 296 -56.27 -25.57 18.51
N ILE P 297 -55.87 -24.47 19.14
CA ILE P 297 -56.06 -23.16 18.53
C ILE P 297 -55.11 -23.16 17.34
N GLN P 298 -53.87 -23.56 17.60
CA GLN P 298 -52.86 -23.61 16.58
C GLN P 298 -53.32 -24.54 15.49
N LYS P 299 -53.91 -25.67 15.86
CA LYS P 299 -54.41 -26.63 14.89
C LYS P 299 -55.41 -25.92 13.99
N LEU P 300 -56.26 -25.09 14.60
CA LEU P 300 -57.27 -24.31 13.87
C LEU P 300 -56.62 -23.28 12.96
N ALA P 301 -55.92 -22.35 13.59
CA ALA P 301 -55.20 -21.30 12.89
C ALA P 301 -54.30 -21.83 11.77
N LYS P 302 -53.99 -23.13 11.77
CA LYS P 302 -53.20 -23.65 10.68
C LYS P 302 -54.21 -23.89 9.55
N TYR P 303 -55.21 -24.72 9.81
CA TYR P 303 -56.24 -25.04 8.83
C TYR P 303 -56.70 -23.75 8.18
N ALA P 304 -56.96 -22.73 9.00
CA ALA P 304 -57.37 -21.45 8.46
C ALA P 304 -56.35 -21.00 7.42
N ILE P 305 -55.07 -20.95 7.79
CA ILE P 305 -54.03 -20.54 6.82
C ILE P 305 -54.17 -21.40 5.55
N SER P 306 -54.05 -22.73 5.73
CA SER P 306 -54.17 -23.70 4.63
C SER P 306 -55.38 -23.43 3.76
N ALA P 307 -56.46 -22.93 4.37
CA ALA P 307 -57.69 -22.63 3.65
C ALA P 307 -57.56 -21.43 2.72
N LEU P 308 -56.92 -20.35 3.21
CA LEU P 308 -56.71 -19.13 2.40
C LEU P 308 -55.82 -19.42 1.19
N ASN P 309 -55.23 -20.62 1.14
CA ASN P 309 -54.40 -20.97 0.01
C ASN P 309 -55.27 -21.39 -1.19
N TYR P 310 -56.59 -21.21 -1.06
CA TYR P 310 -57.57 -21.55 -2.09
C TYR P 310 -58.58 -20.44 -2.05
N GLU P 311 -58.16 -19.35 -1.41
CA GLU P 311 -58.97 -18.16 -1.21
C GLU P 311 -60.31 -18.40 -0.47
N ASP P 312 -60.47 -19.62 0.04
CA ASP P 312 -61.68 -20.01 0.77
C ASP P 312 -61.89 -19.15 1.99
N LEU P 313 -62.47 -17.98 1.83
CA LEU P 313 -62.70 -17.11 2.97
C LEU P 313 -63.64 -17.76 4.00
N PRO P 314 -64.72 -18.44 3.53
CA PRO P 314 -65.69 -19.11 4.41
C PRO P 314 -65.06 -19.91 5.53
N THR P 315 -64.36 -20.99 5.17
CA THR P 315 -63.66 -21.84 6.13
C THR P 315 -62.81 -20.98 7.07
N ALA P 316 -61.98 -20.14 6.47
CA ALA P 316 -61.09 -19.26 7.20
C ALA P 316 -61.77 -18.47 8.28
N LYS P 317 -62.69 -17.60 7.89
CA LYS P 317 -63.40 -16.75 8.85
C LYS P 317 -64.04 -17.57 9.99
N ASP P 318 -64.19 -18.86 9.75
CA ASP P 318 -64.78 -19.75 10.73
C ASP P 318 -63.74 -20.35 11.70
N GLU P 319 -62.73 -21.04 11.16
CA GLU P 319 -61.66 -21.65 11.96
C GLU P 319 -60.89 -20.58 12.73
N LEU P 320 -60.58 -19.48 12.07
CA LEU P 320 -59.89 -18.38 12.73
C LEU P 320 -60.79 -17.81 13.83
N THR P 321 -62.05 -18.25 13.86
CA THR P 321 -63.00 -17.80 14.88
C THR P 321 -63.15 -18.88 15.94
N LYS P 322 -63.48 -20.11 15.53
CA LYS P 322 -63.60 -21.20 16.51
C LYS P 322 -62.35 -21.15 17.40
N ALA P 323 -61.22 -20.77 16.81
CA ALA P 323 -59.95 -20.64 17.51
C ALA P 323 -59.94 -19.49 18.52
N LEU P 324 -60.20 -18.28 18.05
CA LEU P 324 -60.24 -17.11 18.92
C LEU P 324 -61.16 -17.27 20.14
N ASP P 325 -62.40 -17.71 19.91
CA ASP P 325 -63.38 -17.93 20.98
C ASP P 325 -62.72 -18.81 22.04
N LEU P 326 -62.07 -19.87 21.58
CA LEU P 326 -61.38 -20.83 22.45
C LEU P 326 -60.20 -20.22 23.23
N LEU P 327 -59.55 -19.20 22.70
CA LEU P 327 -58.42 -18.54 23.39
C LEU P 327 -58.99 -17.65 24.50
N ASN P 328 -60.31 -17.44 24.44
CA ASN P 328 -60.98 -16.63 25.43
C ASN P 328 -61.54 -17.63 26.44
N SER P 329 -61.75 -18.86 25.99
CA SER P 329 -62.26 -19.92 26.84
C SER P 329 -61.14 -20.32 27.81
N ILE P 330 -59.90 -20.01 27.42
CA ILE P 330 -58.70 -20.29 28.25
C ILE P 330 -58.82 -19.49 29.55
N ASP Q 289 -53.27 -4.70 -3.39
CA ASP Q 289 -53.95 -5.19 -2.14
C ASP Q 289 -54.94 -6.32 -2.41
N ARG Q 290 -55.33 -6.98 -1.33
CA ARG Q 290 -56.24 -8.15 -1.36
C ARG Q 290 -55.42 -9.40 -1.54
N ALA Q 291 -54.68 -9.44 -2.64
CA ALA Q 291 -53.84 -10.57 -2.92
C ALA Q 291 -52.83 -10.55 -1.80
N SER Q 292 -52.62 -9.37 -1.22
CA SER Q 292 -51.68 -9.17 -0.12
C SER Q 292 -52.41 -9.23 1.22
N LYS Q 293 -53.57 -8.58 1.27
CA LYS Q 293 -54.35 -8.63 2.49
C LYS Q 293 -54.54 -10.12 2.88
N ILE Q 294 -54.84 -10.95 1.88
CA ILE Q 294 -55.03 -12.38 2.11
C ILE Q 294 -53.70 -12.98 2.54
N GLU Q 295 -52.60 -12.35 2.16
CA GLU Q 295 -51.30 -12.88 2.54
C GLU Q 295 -50.87 -12.43 3.93
N GLN Q 296 -51.39 -11.29 4.37
CA GLN Q 296 -51.02 -10.75 5.66
C GLN Q 296 -51.79 -11.37 6.83
N ILE Q 297 -52.93 -11.97 6.52
CA ILE Q 297 -53.73 -12.62 7.54
C ILE Q 297 -52.89 -13.81 7.98
N GLN Q 298 -52.40 -14.55 6.98
CA GLN Q 298 -51.59 -15.72 7.23
C GLN Q 298 -50.37 -15.29 8.00
N LYS Q 299 -49.78 -14.16 7.62
CA LYS Q 299 -48.60 -13.66 8.31
C LYS Q 299 -48.94 -13.47 9.78
N LEU Q 300 -50.14 -12.95 10.03
CA LEU Q 300 -50.63 -12.73 11.40
C LEU Q 300 -50.85 -14.04 12.13
N ALA Q 301 -51.78 -14.83 11.59
CA ALA Q 301 -52.11 -16.14 12.13
C ALA Q 301 -50.87 -17.02 12.34
N LYS Q 302 -49.73 -16.68 11.73
CA LYS Q 302 -48.54 -17.48 11.98
C LYS Q 302 -48.00 -16.94 13.30
N TYR Q 303 -47.68 -15.63 13.33
CA TYR Q 303 -47.16 -14.99 14.53
C TYR Q 303 -47.98 -15.43 15.71
N ALA Q 304 -49.30 -15.40 15.58
CA ALA Q 304 -50.16 -15.84 16.66
C ALA Q 304 -49.74 -17.23 17.10
N ILE Q 305 -49.67 -18.17 16.15
CA ILE Q 305 -49.26 -19.55 16.50
C ILE Q 305 -47.92 -19.49 17.25
N SER Q 306 -46.89 -18.92 16.60
CA SER Q 306 -45.56 -18.75 17.17
C SER Q 306 -45.60 -18.20 18.58
N ALA Q 307 -46.59 -17.33 18.84
CA ALA Q 307 -46.74 -16.70 20.16
C ALA Q 307 -47.21 -17.68 21.22
N LEU Q 308 -48.19 -18.54 20.88
CA LEU Q 308 -48.73 -19.54 21.82
C LEU Q 308 -47.64 -20.55 22.20
N ASN Q 309 -46.52 -20.51 21.51
CA ASN Q 309 -45.43 -21.43 21.83
C ASN Q 309 -44.65 -20.94 23.07
N TYR Q 310 -45.18 -19.89 23.72
CA TYR Q 310 -44.59 -19.30 24.92
C TYR Q 310 -45.76 -18.97 25.80
N GLU Q 311 -46.89 -19.58 25.47
CA GLU Q 311 -48.16 -19.39 26.16
C GLU Q 311 -48.66 -17.92 26.20
N ASP Q 312 -47.97 -17.05 25.47
CA ASP Q 312 -48.31 -15.64 25.40
C ASP Q 312 -49.70 -15.44 24.85
N LEU Q 313 -50.72 -15.56 25.70
CA LEU Q 313 -52.08 -15.36 25.23
C LEU Q 313 -52.31 -13.93 24.70
N PRO Q 314 -51.75 -12.91 25.39
CA PRO Q 314 -51.89 -11.50 24.98
C PRO Q 314 -51.68 -11.27 23.49
N THR Q 315 -50.44 -11.47 23.04
CA THR Q 315 -50.09 -11.32 21.63
C THR Q 315 -51.08 -12.07 20.74
N ALA Q 316 -51.27 -13.35 21.07
CA ALA Q 316 -52.15 -14.23 20.34
C ALA Q 316 -53.54 -13.65 20.14
N LYS Q 317 -54.26 -13.44 21.23
CA LYS Q 317 -55.62 -12.91 21.15
C LYS Q 317 -55.70 -11.62 20.32
N ASP Q 318 -54.55 -10.98 20.13
CA ASP Q 318 -54.47 -9.75 19.37
C ASP Q 318 -54.25 -9.99 17.86
N GLU Q 319 -53.15 -10.69 17.51
CA GLU Q 319 -52.82 -11.01 16.12
C GLU Q 319 -53.92 -11.86 15.49
N LEU Q 320 -54.41 -12.85 16.22
CA LEU Q 320 -55.50 -13.68 15.72
C LEU Q 320 -56.75 -12.82 15.54
N THR Q 321 -56.70 -11.58 16.03
CA THR Q 321 -57.82 -10.66 15.89
C THR Q 321 -57.54 -9.66 14.77
N LYS Q 322 -56.39 -8.98 14.83
CA LYS Q 322 -56.04 -8.05 13.76
C LYS Q 322 -56.25 -8.77 12.42
N ALA Q 323 -56.01 -10.09 12.43
CA ALA Q 323 -56.17 -10.94 11.26
C ALA Q 323 -57.64 -11.12 10.87
N LEU Q 324 -58.44 -11.62 11.79
CA LEU Q 324 -59.86 -11.82 11.55
C LEU Q 324 -60.59 -10.57 11.02
N ASP Q 325 -60.40 -9.44 11.70
CA ASP Q 325 -61.01 -8.16 11.30
C ASP Q 325 -60.69 -7.93 9.83
N LEU Q 326 -59.42 -8.13 9.48
CA LEU Q 326 -58.95 -7.96 8.11
C LEU Q 326 -59.57 -8.94 7.08
N LEU Q 327 -59.98 -10.12 7.52
CA LEU Q 327 -60.62 -11.10 6.62
C LEU Q 327 -62.06 -10.65 6.37
N ASN Q 328 -62.51 -9.71 7.17
CA ASN Q 328 -63.84 -9.17 7.03
C ASN Q 328 -63.69 -7.90 6.19
N SER Q 329 -62.50 -7.33 6.24
CA SER Q 329 -62.19 -6.13 5.46
C SER Q 329 -62.12 -6.53 3.99
N ILE Q 330 -61.87 -7.82 3.74
CA ILE Q 330 -61.79 -8.39 2.38
C ILE Q 330 -63.16 -8.20 1.71
N ASP R 289 0.57 -12.64 71.12
CA ASP R 289 -0.73 -12.18 70.53
C ASP R 289 -0.55 -10.94 69.66
N ARG R 290 -1.59 -10.65 68.86
CA ARG R 290 -1.61 -9.54 67.90
C ARG R 290 -1.03 -10.02 66.59
N ALA R 291 0.20 -10.45 66.64
CA ALA R 291 0.87 -10.97 65.46
C ALA R 291 0.03 -12.18 65.10
N SER R 292 -0.64 -12.76 66.08
CA SER R 292 -1.48 -13.94 65.90
C SER R 292 -2.94 -13.52 65.70
N LYS R 293 -3.39 -12.57 66.51
CA LYS R 293 -4.74 -12.09 66.35
C LYS R 293 -4.93 -11.68 64.87
N ILE R 294 -3.94 -10.99 64.31
CA ILE R 294 -3.98 -10.56 62.92
C ILE R 294 -3.96 -11.80 62.03
N GLU R 295 -3.42 -12.89 62.53
CA GLU R 295 -3.36 -14.10 61.73
C GLU R 295 -4.64 -14.91 61.82
N GLN R 296 -5.37 -14.76 62.91
CA GLN R 296 -6.60 -15.52 63.13
C GLN R 296 -7.81 -14.90 62.43
N ILE R 297 -7.73 -13.62 62.10
CA ILE R 297 -8.80 -12.95 61.40
C ILE R 297 -8.82 -13.59 60.03
N GLN R 298 -7.64 -13.68 59.43
CA GLN R 298 -7.49 -14.26 58.11
C GLN R 298 -7.99 -15.68 58.16
N LYS R 299 -7.64 -16.40 59.22
CA LYS R 299 -8.07 -17.78 59.38
C LYS R 299 -9.59 -17.82 59.32
N LEU R 300 -10.22 -16.85 59.98
CA LEU R 300 -11.69 -16.73 60.00
C LEU R 300 -12.24 -16.41 58.63
N ALA R 301 -11.85 -15.24 58.14
CA ALA R 301 -12.24 -14.77 56.82
C ALA R 301 -12.00 -15.81 55.72
N LYS R 302 -11.17 -16.82 55.97
CA LYS R 302 -10.98 -17.84 54.96
C LYS R 302 -12.18 -18.77 55.13
N TYR R 303 -12.33 -19.35 56.32
CA TYR R 303 -13.44 -20.25 56.62
C TYR R 303 -14.72 -19.64 56.10
N ALA R 304 -14.92 -18.36 56.38
CA ALA R 304 -16.11 -17.69 55.90
C ALA R 304 -16.21 -17.88 54.39
N ILE R 305 -15.15 -17.53 53.65
CA ILE R 305 -15.18 -17.72 52.19
C ILE R 305 -15.56 -19.17 51.88
N SER R 306 -14.76 -20.12 52.37
CA SER R 306 -14.99 -21.55 52.19
C SER R 306 -16.43 -21.94 52.47
N ALA R 307 -17.07 -21.25 53.42
CA ALA R 307 -18.46 -21.53 53.79
C ALA R 307 -19.44 -21.11 52.71
N LEU R 308 -19.25 -19.91 52.12
CA LEU R 308 -20.12 -19.40 51.05
C LEU R 308 -20.06 -20.31 49.82
N ASN R 309 -19.11 -21.24 49.80
CA ASN R 309 -19.01 -22.15 48.67
C ASN R 309 -20.06 -23.26 48.77
N TYR R 310 -20.99 -23.13 49.74
CA TYR R 310 -22.06 -24.08 49.98
C TYR R 310 -23.25 -23.23 50.33
N GLU R 311 -23.14 -21.95 49.99
CA GLU R 311 -24.14 -20.93 50.24
C GLU R 311 -24.54 -20.78 51.74
N ASP R 312 -23.79 -21.46 52.61
CA ASP R 312 -24.02 -21.43 54.05
C ASP R 312 -23.89 -20.02 54.59
N LEU R 313 -24.93 -19.21 54.48
CA LEU R 313 -24.86 -17.85 54.99
C LEU R 313 -24.63 -17.82 56.51
N PRO R 314 -25.30 -18.72 57.28
CA PRO R 314 -25.16 -18.79 58.73
C PRO R 314 -23.72 -18.72 59.22
N THR R 315 -22.94 -19.75 58.90
CA THR R 315 -21.52 -19.80 59.26
C THR R 315 -20.82 -18.50 58.87
N ALA R 316 -20.99 -18.14 57.62
CA ALA R 316 -20.39 -16.93 57.06
C ALA R 316 -20.63 -15.70 57.89
N LYS R 317 -21.89 -15.30 58.00
CA LYS R 317 -22.24 -14.10 58.75
C LYS R 317 -21.66 -14.11 60.17
N ASP R 318 -21.28 -15.30 60.63
CA ASP R 318 -20.72 -15.46 61.96
C ASP R 318 -19.19 -15.30 61.98
N GLU R 319 -18.47 -16.10 61.20
CA GLU R 319 -17.00 -16.05 61.11
C GLU R 319 -16.55 -14.68 60.60
N LEU R 320 -17.22 -14.17 59.58
CA LEU R 320 -16.92 -12.85 59.06
C LEU R 320 -17.18 -11.79 60.13
N THR R 321 -17.82 -12.21 61.23
CA THR R 321 -18.12 -11.31 62.34
C THR R 321 -17.12 -11.55 63.47
N LYS R 322 -16.99 -12.79 63.93
CA LYS R 322 -16.02 -13.09 64.98
C LYS R 322 -14.69 -12.45 64.58
N ALA R 323 -14.43 -12.41 63.26
CA ALA R 323 -13.22 -11.80 62.69
C ALA R 323 -13.20 -10.29 62.85
N LEU R 324 -14.21 -9.62 62.32
CA LEU R 324 -14.31 -8.16 62.42
C LEU R 324 -14.19 -7.62 63.85
N ASP R 325 -14.96 -8.19 64.78
CA ASP R 325 -14.92 -7.79 66.19
C ASP R 325 -13.46 -7.81 66.66
N LEU R 326 -12.77 -8.91 66.32
CA LEU R 326 -11.37 -9.09 66.67
C LEU R 326 -10.41 -8.07 66.04
N LEU R 327 -10.75 -7.52 64.87
CA LEU R 327 -9.90 -6.51 64.21
C LEU R 327 -10.10 -5.18 64.93
N ASN R 328 -11.13 -5.12 65.77
CA ASN R 328 -11.42 -3.93 66.54
C ASN R 328 -10.77 -4.16 67.90
N SER R 329 -10.60 -5.43 68.25
CA SER R 329 -9.95 -5.80 69.50
C SER R 329 -8.47 -5.47 69.40
N ILE R 330 -7.97 -5.37 68.15
CA ILE R 330 -6.56 -5.03 67.87
C ILE R 330 -6.30 -3.61 68.42
N ASP S 289 -27.82 -11.11 39.86
CA ASP S 289 -27.36 -10.79 41.25
C ASP S 289 -27.65 -11.92 42.22
N ARG S 290 -27.01 -11.84 43.40
CA ARG S 290 -27.10 -12.85 44.46
C ARG S 290 -26.04 -13.90 44.22
N ALA S 291 -26.13 -14.54 43.07
CA ALA S 291 -25.18 -15.55 42.70
C ALA S 291 -23.87 -14.79 42.63
N SER S 292 -23.96 -13.49 42.36
CA SER S 292 -22.79 -12.61 42.25
C SER S 292 -22.53 -11.91 43.57
N LYS S 293 -23.60 -11.44 44.21
CA LYS S 293 -23.43 -10.80 45.50
C LYS S 293 -22.63 -11.78 46.41
N ILE S 294 -23.00 -13.05 46.37
CA ILE S 294 -22.33 -14.08 47.16
C ILE S 294 -20.90 -14.21 46.66
N GLU S 295 -20.67 -13.85 45.42
CA GLU S 295 -19.32 -13.97 44.88
C GLU S 295 -18.46 -12.76 45.20
N GLN S 296 -19.10 -11.60 45.41
CA GLN S 296 -18.38 -10.37 45.69
C GLN S 296 -17.98 -10.23 47.15
N ILE S 297 -18.64 -10.96 48.04
CA ILE S 297 -18.30 -10.93 49.44
C ILE S 297 -16.93 -11.57 49.53
N GLN S 298 -16.80 -12.72 48.87
CA GLN S 298 -15.55 -13.45 48.85
C GLN S 298 -14.49 -12.57 48.26
N LYS S 299 -14.84 -11.86 47.19
CA LYS S 299 -13.88 -10.96 46.54
C LYS S 299 -13.39 -9.95 47.57
N LEU S 300 -14.32 -9.47 48.39
CA LEU S 300 -13.99 -8.50 49.46
C LEU S 300 -13.12 -9.14 50.53
N ALA S 301 -13.68 -10.15 51.18
CA ALA S 301 -12.98 -10.89 52.21
C ALA S 301 -11.60 -11.39 51.76
N LYS S 302 -11.33 -11.41 50.46
CA LYS S 302 -10.00 -11.82 50.04
C LYS S 302 -9.15 -10.56 50.21
N TYR S 303 -9.54 -9.48 49.51
CA TYR S 303 -8.81 -8.21 49.58
C TYR S 303 -8.50 -7.91 51.03
N ALA S 304 -9.50 -8.05 51.89
CA ALA S 304 -9.28 -7.82 53.30
C ALA S 304 -8.09 -8.65 53.78
N ILE S 305 -8.13 -9.96 53.53
CA ILE S 305 -7.00 -10.82 53.95
C ILE S 305 -5.70 -10.23 53.38
N SER S 306 -5.62 -10.10 52.05
CA SER S 306 -4.47 -9.54 51.35
C SER S 306 -3.98 -8.26 51.98
N ALA S 307 -4.92 -7.47 52.53
CA ALA S 307 -4.59 -6.19 53.18
C ALA S 307 -3.85 -6.38 54.49
N LEU S 308 -4.31 -7.33 55.33
CA LEU S 308 -3.68 -7.60 56.63
C LEU S 308 -2.25 -8.11 56.43
N ASN S 309 -1.88 -8.41 55.20
CA ASN S 309 -0.52 -8.89 54.93
C ASN S 309 0.46 -7.70 54.91
N TYR S 310 -0.03 -6.51 55.28
CA TYR S 310 0.77 -5.28 55.32
C TYR S 310 0.29 -4.57 56.56
N GLU S 311 -0.37 -5.34 57.42
CA GLU S 311 -0.94 -4.86 58.67
C GLU S 311 -1.95 -3.69 58.51
N ASP S 312 -2.30 -3.39 57.26
CA ASP S 312 -3.25 -2.32 56.93
C ASP S 312 -4.60 -2.58 57.56
N LEU S 313 -4.77 -2.23 58.83
CA LEU S 313 -6.05 -2.45 59.47
C LEU S 313 -7.18 -1.64 58.81
N PRO S 314 -6.90 -0.37 58.42
CA PRO S 314 -7.89 0.51 57.78
C PRO S 314 -8.68 -0.19 56.67
N THR S 315 -7.99 -0.55 55.59
CA THR S 315 -8.60 -1.24 54.45
C THR S 315 -9.42 -2.43 54.95
N ALA S 316 -8.76 -3.27 55.74
CA ALA S 316 -9.35 -4.45 56.30
C ALA S 316 -10.68 -4.22 56.96
N LYS S 317 -10.68 -3.45 58.04
CA LYS S 317 -11.89 -3.16 58.79
C LYS S 317 -13.02 -2.64 57.88
N ASP S 318 -12.64 -2.16 56.71
CA ASP S 318 -13.59 -1.62 55.76
C ASP S 318 -14.16 -2.70 54.80
N GLU S 319 -13.29 -3.40 54.07
CA GLU S 319 -13.68 -4.47 53.14
C GLU S 319 -14.39 -5.60 53.90
N LEU S 320 -13.85 -5.98 55.04
CA LEU S 320 -14.47 -7.01 55.85
C LEU S 320 -15.83 -6.52 56.34
N THR S 321 -16.12 -5.24 56.12
CA THR S 321 -17.39 -4.65 56.51
C THR S 321 -18.29 -4.51 55.29
N LYS S 322 -17.80 -3.85 54.23
CA LYS S 322 -18.60 -3.72 53.02
C LYS S 322 -19.14 -5.11 52.67
N ALA S 323 -18.33 -6.14 52.98
CA ALA S 323 -18.70 -7.54 52.74
C ALA S 323 -19.84 -8.00 53.65
N LEU S 324 -19.63 -7.91 54.95
CA LEU S 324 -20.66 -8.31 55.92
C LEU S 324 -22.03 -7.68 55.68
N ASP S 325 -22.06 -6.35 55.51
CA ASP S 325 -23.31 -5.61 55.26
C ASP S 325 -24.02 -6.29 54.08
N LEU S 326 -23.25 -6.57 53.03
CA LEU S 326 -23.76 -7.21 51.83
C LEU S 326 -24.30 -8.64 52.05
N LEU S 327 -23.77 -9.36 53.04
CA LEU S 327 -24.25 -10.73 53.35
C LEU S 327 -25.58 -10.61 54.09
N ASN S 328 -25.90 -9.41 54.53
CA ASN S 328 -27.14 -9.15 55.22
C ASN S 328 -28.10 -8.63 54.16
N SER S 329 -27.53 -8.07 53.10
CA SER S 329 -28.32 -7.56 51.99
C SER S 329 -28.90 -8.74 51.23
N ILE S 330 -28.25 -9.91 51.38
CA ILE S 330 -28.69 -11.17 50.74
C ILE S 330 -30.09 -11.50 51.28
PB ADP T . 8.41 -12.24 29.06
O1B ADP T . 7.06 -11.70 28.46
O2B ADP T . 9.56 -11.33 28.93
O3B ADP T . 8.63 -13.56 28.29
PA ADP T . 8.58 -13.60 31.51
O1A ADP T . 7.49 -14.56 31.67
O2A ADP T . 9.81 -14.19 30.83
O3A ADP T . 8.04 -12.48 30.55
O5' ADP T . 8.99 -12.73 32.74
C5' ADP T . 9.58 -11.45 32.44
C4' ADP T . 10.60 -11.13 33.49
O4' ADP T . 9.91 -10.63 34.64
C3' ADP T . 11.47 -12.30 33.96
O3' ADP T . 12.81 -11.87 34.18
C2' ADP T . 10.83 -12.73 35.27
O2' ADP T . 11.81 -13.13 36.20
C1' ADP T . 10.09 -11.49 35.74
N9 ADP T . 8.78 -11.83 36.21
C8 ADP T . 7.62 -11.77 35.50
N7 ADP T . 6.57 -12.15 36.19
C5 ADP T . 7.09 -12.47 37.41
C6 ADP T . 6.50 -12.96 38.58
N6 ADP T . 5.18 -13.18 38.71
N1 ADP T . 7.30 -13.18 39.65
C2 ADP T . 8.61 -12.94 39.53
N3 ADP T . 9.28 -12.50 38.47
C4 ADP T . 8.45 -12.29 37.45
BE BEF U . 6.47 -12.33 27.13
F1 BEF U . 6.34 -13.86 27.23
F2 BEF U . 5.15 -11.60 26.84
F3 BEF U . 7.60 -11.98 26.16
MG MG V . 7.29 -15.18 26.00
PB ADP W . 25.86 7.80 15.02
O1B ADP W . 24.50 8.45 14.63
O2B ADP W . 26.39 6.93 13.95
O3B ADP W . 25.56 7.02 16.30
PA ADP W . 28.32 8.76 15.76
O1A ADP W . 29.03 8.06 14.60
O2A ADP W . 28.22 7.93 16.98
O3A ADP W . 26.85 8.99 15.27
O5' ADP W . 28.82 10.23 15.89
C5' ADP W . 28.84 11.02 14.69
C4' ADP W . 30.25 11.49 14.48
O4' ADP W . 30.49 12.64 15.32
C3' ADP W . 31.34 10.47 14.77
O3' ADP W . 32.33 10.48 13.75
C2' ADP W . 31.95 10.91 16.11
O2' ADP W . 33.35 10.83 16.08
C1' ADP W . 31.47 12.35 16.29
N9 ADP W . 30.85 12.55 17.58
C8 ADP W . 29.52 12.62 17.84
N7 ADP W . 29.24 12.82 19.10
C5 ADP W . 30.48 12.85 19.71
C6 ADP W . 30.87 13.01 21.03
N6 ADP W . 30.02 13.18 22.04
N1 ADP W . 32.20 13.02 21.30
C2 ADP W . 33.05 12.85 20.29
N3 ADP W . 32.79 12.68 18.99
C4 ADP W . 31.48 12.70 18.78
MG MG X . 24.50 4.54 14.15
BE BEF Y . 23.43 7.52 13.93
F1 BEF Y . 23.33 6.15 14.60
F2 BEF Y . 22.10 8.29 13.91
F3 BEF Y . 24.16 7.37 12.58
PB ADP Z . 21.21 16.47 -15.27
O1B ADP Z . 20.41 16.32 -16.50
O2B ADP Z . 21.67 15.11 -14.74
O3B ADP Z . 20.42 17.08 -14.05
PA ADP Z . 23.78 17.04 -16.15
O1A ADP Z . 23.58 15.66 -16.79
O2A ADP Z . 24.79 17.03 -15.09
O3A ADP Z . 22.41 17.44 -15.51
O5' ADP Z . 23.84 18.12 -17.29
C5' ADP Z . 22.69 18.19 -18.15
C4' ADP Z . 23.16 18.13 -19.57
O4' ADP Z . 23.35 19.48 -20.07
C3' ADP Z . 24.47 17.37 -19.82
O3' ADP Z . 24.26 16.36 -20.80
C2' ADP Z . 25.48 18.41 -20.30
O2' ADP Z . 26.03 18.07 -21.55
C1' ADP Z . 24.70 19.72 -20.35
N9 ADP Z . 25.14 20.71 -19.39
C8 ADP Z . 24.41 21.19 -18.35
N7 ADP Z . 25.02 22.08 -17.61
C5 ADP Z . 26.25 22.17 -18.20
C6 ADP Z . 27.39 22.94 -17.90
N6 ADP Z . 27.44 23.79 -16.88
N1 ADP Z . 28.48 22.80 -18.69
C2 ADP Z . 28.42 21.95 -19.72
N3 ADP Z . 27.40 21.17 -20.11
C4 ADP Z . 26.35 21.34 -19.30
BE BEF AA . 19.67 16.10 -13.05
F1 BEF AA . 20.62 15.03 -12.46
F2 BEF AA . 19.00 16.96 -11.97
F3 BEF AA . 18.69 15.43 -14.04
MG MG BA . 20.53 13.02 -12.74
PB ADP CA . -4.16 9.79 -29.97
O1B ADP CA . -5.21 10.10 -28.94
O2B ADP CA . -3.21 8.67 -29.60
O3B ADP CA . -3.49 11.00 -30.58
PA ADP CA . -4.25 8.36 -32.33
O1A ADP CA . -4.03 6.97 -31.82
O2A ADP CA . -3.08 9.19 -32.81
O3A ADP CA . -5.01 9.19 -31.19
O5' ADP CA . -5.36 8.30 -33.50
C5' ADP CA . -5.20 7.39 -34.57
C4' ADP CA . -6.38 7.48 -35.53
O4' ADP CA . -6.58 8.84 -35.94
C3' ADP CA . -6.09 6.67 -36.77
O3' ADP CA . -7.23 5.86 -37.07
C2' ADP CA . -5.89 7.68 -37.86
O2' ADP CA . -6.51 7.24 -39.06
C1' ADP CA . -6.58 8.94 -37.36
N9 ADP CA . -5.83 10.18 -37.72
C8 ADP CA . -5.59 11.15 -36.85
N7 ADP CA . -4.91 12.17 -37.42
C5 ADP CA . -4.71 11.85 -38.70
C6 ADP CA . -4.05 12.50 -39.85
N6 ADP CA . -3.46 13.71 -39.75
N1 ADP CA . -4.07 11.84 -41.02
C2 ADP CA . -4.65 10.63 -41.14
N3 ADP CA . -5.26 9.99 -40.14
C4 ADP CA . -5.33 10.53 -38.90
PB ADP DA . -27.44 -7.80 -18.26
O1B ADP DA . -27.85 -7.04 -19.48
O2B ADP DA . -26.20 -8.66 -18.43
O3B ADP DA . -27.43 -7.00 -16.98
PA ADP DA . -28.39 -10.44 -18.14
O1A ADP DA . -27.76 -10.82 -19.46
O2A ADP DA . -27.71 -10.79 -16.84
O3A ADP DA . -28.65 -8.85 -18.08
O5' ADP DA . -29.89 -11.01 -18.11
C5' ADP DA . -30.22 -12.13 -17.29
C4' ADP DA . -31.38 -12.92 -17.88
O4' ADP DA . -32.43 -12.08 -18.35
C3' ADP DA . -30.92 -13.76 -19.06
O3' ADP DA . -30.81 -15.12 -18.67
C2' ADP DA . -32.00 -13.59 -20.10
O2' ADP DA . -32.63 -14.85 -20.38
C1' ADP DA . -33.02 -12.62 -19.53
N9 ADP DA . -33.23 -11.54 -20.52
C8 ADP DA . -32.92 -10.26 -20.32
N7 ADP DA . -33.22 -9.49 -21.39
C5 ADP DA . -33.74 -10.32 -22.33
C6 ADP DA . -34.27 -10.15 -23.70
N6 ADP DA . -34.30 -8.94 -24.30
N1 ADP DA . -34.72 -11.25 -24.33
C2 ADP DA . -34.70 -12.46 -23.74
N3 ADP DA . -34.23 -12.68 -22.50
C4 ADP DA . -33.75 -11.66 -21.74
#